data_9EYG
#
_entry.id   9EYG
#
_cell.length_a   95.414
_cell.length_b   95.414
_cell.length_c   301.900
_cell.angle_alpha   90.000
_cell.angle_beta   90.000
_cell.angle_gamma   120.000
#
_symmetry.space_group_name_H-M   'P 32 2 1'
#
loop_
_entity.id
_entity.type
_entity.pdbx_description
1 polymer 'Peptidase family M13'
2 non-polymer 1,2-ETHANEDIOL
3 non-polymer DI(HYDROXYETHYL)ETHER
4 non-polymer IMIDAZOLE
5 non-polymer '2-(N-MORPHOLINO)-ETHANESULFONIC ACID'
6 non-polymer 'ZINC ION'
7 water water
#
_entity_poly.entity_id   1
_entity_poly.type   'polypeptide(L)'
_entity_poly.pdbx_seq_one_letter_code
;LTDDVGIRIENLDTTANPGTDFYQYACGGWIKNHPLTGEYSRFGSFDKLSEDNREQLKSLIEEIAGKEHEHGTVAQKIGD
LYNIAMDSTKLNADGTSPLKPWLDKIATLNDKAELSTFLAEMKLSGMSPFFSVYVDADVMDSKKNIFSTYQGGLSLGQRD
YYLEEDESTMKIRNEFKNHVVKMFELFGIPGEQAQRQMEDVMRIETRLAKSHFDKVKTRDPYANYHKMTVDELQKLVPNI
DWTKFLAALNVQIKELSVSQEEPMVEVNKLIAEEPLNAIRSYLSWKAIDHAASYLSDEIYAQNFEFYGKVLSGKTEMQPR
WKRAQASVNDCLGEAVGQLYVAKYFPPEAKERMVNLVHNLQNAYAERIRNLDWMGDSTKAKAIDKLNAFYVKIGYPDKWK
DYTSLEIKKDSYFANIERAVQFAMREMLDKAAKPVDRDEWYMTPQTVNAYYNPTTNEICFPAGILQYPFFDMNADDAFNY
GAIGVVIGHEMTHGFDDQGRQFDKDGNLKDWWTASDAEKFQERAKVMSDFFDNIEVAPGVHANGKFTLGETLADYGGLQI
SYQAFKNAIAGKTLENKLGFTPDQRFFLAYAGVWAGNIRDEEILRRTKTDPHALGKWRVDGELPHIDAWYQAFGITENSP
MYIAKEKRVTIW
;
_entity_poly.pdbx_strand_id   A,B
#
loop_
_chem_comp.id
_chem_comp.type
_chem_comp.name
_chem_comp.formula
EDO non-polymer 1,2-ETHANEDIOL 'C2 H6 O2'
IMD non-polymer IMIDAZOLE 'C3 H5 N2 1'
MES non-polymer '2-(N-MORPHOLINO)-ETHANESULFONIC ACID' 'C6 H13 N O4 S'
PEG non-polymer DI(HYDROXYETHYL)ETHER 'C4 H10 O3'
ZN non-polymer 'ZINC ION' 'Zn 2'
#
# COMPACT_ATOMS: atom_id res chain seq x y z
N ASP A 3 12.60 -13.25 25.19
CA ASP A 3 11.15 -13.30 25.01
C ASP A 3 10.55 -14.48 25.79
N ASP A 4 9.23 -14.48 25.91
CA ASP A 4 8.52 -15.54 26.63
C ASP A 4 8.61 -16.89 25.93
N VAL A 5 8.52 -17.96 26.72
CA VAL A 5 8.62 -19.31 26.17
C VAL A 5 7.40 -19.68 25.33
N GLY A 6 6.26 -19.04 25.58
CA GLY A 6 5.05 -19.28 24.77
C GLY A 6 4.33 -20.55 25.18
N ILE A 7 5.04 -21.68 25.23
CA ILE A 7 4.34 -22.90 25.65
C ILE A 7 4.05 -22.83 27.16
N ARG A 8 3.08 -23.62 27.58
CA ARG A 8 2.60 -23.57 28.96
C ARG A 8 2.54 -24.95 29.58
N ILE A 9 3.02 -25.09 30.82
CA ILE A 9 3.04 -26.39 31.48
C ILE A 9 1.63 -26.98 31.58
N GLU A 10 0.61 -26.13 31.77
CA GLU A 10 -0.74 -26.64 31.88
C GLU A 10 -1.18 -27.44 30.66
N ASN A 11 -0.56 -27.20 29.48
CA ASN A 11 -0.92 -27.92 28.26
C ASN A 11 -0.32 -29.33 28.17
N LEU A 12 0.76 -29.60 28.89
CA LEU A 12 1.53 -30.83 28.75
C LEU A 12 0.89 -31.97 29.52
N ASP A 13 1.27 -33.20 29.15
CA ASP A 13 1.06 -34.40 29.98
C ASP A 13 2.43 -35.07 30.03
N THR A 14 3.25 -34.69 31.01
CA THR A 14 4.63 -35.17 31.05
C THR A 14 4.75 -36.60 31.59
N THR A 15 3.64 -37.28 31.87
CA THR A 15 3.73 -38.72 32.10
C THR A 15 3.79 -39.51 30.80
N ALA A 16 3.43 -38.88 29.70
CA ALA A 16 3.58 -39.49 28.39
C ALA A 16 5.05 -39.46 27.99
N ASN A 17 5.44 -40.44 27.20
CA ASN A 17 6.78 -40.50 26.63
C ASN A 17 6.76 -39.77 25.28
N PRO A 18 7.63 -38.79 25.04
CA PRO A 18 7.58 -38.09 23.75
C PRO A 18 7.72 -39.00 22.55
N GLY A 19 8.49 -40.08 22.68
CA GLY A 19 8.64 -41.01 21.58
C GLY A 19 7.53 -42.03 21.45
N THR A 20 6.55 -42.03 22.35
CA THR A 20 5.40 -42.93 22.26
C THR A 20 4.14 -42.24 21.78
N ASP A 21 3.78 -41.10 22.39
CA ASP A 21 2.62 -40.32 21.94
C ASP A 21 2.98 -38.84 22.15
N PHE A 22 3.59 -38.24 21.13
CA PHE A 22 4.09 -36.88 21.32
C PHE A 22 2.94 -35.90 21.50
N TYR A 23 1.84 -36.12 20.78
CA TYR A 23 0.67 -35.28 20.95
C TYR A 23 0.19 -35.29 22.40
N GLN A 24 0.11 -36.48 22.99
CA GLN A 24 -0.29 -36.56 24.39
C GLN A 24 0.71 -35.83 25.28
N TYR A 25 2.00 -35.97 24.99
CA TYR A 25 3.01 -35.28 25.76
C TYR A 25 2.80 -33.77 25.69
N ALA A 26 2.60 -33.25 24.49
CA ALA A 26 2.56 -31.81 24.33
C ALA A 26 1.19 -31.19 24.59
N CYS A 27 0.12 -31.98 24.55
CA CYS A 27 -1.21 -31.38 24.57
C CYS A 27 -2.19 -32.07 25.51
N GLY A 28 -1.80 -33.16 26.17
CA GLY A 28 -2.73 -33.90 27.00
C GLY A 28 -3.29 -33.07 28.14
N GLY A 29 -2.51 -32.14 28.68
CA GLY A 29 -3.04 -31.25 29.70
C GLY A 29 -4.11 -30.33 29.15
N TRP A 30 -3.89 -29.80 27.94
CA TRP A 30 -4.91 -28.99 27.29
C TRP A 30 -6.22 -29.75 27.19
N ILE A 31 -6.14 -31.00 26.76
CA ILE A 31 -7.32 -31.86 26.67
C ILE A 31 -8.00 -31.96 28.02
N LYS A 32 -7.24 -32.27 29.07
CA LYS A 32 -7.82 -32.42 30.40
C LYS A 32 -8.46 -31.11 30.89
N ASN A 33 -7.89 -29.97 30.56
CA ASN A 33 -8.33 -28.67 31.08
C ASN A 33 -9.43 -28.02 30.24
N HIS A 34 -9.80 -28.62 29.11
CA HIS A 34 -10.82 -28.06 28.22
C HIS A 34 -11.81 -29.15 27.88
N PRO A 35 -12.60 -29.62 28.85
CA PRO A 35 -13.63 -30.62 28.55
C PRO A 35 -14.67 -30.04 27.60
N LEU A 36 -15.25 -30.92 26.80
CA LEU A 36 -16.35 -30.50 25.93
C LEU A 36 -17.58 -30.16 26.76
N THR A 37 -18.30 -29.12 26.34
CA THR A 37 -19.43 -28.63 27.12
C THR A 37 -20.70 -29.44 26.86
N GLY A 38 -20.90 -29.89 25.62
CA GLY A 38 -22.08 -30.66 25.29
C GLY A 38 -22.64 -30.22 23.95
N GLU A 39 -22.51 -28.92 23.67
CA GLU A 39 -22.99 -28.35 22.41
C GLU A 39 -21.99 -28.53 21.27
N TYR A 40 -20.76 -28.96 21.56
CA TYR A 40 -19.72 -29.13 20.55
C TYR A 40 -19.28 -30.59 20.47
N SER A 41 -19.00 -31.04 19.25
CA SER A 41 -18.39 -32.35 19.02
C SER A 41 -16.86 -32.28 18.96
N ARG A 42 -16.30 -31.12 18.63
CA ARG A 42 -14.86 -30.89 18.59
CA ARG A 42 -14.87 -30.89 18.61
C ARG A 42 -14.60 -29.48 19.10
N PHE A 43 -13.57 -29.34 19.94
CA PHE A 43 -13.17 -28.02 20.42
C PHE A 43 -11.64 -28.02 20.58
N GLY A 44 -10.97 -27.21 19.77
CA GLY A 44 -9.52 -27.10 19.83
C GLY A 44 -9.09 -25.65 19.99
N SER A 45 -7.77 -25.47 19.99
CA SER A 45 -7.25 -24.12 20.22
C SER A 45 -7.64 -23.14 19.11
N PHE A 46 -7.93 -23.63 17.89
CA PHE A 46 -8.49 -22.71 16.89
C PHE A 46 -9.88 -22.23 17.30
N ASP A 47 -10.71 -23.12 17.86
CA ASP A 47 -12.04 -22.73 18.31
C ASP A 47 -11.96 -21.77 19.49
N LYS A 48 -11.03 -22.02 20.42
CA LYS A 48 -10.84 -21.13 21.56
C LYS A 48 -10.45 -19.74 21.11
N LEU A 49 -9.57 -19.65 20.12
CA LEU A 49 -9.19 -18.34 19.59
C LEU A 49 -10.38 -17.63 18.96
N SER A 50 -11.16 -18.35 18.14
CA SER A 50 -12.33 -17.74 17.51
C SER A 50 -13.27 -17.14 18.55
N GLU A 51 -13.48 -17.85 19.66
CA GLU A 51 -14.33 -17.31 20.72
C GLU A 51 -13.71 -16.07 21.35
N ASP A 52 -12.42 -16.16 21.72
CA ASP A 52 -11.70 -15.00 22.25
C ASP A 52 -11.80 -13.80 21.32
N ASN A 53 -11.74 -14.05 20.01
CA ASN A 53 -11.75 -12.96 19.05
C ASN A 53 -13.10 -12.26 19.01
N ARG A 54 -14.20 -13.01 19.07
CA ARG A 54 -15.52 -12.36 19.08
C ARG A 54 -15.74 -11.50 20.33
N GLU A 55 -15.18 -11.88 21.47
CA GLU A 55 -15.28 -11.01 22.64
C GLU A 55 -14.43 -9.76 22.47
N GLN A 56 -13.28 -9.88 21.81
CA GLN A 56 -12.45 -8.71 21.54
C GLN A 56 -13.21 -7.65 20.73
N LEU A 57 -13.88 -8.07 19.65
CA LEU A 57 -14.66 -7.13 18.84
C LEU A 57 -15.81 -6.51 19.63
N LYS A 58 -16.52 -7.32 20.41
CA LYS A 58 -17.62 -6.78 21.20
C LYS A 58 -17.11 -5.70 22.14
N SER A 59 -16.02 -5.99 22.86
CA SER A 59 -15.50 -5.03 23.82
C SER A 59 -14.97 -3.80 23.09
N LEU A 60 -14.38 -4.00 21.92
CA LEU A 60 -13.83 -2.89 21.16
C LEU A 60 -14.92 -1.93 20.70
N ILE A 61 -15.97 -2.45 20.09
CA ILE A 61 -17.02 -1.59 19.56
C ILE A 61 -17.74 -0.83 20.69
N GLU A 62 -18.00 -1.50 21.81
CA GLU A 62 -18.65 -0.82 22.94
C GLU A 62 -17.75 0.29 23.49
N GLU A 63 -16.45 0.05 23.54
CA GLU A 63 -15.51 1.05 24.04
C GLU A 63 -15.49 2.27 23.12
N ILE A 64 -15.47 2.04 21.81
CA ILE A 64 -15.53 3.11 20.83
C ILE A 64 -16.82 3.90 20.99
N ALA A 65 -17.94 3.19 21.15
CA ALA A 65 -19.25 3.84 21.22
C ALA A 65 -19.47 4.56 22.53
N GLY A 66 -18.67 4.26 23.55
CA GLY A 66 -18.86 4.90 24.84
C GLY A 66 -18.38 6.33 24.96
N LYS A 67 -17.76 6.88 23.92
CA LYS A 67 -17.35 8.27 23.99
C LYS A 67 -17.52 8.90 22.62
N GLU A 68 -17.58 10.22 22.59
CA GLU A 68 -17.71 10.94 21.33
C GLU A 68 -16.35 11.08 20.66
N HIS A 69 -16.33 10.99 19.33
CA HIS A 69 -15.09 11.09 18.57
C HIS A 69 -15.19 12.20 17.55
N GLU A 70 -14.02 12.68 17.08
CA GLU A 70 -13.99 13.74 16.08
C GLU A 70 -14.77 13.33 14.84
N HIS A 71 -15.61 14.24 14.34
CA HIS A 71 -16.45 13.90 13.19
C HIS A 71 -15.60 13.53 11.98
N GLY A 72 -15.97 12.45 11.32
CA GLY A 72 -15.27 12.01 10.14
C GLY A 72 -14.20 10.95 10.36
N THR A 73 -13.80 10.71 11.61
CA THR A 73 -12.85 9.63 11.90
C THR A 73 -13.57 8.27 11.86
N VAL A 74 -12.78 7.19 11.68
CA VAL A 74 -13.45 5.89 11.66
C VAL A 74 -14.07 5.59 13.02
N ALA A 75 -13.48 6.10 14.12
CA ALA A 75 -14.10 5.88 15.43
C ALA A 75 -15.47 6.53 15.51
N GLN A 76 -15.62 7.75 14.96
CA GLN A 76 -16.93 8.40 14.98
C GLN A 76 -17.94 7.62 14.15
N LYS A 77 -17.51 7.06 13.01
CA LYS A 77 -18.45 6.31 12.19
C LYS A 77 -18.89 5.04 12.90
N ILE A 78 -17.95 4.33 13.53
CA ILE A 78 -18.27 3.10 14.24
C ILE A 78 -19.17 3.38 15.43
N GLY A 79 -18.75 4.34 16.28
CA GLY A 79 -19.49 4.62 17.51
C GLY A 79 -20.90 5.11 17.22
N ASP A 80 -21.01 6.04 16.28
CA ASP A 80 -22.33 6.59 15.94
C ASP A 80 -23.23 5.54 15.30
N LEU A 81 -22.68 4.68 14.44
CA LEU A 81 -23.54 3.66 13.85
C LEU A 81 -24.01 2.69 14.91
N TYR A 82 -23.13 2.29 15.82
CA TYR A 82 -23.55 1.42 16.91
C TYR A 82 -24.63 2.08 17.76
N ASN A 83 -24.40 3.33 18.17
CA ASN A 83 -25.36 3.96 19.08
C ASN A 83 -26.69 4.25 18.40
N ILE A 84 -26.68 4.57 17.11
CA ILE A 84 -27.97 4.81 16.45
C ILE A 84 -28.68 3.49 16.20
N ALA A 85 -27.92 2.41 15.99
CA ALA A 85 -28.57 1.10 15.92
C ALA A 85 -29.23 0.74 17.25
N MET A 86 -28.67 1.22 18.36
CA MET A 86 -29.18 0.87 19.69
C MET A 86 -30.28 1.79 20.20
N ASP A 87 -30.54 2.92 19.55
CA ASP A 87 -31.45 3.93 20.08
C ASP A 87 -32.88 3.51 19.72
N SER A 88 -33.41 2.58 20.51
CA SER A 88 -34.69 1.96 20.16
C SER A 88 -35.86 2.92 20.34
N THR A 89 -35.74 3.89 21.26
CA THR A 89 -36.82 4.86 21.40
C THR A 89 -37.02 5.64 20.11
N LYS A 90 -35.93 6.06 19.48
CA LYS A 90 -36.00 6.71 18.17
C LYS A 90 -36.45 5.75 17.08
N LEU A 91 -35.94 4.52 17.06
CA LEU A 91 -36.38 3.58 16.02
C LEU A 91 -37.88 3.37 16.08
N ASN A 92 -38.43 3.28 17.28
CA ASN A 92 -39.85 2.99 17.43
C ASN A 92 -40.72 4.23 17.18
N ALA A 93 -40.21 5.42 17.52
CA ALA A 93 -40.90 6.67 17.23
C ALA A 93 -40.90 6.98 15.73
N ASP A 94 -39.79 6.67 15.04
CA ASP A 94 -39.69 6.91 13.60
C ASP A 94 -40.58 5.95 12.81
N GLY A 95 -40.79 4.74 13.31
CA GLY A 95 -41.61 3.77 12.57
C GLY A 95 -41.05 3.49 11.18
N THR A 96 -41.93 3.50 10.18
CA THR A 96 -41.56 3.24 8.81
C THR A 96 -41.12 4.47 8.05
N SER A 97 -41.17 5.65 8.67
CA SER A 97 -40.88 6.88 7.95
C SER A 97 -39.54 6.91 7.23
N PRO A 98 -38.46 6.27 7.74
CA PRO A 98 -37.20 6.32 6.97
C PRO A 98 -37.30 5.71 5.59
N LEU A 99 -38.28 4.85 5.32
CA LEU A 99 -38.41 4.21 4.01
C LEU A 99 -39.39 4.96 3.10
N LYS A 100 -40.03 6.00 3.61
CA LYS A 100 -40.99 6.73 2.78
C LYS A 100 -40.40 7.29 1.50
N PRO A 101 -39.18 7.84 1.47
CA PRO A 101 -38.63 8.30 0.17
C PRO A 101 -38.56 7.18 -0.88
N TRP A 102 -38.12 5.98 -0.50
CA TRP A 102 -38.08 4.88 -1.45
C TRP A 102 -39.47 4.47 -1.91
N LEU A 103 -40.40 4.32 -0.97
CA LEU A 103 -41.75 3.87 -1.34
C LEU A 103 -42.46 4.92 -2.19
N ASP A 104 -42.26 6.21 -1.89
CA ASP A 104 -42.81 7.25 -2.74
C ASP A 104 -42.18 7.24 -4.13
N LYS A 105 -40.86 7.05 -4.19
CA LYS A 105 -40.14 7.02 -5.47
C LYS A 105 -40.66 5.89 -6.35
N ILE A 106 -40.85 4.70 -5.77
CA ILE A 106 -41.39 3.56 -6.52
C ILE A 106 -42.79 3.87 -7.04
N ALA A 107 -43.60 4.57 -6.24
CA ALA A 107 -44.94 4.88 -6.69
C ALA A 107 -44.97 5.83 -7.89
N THR A 108 -43.90 6.61 -8.12
CA THR A 108 -43.91 7.50 -9.29
C THR A 108 -43.53 6.82 -10.60
N LEU A 109 -43.10 5.55 -10.56
CA LEU A 109 -42.80 4.84 -11.82
C LEU A 109 -44.03 4.83 -12.71
N ASN A 110 -43.88 5.34 -13.95
CA ASN A 110 -44.99 5.45 -14.87
C ASN A 110 -44.61 5.03 -16.30
N ASP A 111 -43.46 4.40 -16.47
CA ASP A 111 -42.98 3.97 -17.80
C ASP A 111 -42.03 2.81 -17.58
N LYS A 112 -42.31 1.65 -18.21
CA LYS A 112 -41.45 0.48 -18.02
C LYS A 112 -40.01 0.75 -18.44
N ALA A 113 -39.79 1.73 -19.33
CA ALA A 113 -38.43 2.12 -19.72
C ALA A 113 -37.64 2.70 -18.54
N GLU A 114 -38.30 3.36 -17.59
CA GLU A 114 -37.61 3.94 -16.44
C GLU A 114 -37.00 2.87 -15.55
N LEU A 115 -37.42 1.61 -15.69
CA LEU A 115 -36.89 0.56 -14.84
C LEU A 115 -35.39 0.38 -15.04
N SER A 116 -34.88 0.72 -16.24
CA SER A 116 -33.45 0.51 -16.50
C SER A 116 -32.59 1.31 -15.54
N THR A 117 -32.96 2.57 -15.33
CA THR A 117 -32.26 3.40 -14.35
C THR A 117 -32.65 3.04 -12.93
N PHE A 118 -33.93 2.74 -12.71
CA PHE A 118 -34.44 2.54 -11.36
C PHE A 118 -33.86 1.27 -10.72
N LEU A 119 -33.77 0.18 -11.49
CA LEU A 119 -33.21 -1.05 -10.96
C LEU A 119 -31.74 -0.85 -10.56
N ALA A 120 -31.01 -0.05 -11.33
CA ALA A 120 -29.62 0.28 -10.98
C ALA A 120 -29.57 1.10 -9.71
N GLU A 121 -30.51 2.03 -9.53
CA GLU A 121 -30.53 2.82 -8.29
C GLU A 121 -30.83 1.94 -7.09
N MET A 122 -31.73 0.96 -7.24
CA MET A 122 -32.00 0.04 -6.14
C MET A 122 -30.79 -0.82 -5.83
N LYS A 123 -30.05 -1.24 -6.86
CA LYS A 123 -28.83 -2.01 -6.64
C LYS A 123 -27.83 -1.23 -5.80
N LEU A 124 -27.68 0.08 -6.06
CA LEU A 124 -26.72 0.87 -5.32
C LEU A 124 -27.08 0.97 -3.85
N SER A 125 -28.36 0.83 -3.52
CA SER A 125 -28.80 0.83 -2.13
C SER A 125 -28.94 -0.56 -1.56
N GLY A 126 -28.38 -1.55 -2.23
CA GLY A 126 -28.29 -2.88 -1.66
C GLY A 126 -29.45 -3.79 -1.93
N MET A 127 -30.34 -3.43 -2.85
CA MET A 127 -31.43 -4.31 -3.25
C MET A 127 -31.09 -4.98 -4.58
N SER A 128 -31.65 -6.15 -4.82
CA SER A 128 -31.41 -6.87 -6.07
C SER A 128 -32.73 -7.40 -6.63
N PRO A 129 -33.62 -6.50 -7.03
CA PRO A 129 -34.82 -6.98 -7.73
C PRO A 129 -34.43 -7.66 -9.03
N PHE A 130 -35.11 -8.79 -9.30
CA PHE A 130 -35.03 -9.56 -10.55
C PHE A 130 -33.75 -10.37 -10.76
N PHE A 131 -32.59 -9.77 -10.48
CA PHE A 131 -31.28 -10.41 -10.71
C PHE A 131 -30.22 -9.64 -9.92
N SER A 132 -29.05 -10.26 -9.78
CA SER A 132 -27.90 -9.68 -9.09
C SER A 132 -26.81 -9.33 -10.09
N VAL A 133 -25.91 -8.42 -9.70
CA VAL A 133 -24.72 -8.12 -10.47
C VAL A 133 -23.54 -8.01 -9.53
N TYR A 134 -22.34 -8.32 -10.05
CA TYR A 134 -21.13 -8.26 -9.23
C TYR A 134 -19.92 -8.08 -10.15
N VAL A 135 -18.85 -7.56 -9.59
CA VAL A 135 -17.59 -7.37 -10.32
C VAL A 135 -16.50 -8.14 -9.57
N ASP A 136 -15.79 -8.98 -10.28
CA ASP A 136 -14.70 -9.74 -9.67
C ASP A 136 -13.75 -10.15 -10.78
N ALA A 137 -12.63 -10.75 -10.40
CA ALA A 137 -11.65 -11.24 -11.34
C ALA A 137 -12.30 -12.16 -12.36
N ASP A 138 -11.99 -11.92 -13.63
CA ASP A 138 -12.47 -12.75 -14.73
C ASP A 138 -11.87 -14.15 -14.61
N VAL A 139 -12.71 -15.18 -14.52
CA VAL A 139 -12.14 -16.52 -14.36
C VAL A 139 -11.38 -16.97 -15.60
N MET A 140 -11.59 -16.33 -16.76
CA MET A 140 -10.82 -16.66 -17.96
C MET A 140 -9.58 -15.79 -18.12
N ASP A 141 -9.41 -14.76 -17.29
CA ASP A 141 -8.33 -13.80 -17.46
C ASP A 141 -8.09 -13.13 -16.11
N SER A 142 -7.33 -13.79 -15.22
CA SER A 142 -7.28 -13.42 -13.82
C SER A 142 -6.70 -12.03 -13.57
N LYS A 143 -6.06 -11.39 -14.54
CA LYS A 143 -5.53 -10.06 -14.29
C LYS A 143 -6.54 -8.95 -14.56
N LYS A 144 -7.72 -9.28 -15.08
CA LYS A 144 -8.76 -8.32 -15.40
C LYS A 144 -10.05 -8.63 -14.63
N ASN A 145 -10.82 -7.58 -14.34
CA ASN A 145 -12.14 -7.71 -13.75
C ASN A 145 -13.20 -7.89 -14.84
N ILE A 146 -14.32 -8.52 -14.47
CA ILE A 146 -15.47 -8.59 -15.36
C ILE A 146 -16.74 -8.37 -14.55
N PHE A 147 -17.67 -7.62 -15.13
CA PHE A 147 -19.01 -7.41 -14.60
C PHE A 147 -19.88 -8.60 -14.98
N SER A 148 -20.50 -9.23 -13.97
CA SER A 148 -21.32 -10.42 -14.19
C SER A 148 -22.74 -10.18 -13.70
N THR A 149 -23.73 -10.69 -14.45
CA THR A 149 -25.06 -10.84 -13.88
C THR A 149 -25.21 -12.25 -13.31
N TYR A 150 -26.13 -12.41 -12.36
CA TYR A 150 -26.42 -13.68 -11.71
C TYR A 150 -27.93 -13.78 -11.47
N GLN A 151 -28.45 -15.00 -11.54
CA GLN A 151 -29.86 -15.21 -11.21
C GLN A 151 -30.13 -14.72 -9.80
N GLY A 152 -31.30 -14.13 -9.58
CA GLY A 152 -31.59 -13.61 -8.27
C GLY A 152 -33.05 -13.19 -8.13
N GLY A 153 -33.31 -12.21 -7.27
CA GLY A 153 -34.65 -11.64 -7.12
C GLY A 153 -35.58 -12.40 -6.21
N LEU A 154 -35.13 -13.47 -5.56
CA LEU A 154 -35.99 -14.28 -4.69
C LEU A 154 -35.82 -13.88 -3.23
N SER A 155 -36.94 -13.60 -2.56
CA SER A 155 -36.86 -13.30 -1.14
C SER A 155 -36.44 -14.50 -0.33
N LEU A 156 -36.77 -15.70 -0.78
CA LEU A 156 -36.48 -16.91 -0.03
C LEU A 156 -35.13 -17.48 -0.40
N GLY A 157 -34.52 -16.99 -1.48
CA GLY A 157 -33.16 -17.35 -1.84
C GLY A 157 -33.09 -18.61 -2.69
N GLN A 158 -33.83 -19.65 -2.34
CA GLN A 158 -33.74 -20.96 -2.96
C GLN A 158 -35.00 -21.24 -3.76
N ARG A 159 -34.84 -21.73 -5.00
CA ARG A 159 -36.00 -21.90 -5.87
C ARG A 159 -36.97 -22.94 -5.35
N ASP A 160 -36.48 -23.94 -4.61
CA ASP A 160 -37.33 -25.08 -4.23
C ASP A 160 -38.52 -24.65 -3.37
N TYR A 161 -38.35 -23.60 -2.54
CA TYR A 161 -39.46 -23.14 -1.72
C TYR A 161 -40.67 -22.71 -2.54
N TYR A 162 -40.45 -22.26 -3.77
CA TYR A 162 -41.56 -21.76 -4.58
C TYR A 162 -42.23 -22.84 -5.41
N LEU A 163 -41.61 -24.01 -5.55
CA LEU A 163 -41.98 -24.98 -6.57
C LEU A 163 -42.39 -26.35 -6.02
N GLU A 164 -41.78 -26.81 -4.93
CA GLU A 164 -42.09 -28.13 -4.38
C GLU A 164 -43.49 -28.16 -3.79
N GLU A 165 -44.21 -29.27 -4.02
CA GLU A 165 -45.60 -29.38 -3.63
C GLU A 165 -45.84 -30.17 -2.35
N ASP A 166 -44.79 -30.66 -1.69
CA ASP A 166 -45.01 -31.37 -0.43
C ASP A 166 -45.61 -30.43 0.60
N GLU A 167 -46.27 -31.02 1.59
CA GLU A 167 -47.02 -30.23 2.56
C GLU A 167 -46.11 -29.36 3.42
N SER A 168 -44.88 -29.82 3.66
CA SER A 168 -43.96 -29.00 4.46
C SER A 168 -43.56 -27.73 3.72
N THR A 169 -43.22 -27.85 2.43
CA THR A 169 -42.84 -26.65 1.67
C THR A 169 -44.05 -25.76 1.43
N MET A 170 -45.23 -26.35 1.22
CA MET A 170 -46.43 -25.53 1.04
C MET A 170 -46.68 -24.69 2.27
N LYS A 171 -46.40 -25.24 3.45
CA LYS A 171 -46.54 -24.46 4.67
C LYS A 171 -45.61 -23.26 4.67
N ILE A 172 -44.35 -23.47 4.26
CA ILE A 172 -43.42 -22.36 4.19
C ILE A 172 -43.88 -21.31 3.20
N ARG A 173 -44.37 -21.72 2.03
CA ARG A 173 -44.89 -20.76 1.06
C ARG A 173 -46.02 -19.95 1.66
N ASN A 174 -46.98 -20.63 2.29
CA ASN A 174 -48.11 -19.91 2.87
C ASN A 174 -47.70 -19.05 4.05
N GLU A 175 -46.66 -19.46 4.81
CA GLU A 175 -46.12 -18.55 5.82
C GLU A 175 -45.53 -17.31 5.18
N PHE A 176 -44.87 -17.48 4.02
CA PHE A 176 -44.31 -16.34 3.32
C PHE A 176 -45.41 -15.41 2.82
N LYS A 177 -46.48 -15.99 2.26
CA LYS A 177 -47.60 -15.19 1.78
C LYS A 177 -48.18 -14.37 2.93
N ASN A 178 -48.44 -15.02 4.06
CA ASN A 178 -48.94 -14.29 5.23
C ASN A 178 -47.93 -13.23 5.67
N HIS A 179 -46.63 -13.56 5.64
CA HIS A 179 -45.63 -12.60 6.05
C HIS A 179 -45.64 -11.36 5.17
N VAL A 180 -45.75 -11.54 3.85
CA VAL A 180 -45.71 -10.39 2.95
C VAL A 180 -46.91 -9.49 3.18
N VAL A 181 -48.09 -10.08 3.38
CA VAL A 181 -49.28 -9.28 3.65
C VAL A 181 -49.12 -8.50 4.95
N LYS A 182 -48.67 -9.18 6.03
CA LYS A 182 -48.50 -8.52 7.31
C LYS A 182 -47.51 -7.36 7.22
N MET A 183 -46.42 -7.54 6.47
CA MET A 183 -45.41 -6.48 6.34
C MET A 183 -45.96 -5.29 5.59
N PHE A 184 -46.64 -5.52 4.47
CA PHE A 184 -47.26 -4.41 3.77
C PHE A 184 -48.21 -3.65 4.70
N GLU A 185 -48.97 -4.39 5.50
CA GLU A 185 -49.91 -3.73 6.40
C GLU A 185 -49.17 -2.93 7.47
N LEU A 186 -48.00 -3.42 7.90
CA LEU A 186 -47.20 -2.64 8.85
C LEU A 186 -46.68 -1.34 8.23
N PHE A 187 -46.60 -1.28 6.90
CA PHE A 187 -46.20 -0.06 6.21
C PHE A 187 -47.38 0.79 5.77
N GLY A 188 -48.56 0.52 6.33
CA GLY A 188 -49.72 1.34 6.09
C GLY A 188 -50.48 0.99 4.84
N ILE A 189 -50.14 -0.12 4.20
CA ILE A 189 -50.92 -0.55 3.03
C ILE A 189 -52.22 -1.15 3.51
N PRO A 190 -53.37 -0.72 3.00
CA PRO A 190 -54.64 -1.32 3.41
C PRO A 190 -54.69 -2.80 3.06
N GLY A 191 -55.44 -3.56 3.88
CA GLY A 191 -55.50 -5.00 3.71
C GLY A 191 -55.82 -5.46 2.29
N GLU A 192 -56.82 -4.84 1.64
CA GLU A 192 -57.16 -5.28 0.29
C GLU A 192 -56.00 -5.07 -0.68
N GLN A 193 -55.28 -3.95 -0.51
CA GLN A 193 -54.13 -3.69 -1.36
CA GLN A 193 -54.13 -3.72 -1.37
C GLN A 193 -52.94 -4.58 -0.97
N ALA A 194 -52.78 -4.87 0.33
CA ALA A 194 -51.72 -5.77 0.76
C ALA A 194 -51.93 -7.18 0.20
N GLN A 195 -53.18 -7.66 0.14
CA GLN A 195 -53.45 -8.95 -0.49
C GLN A 195 -53.06 -8.93 -1.96
N ARG A 196 -53.52 -7.92 -2.69
CA ARG A 196 -53.25 -7.87 -4.12
C ARG A 196 -51.75 -7.79 -4.40
N GLN A 197 -51.03 -7.00 -3.61
CA GLN A 197 -49.57 -6.81 -3.83
C GLN A 197 -48.78 -8.05 -3.44
N MET A 198 -49.21 -8.74 -2.37
CA MET A 198 -48.61 -10.04 -2.06
C MET A 198 -48.75 -11.00 -3.24
N GLU A 199 -49.93 -11.03 -3.89
CA GLU A 199 -50.09 -11.95 -5.00
C GLU A 199 -49.16 -11.60 -6.16
N ASP A 200 -48.96 -10.30 -6.41
CA ASP A 200 -47.97 -9.87 -7.41
C ASP A 200 -46.58 -10.38 -7.04
N VAL A 201 -46.20 -10.20 -5.77
CA VAL A 201 -44.87 -10.63 -5.34
C VAL A 201 -44.70 -12.12 -5.57
N MET A 202 -45.67 -12.92 -5.11
CA MET A 202 -45.55 -14.37 -5.23
C MET A 202 -45.55 -14.80 -6.69
N ARG A 203 -46.40 -14.19 -7.50
CA ARG A 203 -46.43 -14.57 -8.91
C ARG A 203 -45.08 -14.31 -9.56
N ILE A 204 -44.54 -13.12 -9.34
CA ILE A 204 -43.29 -12.73 -9.97
C ILE A 204 -42.14 -13.58 -9.46
N GLU A 205 -42.03 -13.74 -8.12
CA GLU A 205 -40.90 -14.52 -7.59
C GLU A 205 -41.03 -15.99 -7.95
N THR A 206 -42.26 -16.51 -8.06
CA THR A 206 -42.41 -17.91 -8.47
C THR A 206 -41.96 -18.11 -9.90
N ARG A 207 -42.29 -17.18 -10.80
CA ARG A 207 -41.80 -17.25 -12.18
C ARG A 207 -40.27 -17.17 -12.24
N LEU A 208 -39.68 -16.25 -11.47
CA LEU A 208 -38.21 -16.19 -11.41
C LEU A 208 -37.67 -17.53 -10.94
N ALA A 209 -38.22 -18.04 -9.84
CA ALA A 209 -37.71 -19.29 -9.27
C ALA A 209 -37.74 -20.42 -10.30
N LYS A 210 -38.84 -20.54 -11.07
CA LYS A 210 -38.91 -21.60 -12.09
C LYS A 210 -37.74 -21.52 -13.07
N SER A 211 -37.29 -20.31 -13.39
CA SER A 211 -36.22 -20.14 -14.37
C SER A 211 -34.84 -20.31 -13.76
N HIS A 212 -34.70 -20.29 -12.43
CA HIS A 212 -33.39 -20.46 -11.81
C HIS A 212 -32.85 -21.88 -11.95
N PHE A 213 -31.52 -21.99 -11.90
CA PHE A 213 -30.83 -23.27 -11.75
C PHE A 213 -30.63 -23.60 -10.28
N ASP A 214 -30.56 -24.90 -9.99
CA ASP A 214 -30.24 -25.35 -8.65
C ASP A 214 -28.85 -24.86 -8.24
N LYS A 215 -28.68 -24.68 -6.93
CA LYS A 215 -27.41 -24.19 -6.39
C LYS A 215 -26.26 -25.12 -6.76
N VAL A 216 -26.57 -26.40 -6.97
CA VAL A 216 -25.56 -27.36 -7.39
C VAL A 216 -24.96 -26.94 -8.73
N LYS A 217 -25.82 -26.54 -9.67
CA LYS A 217 -25.35 -26.22 -11.00
C LYS A 217 -24.68 -24.85 -11.10
N THR A 218 -24.93 -23.92 -10.17
CA THR A 218 -24.39 -22.57 -10.30
C THR A 218 -23.02 -22.38 -9.67
N ARG A 219 -22.46 -23.40 -9.02
CA ARG A 219 -21.23 -23.20 -8.28
C ARG A 219 -20.00 -23.13 -9.18
N ASP A 220 -20.03 -23.78 -10.36
CA ASP A 220 -18.88 -23.74 -11.25
C ASP A 220 -18.81 -22.41 -12.00
N PRO A 221 -17.83 -21.55 -11.66
CA PRO A 221 -17.76 -20.23 -12.31
C PRO A 221 -17.29 -20.29 -13.74
N TYR A 222 -16.73 -21.42 -14.19
CA TYR A 222 -16.31 -21.51 -15.59
C TYR A 222 -17.47 -21.90 -16.49
N ALA A 223 -18.43 -22.67 -15.98
CA ALA A 223 -19.60 -23.01 -16.77
C ALA A 223 -20.68 -21.94 -16.67
N ASN A 224 -20.69 -21.20 -15.56
CA ASN A 224 -21.66 -20.13 -15.31
C ASN A 224 -21.06 -18.79 -15.73
N TYR A 225 -20.81 -18.72 -17.03
CA TYR A 225 -20.00 -17.67 -17.63
C TYR A 225 -20.39 -17.59 -19.09
N HIS A 226 -20.82 -16.40 -19.54
CA HIS A 226 -21.20 -16.17 -20.93
C HIS A 226 -20.76 -14.75 -21.27
N LYS A 227 -19.58 -14.65 -21.88
CA LYS A 227 -18.99 -13.36 -22.19
C LYS A 227 -19.64 -12.78 -23.44
N MET A 228 -20.07 -11.53 -23.37
CA MET A 228 -20.70 -10.92 -24.52
C MET A 228 -20.61 -9.40 -24.41
N THR A 229 -20.83 -8.73 -25.53
CA THR A 229 -20.80 -7.27 -25.49
C THR A 229 -22.08 -6.72 -24.87
N VAL A 230 -22.01 -5.45 -24.47
CA VAL A 230 -23.22 -4.77 -24.00
C VAL A 230 -24.31 -4.83 -25.06
N ASP A 231 -23.96 -4.59 -26.33
CA ASP A 231 -25.03 -4.61 -27.32
C ASP A 231 -25.58 -6.02 -27.53
N GLU A 232 -24.77 -7.06 -27.33
CA GLU A 232 -25.30 -8.41 -27.41
C GLU A 232 -26.28 -8.70 -26.26
N LEU A 233 -25.97 -8.22 -25.05
CA LEU A 233 -26.95 -8.35 -23.96
C LEU A 233 -28.20 -7.55 -24.29
N GLN A 234 -28.04 -6.42 -24.98
CA GLN A 234 -29.18 -5.60 -25.34
C GLN A 234 -30.13 -6.35 -26.27
N LYS A 235 -29.59 -7.28 -27.07
CA LYS A 235 -30.41 -8.11 -27.93
C LYS A 235 -31.02 -9.30 -27.20
N LEU A 236 -30.32 -9.81 -26.17
CA LEU A 236 -30.80 -10.93 -25.35
C LEU A 236 -31.91 -10.50 -24.40
N VAL A 237 -31.77 -9.33 -23.78
CA VAL A 237 -32.74 -8.83 -22.80
C VAL A 237 -33.13 -7.42 -23.25
N PRO A 238 -33.98 -7.29 -24.26
CA PRO A 238 -34.23 -5.96 -24.83
C PRO A 238 -35.07 -5.04 -23.96
N ASN A 239 -35.76 -5.59 -22.95
CA ASN A 239 -36.66 -4.76 -22.15
C ASN A 239 -35.95 -4.02 -21.02
N ILE A 240 -34.63 -4.14 -20.90
CA ILE A 240 -33.83 -3.26 -20.07
C ILE A 240 -32.89 -2.51 -21.01
N ASP A 241 -32.81 -1.19 -20.86
CA ASP A 241 -31.80 -0.39 -21.58
C ASP A 241 -30.49 -0.53 -20.82
N TRP A 242 -29.59 -1.38 -21.33
CA TRP A 242 -28.38 -1.71 -20.60
C TRP A 242 -27.42 -0.55 -20.59
N THR A 243 -27.44 0.29 -21.63
CA THR A 243 -26.63 1.49 -21.61
C THR A 243 -27.02 2.40 -20.45
N LYS A 244 -28.34 2.60 -20.24
CA LYS A 244 -28.75 3.42 -19.10
C LYS A 244 -28.50 2.71 -17.77
N PHE A 245 -28.76 1.41 -17.71
CA PHE A 245 -28.54 0.66 -16.47
C PHE A 245 -27.09 0.78 -16.04
N LEU A 246 -26.18 0.56 -16.98
CA LEU A 246 -24.75 0.62 -16.65
C LEU A 246 -24.31 2.05 -16.35
N ALA A 247 -24.84 3.03 -17.06
CA ALA A 247 -24.49 4.42 -16.75
C ALA A 247 -24.95 4.79 -15.34
N ALA A 248 -26.13 4.32 -14.92
CA ALA A 248 -26.59 4.61 -13.58
C ALA A 248 -25.73 3.94 -12.52
N LEU A 249 -25.07 2.83 -12.88
CA LEU A 249 -24.12 2.19 -11.99
C LEU A 249 -22.73 2.81 -12.09
N ASN A 250 -22.54 3.78 -12.98
CA ASN A 250 -21.22 4.37 -13.22
C ASN A 250 -20.21 3.29 -13.64
N VAL A 251 -20.65 2.37 -14.50
CA VAL A 251 -19.83 1.27 -15.01
C VAL A 251 -19.61 1.52 -16.49
N GLN A 252 -18.34 1.64 -16.90
CA GLN A 252 -17.98 1.85 -18.32
C GLN A 252 -17.22 0.62 -18.81
N ILE A 253 -17.90 -0.24 -19.58
CA ILE A 253 -17.36 -1.52 -20.01
C ILE A 253 -17.77 -1.79 -21.46
N LYS A 254 -17.02 -2.67 -22.12
CA LYS A 254 -17.39 -3.10 -23.45
C LYS A 254 -18.02 -4.49 -23.46
N GLU A 255 -17.64 -5.33 -22.49
CA GLU A 255 -18.12 -6.70 -22.39
C GLU A 255 -18.45 -7.00 -20.95
N LEU A 256 -19.22 -8.07 -20.76
CA LEU A 256 -19.65 -8.50 -19.44
C LEU A 256 -19.95 -9.99 -19.54
N SER A 257 -20.33 -10.59 -18.43
CA SER A 257 -20.68 -12.00 -18.43
C SER A 257 -22.10 -12.16 -17.90
N VAL A 258 -22.94 -12.87 -18.67
CA VAL A 258 -24.25 -13.28 -18.18
C VAL A 258 -24.07 -14.69 -17.65
N SER A 259 -24.04 -14.84 -16.31
CA SER A 259 -23.69 -16.14 -15.72
C SER A 259 -24.72 -17.21 -16.06
N GLN A 260 -26.01 -16.86 -15.99
CA GLN A 260 -27.08 -17.77 -16.40
C GLN A 260 -28.01 -17.00 -17.33
N GLU A 261 -28.13 -17.44 -18.58
CA GLU A 261 -28.91 -16.65 -19.53
C GLU A 261 -30.41 -16.87 -19.37
N GLU A 262 -30.84 -18.09 -19.05
CA GLU A 262 -32.27 -18.36 -18.97
C GLU A 262 -33.01 -17.53 -17.91
N PRO A 263 -32.47 -17.36 -16.70
CA PRO A 263 -33.14 -16.46 -15.77
C PRO A 263 -33.20 -15.03 -16.27
N MET A 264 -32.20 -14.59 -17.02
CA MET A 264 -32.25 -13.23 -17.56
C MET A 264 -33.32 -13.10 -18.63
N VAL A 265 -33.45 -14.14 -19.48
CA VAL A 265 -34.54 -14.12 -20.46
C VAL A 265 -35.90 -14.10 -19.75
N GLU A 266 -36.01 -14.78 -18.61
CA GLU A 266 -37.26 -14.74 -17.87
C GLU A 266 -37.52 -13.35 -17.31
N VAL A 267 -36.48 -12.67 -16.83
CA VAL A 267 -36.66 -11.27 -16.40
C VAL A 267 -37.17 -10.43 -17.56
N ASN A 268 -36.63 -10.66 -18.76
CA ASN A 268 -37.09 -9.90 -19.92
C ASN A 268 -38.58 -10.12 -20.15
N LYS A 269 -39.02 -11.37 -20.02
CA LYS A 269 -40.43 -11.69 -20.25
C LYS A 269 -41.33 -11.14 -19.16
N LEU A 270 -40.86 -11.23 -17.91
CA LEU A 270 -41.61 -10.67 -16.78
C LEU A 270 -41.83 -9.17 -16.97
N ILE A 271 -40.78 -8.43 -17.32
CA ILE A 271 -40.91 -6.99 -17.53
C ILE A 271 -41.90 -6.72 -18.67
N ALA A 272 -41.88 -7.55 -19.72
CA ALA A 272 -42.82 -7.36 -20.82
C ALA A 272 -44.24 -7.68 -20.41
N GLU A 273 -44.45 -8.78 -19.68
CA GLU A 273 -45.80 -9.31 -19.48
C GLU A 273 -46.50 -8.79 -18.23
N GLU A 274 -45.78 -8.51 -17.20
CA GLU A 274 -46.45 -8.02 -15.99
C GLU A 274 -46.80 -6.54 -16.16
N PRO A 275 -48.00 -6.13 -15.74
CA PRO A 275 -48.32 -4.69 -15.78
C PRO A 275 -47.45 -3.94 -14.78
N LEU A 276 -47.26 -2.64 -15.06
CA LEU A 276 -46.35 -1.88 -14.22
C LEU A 276 -46.79 -1.85 -12.76
N ASN A 277 -48.10 -1.90 -12.48
CA ASN A 277 -48.50 -1.87 -11.07
C ASN A 277 -48.02 -3.12 -10.32
N ALA A 278 -47.98 -4.27 -10.97
CA ALA A 278 -47.46 -5.48 -10.32
C ALA A 278 -45.94 -5.38 -10.12
N ILE A 279 -45.24 -4.76 -11.07
CA ILE A 279 -43.81 -4.52 -10.90
C ILE A 279 -43.57 -3.59 -9.73
N ARG A 280 -44.41 -2.55 -9.57
CA ARG A 280 -44.27 -1.67 -8.40
C ARG A 280 -44.49 -2.41 -7.09
N SER A 281 -45.45 -3.36 -7.04
CA SER A 281 -45.62 -4.20 -5.86
C SER A 281 -44.32 -4.93 -5.51
N TYR A 282 -43.70 -5.54 -6.51
CA TYR A 282 -42.48 -6.30 -6.32
C TYR A 282 -41.33 -5.40 -5.84
N LEU A 283 -41.18 -4.23 -6.48
CA LEU A 283 -40.09 -3.33 -6.05
C LEU A 283 -40.34 -2.80 -4.65
N SER A 284 -41.61 -2.48 -4.32
CA SER A 284 -41.93 -2.04 -2.96
C SER A 284 -41.62 -3.12 -1.94
N TRP A 285 -41.96 -4.37 -2.27
CA TRP A 285 -41.59 -5.48 -1.40
C TRP A 285 -40.06 -5.58 -1.27
N LYS A 286 -39.30 -5.42 -2.37
CA LYS A 286 -37.85 -5.51 -2.23
C LYS A 286 -37.33 -4.45 -1.27
N ALA A 287 -37.91 -3.25 -1.32
CA ALA A 287 -37.46 -2.19 -0.43
C ALA A 287 -37.81 -2.49 1.02
N ILE A 288 -39.05 -2.92 1.27
CA ILE A 288 -39.49 -3.24 2.63
C ILE A 288 -38.68 -4.39 3.20
N ASP A 289 -38.51 -5.46 2.40
CA ASP A 289 -37.79 -6.64 2.87
C ASP A 289 -36.34 -6.29 3.20
N HIS A 290 -35.74 -5.38 2.45
CA HIS A 290 -34.36 -5.00 2.74
C HIS A 290 -34.25 -4.11 3.97
N ALA A 291 -35.26 -3.28 4.21
CA ALA A 291 -35.23 -2.33 5.31
C ALA A 291 -35.69 -2.93 6.65
N ALA A 292 -36.18 -4.17 6.64
CA ALA A 292 -36.98 -4.70 7.75
C ALA A 292 -36.19 -4.83 9.05
N SER A 293 -34.87 -4.98 8.97
CA SER A 293 -34.04 -5.09 10.17
C SER A 293 -33.65 -3.74 10.77
N TYR A 294 -33.92 -2.63 10.07
CA TYR A 294 -33.31 -1.36 10.41
C TYR A 294 -34.33 -0.32 10.85
N LEU A 295 -35.52 -0.76 11.28
CA LEU A 295 -36.59 0.17 11.61
C LEU A 295 -37.07 -0.15 13.02
N SER A 296 -38.37 -0.17 13.25
CA SER A 296 -38.91 -0.35 14.59
C SER A 296 -38.85 -1.82 15.03
N ASP A 297 -39.02 -2.02 16.34
CA ASP A 297 -39.06 -3.36 16.93
C ASP A 297 -40.21 -4.20 16.38
N GLU A 298 -41.38 -3.59 16.19
CA GLU A 298 -42.52 -4.31 15.64
C GLU A 298 -42.20 -4.89 14.26
N ILE A 299 -41.52 -4.10 13.42
CA ILE A 299 -41.18 -4.55 12.08
C ILE A 299 -40.09 -5.60 12.13
N TYR A 300 -39.10 -5.41 13.00
CA TYR A 300 -38.10 -6.45 13.16
C TYR A 300 -38.72 -7.74 13.66
N ALA A 301 -39.65 -7.64 14.62
CA ALA A 301 -40.24 -8.84 15.21
C ALA A 301 -40.98 -9.65 14.14
N GLN A 302 -41.69 -8.96 13.25
CA GLN A 302 -42.39 -9.66 12.18
C GLN A 302 -41.41 -10.29 11.20
N ASN A 303 -40.36 -9.54 10.84
CA ASN A 303 -39.29 -10.11 10.03
C ASN A 303 -38.74 -11.39 10.64
N PHE A 304 -38.42 -11.35 11.93
CA PHE A 304 -37.88 -12.53 12.60
C PHE A 304 -38.90 -13.66 12.63
N GLU A 305 -40.18 -13.33 12.79
CA GLU A 305 -41.19 -14.39 12.86
C GLU A 305 -41.12 -15.28 11.63
N PHE A 306 -40.85 -14.68 10.47
CA PHE A 306 -40.77 -15.49 9.27
C PHE A 306 -39.35 -16.02 9.02
N TYR A 307 -38.39 -15.13 8.82
CA TYR A 307 -37.06 -15.60 8.44
C TYR A 307 -36.35 -16.34 9.57
N GLY A 308 -36.57 -15.92 10.81
CA GLY A 308 -35.99 -16.59 11.96
C GLY A 308 -36.74 -17.85 12.37
N LYS A 309 -38.03 -17.72 12.73
CA LYS A 309 -38.76 -18.86 13.29
C LYS A 309 -39.18 -19.84 12.21
N VAL A 310 -39.78 -19.35 11.12
CA VAL A 310 -40.27 -20.27 10.11
C VAL A 310 -39.13 -20.81 9.25
N LEU A 311 -38.31 -19.92 8.69
CA LEU A 311 -37.37 -20.37 7.67
C LEU A 311 -36.13 -21.01 8.28
N SER A 312 -35.67 -20.52 9.45
CA SER A 312 -34.42 -20.96 10.05
C SER A 312 -34.60 -21.85 11.28
N GLY A 313 -35.83 -22.02 11.78
CA GLY A 313 -36.05 -22.84 12.96
C GLY A 313 -35.50 -22.24 14.23
N LYS A 314 -35.17 -20.96 14.22
CA LYS A 314 -34.75 -20.28 15.43
C LYS A 314 -35.94 -20.10 16.36
N THR A 315 -35.65 -20.06 17.66
CA THR A 315 -36.71 -19.84 18.63
C THR A 315 -36.71 -18.44 19.23
N GLU A 316 -35.55 -17.81 19.36
CA GLU A 316 -35.44 -16.51 19.99
C GLU A 316 -34.57 -15.59 19.15
N MET A 317 -34.94 -14.32 19.08
CA MET A 317 -34.12 -13.39 18.34
C MET A 317 -32.91 -12.99 19.18
N GLN A 318 -31.86 -12.57 18.48
CA GLN A 318 -30.68 -12.08 19.17
C GLN A 318 -31.00 -10.72 19.80
N PRO A 319 -30.39 -10.41 20.94
CA PRO A 319 -30.57 -9.07 21.52
C PRO A 319 -30.07 -7.99 20.56
N ARG A 320 -30.65 -6.80 20.68
CA ARG A 320 -30.30 -5.70 19.78
C ARG A 320 -28.81 -5.44 19.74
N TRP A 321 -28.11 -5.49 20.88
CA TRP A 321 -26.69 -5.16 20.88
C TRP A 321 -25.91 -6.09 19.96
N LYS A 322 -26.31 -7.36 19.89
CA LYS A 322 -25.65 -8.27 18.98
C LYS A 322 -25.94 -7.93 17.53
N ARG A 323 -27.18 -7.50 17.25
CA ARG A 323 -27.52 -7.11 15.89
C ARG A 323 -26.85 -5.78 15.53
N ALA A 324 -26.73 -4.86 16.48
CA ALA A 324 -26.03 -3.60 16.22
C ALA A 324 -24.55 -3.86 15.95
N GLN A 325 -23.91 -4.74 16.74
CA GLN A 325 -22.52 -5.07 16.46
C GLN A 325 -22.33 -5.74 15.12
N ALA A 326 -23.24 -6.62 14.72
CA ALA A 326 -23.16 -7.22 13.40
C ALA A 326 -23.21 -6.15 12.31
N SER A 327 -24.13 -5.20 12.44
CA SER A 327 -24.23 -4.12 11.45
C SER A 327 -22.92 -3.38 11.32
N VAL A 328 -22.33 -3.01 12.46
CA VAL A 328 -21.08 -2.26 12.46
C VAL A 328 -19.99 -3.12 11.85
N ASN A 329 -19.88 -4.36 12.31
CA ASN A 329 -18.79 -5.21 11.82
C ASN A 329 -19.00 -5.60 10.36
N ASP A 330 -20.24 -5.79 9.95
CA ASP A 330 -20.49 -6.22 8.57
C ASP A 330 -20.44 -5.07 7.57
N CYS A 331 -20.75 -3.84 7.98
CA CYS A 331 -20.85 -2.73 7.02
C CYS A 331 -19.74 -1.69 7.18
N LEU A 332 -18.99 -1.71 8.28
CA LEU A 332 -17.80 -0.91 8.46
C LEU A 332 -16.60 -1.79 8.81
N GLY A 333 -16.51 -2.94 8.12
CA GLY A 333 -15.60 -3.99 8.55
C GLY A 333 -14.15 -3.54 8.62
N GLU A 334 -13.65 -2.94 7.55
CA GLU A 334 -12.24 -2.57 7.54
C GLU A 334 -11.97 -1.38 8.45
N ALA A 335 -12.95 -0.49 8.61
CA ALA A 335 -12.81 0.60 9.59
C ALA A 335 -12.66 0.04 10.99
N VAL A 336 -13.49 -0.94 11.36
CA VAL A 336 -13.31 -1.62 12.65
C VAL A 336 -11.91 -2.24 12.70
N GLY A 337 -11.49 -2.87 11.60
CA GLY A 337 -10.14 -3.41 11.52
C GLY A 337 -9.04 -2.42 11.90
N GLN A 338 -9.18 -1.16 11.49
CA GLN A 338 -8.17 -0.16 11.89
C GLN A 338 -8.07 -0.06 13.41
N LEU A 339 -9.20 0.06 14.09
CA LEU A 339 -9.15 0.22 15.53
C LEU A 339 -8.86 -1.11 16.23
N TYR A 340 -9.24 -2.23 15.61
CA TYR A 340 -8.89 -3.55 16.15
C TYR A 340 -7.37 -3.73 16.23
N VAL A 341 -6.67 -3.47 15.12
CA VAL A 341 -5.23 -3.68 15.13
C VAL A 341 -4.53 -2.60 15.96
N ALA A 342 -5.08 -1.39 16.03
CA ALA A 342 -4.46 -0.39 16.89
C ALA A 342 -4.42 -0.87 18.34
N LYS A 343 -5.40 -1.66 18.73
CA LYS A 343 -5.48 -2.15 20.11
C LYS A 343 -4.72 -3.46 20.29
N TYR A 344 -4.73 -4.34 19.28
CA TYR A 344 -4.28 -5.72 19.43
C TYR A 344 -3.09 -6.13 18.59
N PHE A 345 -2.74 -5.43 17.52
CA PHE A 345 -1.76 -5.93 16.57
C PHE A 345 -0.96 -4.75 16.04
N PRO A 346 0.02 -4.28 16.81
CA PRO A 346 0.77 -3.06 16.45
C PRO A 346 1.67 -3.27 15.26
N PRO A 347 2.19 -2.19 14.66
CA PRO A 347 3.06 -2.31 13.47
C PRO A 347 4.27 -3.19 13.71
N GLU A 348 4.83 -3.18 14.92
CA GLU A 348 5.97 -4.05 15.21
C GLU A 348 5.58 -5.52 15.13
N ALA A 349 4.33 -5.85 15.46
CA ALA A 349 3.89 -7.23 15.29
C ALA A 349 3.73 -7.57 13.83
N LYS A 350 3.14 -6.65 13.04
CA LYS A 350 3.04 -6.87 11.61
C LYS A 350 4.43 -7.00 10.98
N GLU A 351 5.36 -6.13 11.39
CA GLU A 351 6.71 -6.20 10.82
C GLU A 351 7.41 -7.51 11.16
N ARG A 352 7.29 -7.98 12.41
CA ARG A 352 7.85 -9.28 12.75
C ARG A 352 7.26 -10.41 11.90
N MET A 353 5.94 -10.40 11.71
CA MET A 353 5.32 -11.47 10.92
C MET A 353 5.67 -11.34 9.44
N VAL A 354 5.76 -10.12 8.90
CA VAL A 354 6.15 -10.01 7.50
C VAL A 354 7.58 -10.53 7.32
N ASN A 355 8.47 -10.22 8.26
CA ASN A 355 9.84 -10.75 8.17
C ASN A 355 9.84 -12.26 8.28
N LEU A 356 8.99 -12.81 9.15
CA LEU A 356 8.93 -14.27 9.29
C LEU A 356 8.48 -14.92 8.00
N VAL A 357 7.43 -14.36 7.37
CA VAL A 357 6.97 -14.91 6.10
C VAL A 357 8.09 -14.87 5.06
N HIS A 358 8.83 -13.76 4.99
CA HIS A 358 9.94 -13.68 4.03
C HIS A 358 11.02 -14.70 4.33
N ASN A 359 11.29 -14.97 5.62
CA ASN A 359 12.25 -16.02 5.95
CA ASN A 359 12.25 -16.02 5.96
C ASN A 359 11.75 -17.40 5.53
N LEU A 360 10.44 -17.65 5.70
CA LEU A 360 9.87 -18.91 5.22
C LEU A 360 10.00 -19.03 3.70
N GLN A 361 9.74 -17.92 2.99
CA GLN A 361 9.92 -17.95 1.53
C GLN A 361 11.35 -18.28 1.15
N ASN A 362 12.32 -17.68 1.84
CA ASN A 362 13.71 -17.96 1.53
C ASN A 362 14.08 -19.41 1.84
N ALA A 363 13.60 -19.93 2.98
CA ALA A 363 13.87 -21.32 3.29
C ALA A 363 13.21 -22.26 2.29
N TYR A 364 11.96 -21.95 1.89
CA TYR A 364 11.27 -22.81 0.92
C TYR A 364 12.01 -22.81 -0.42
N ALA A 365 12.47 -21.64 -0.88
CA ALA A 365 13.25 -21.60 -2.11
C ALA A 365 14.49 -22.48 -2.01
N GLU A 366 15.19 -22.44 -0.87
CA GLU A 366 16.34 -23.31 -0.64
C GLU A 366 15.94 -24.77 -0.76
N ARG A 367 14.80 -25.15 -0.17
CA ARG A 367 14.41 -26.56 -0.23
C ARG A 367 13.96 -26.95 -1.64
N ILE A 368 13.31 -26.03 -2.37
CA ILE A 368 12.91 -26.33 -3.75
C ILE A 368 14.14 -26.66 -4.60
N ARG A 369 15.24 -25.92 -4.42
CA ARG A 369 16.46 -26.22 -5.17
C ARG A 369 16.97 -27.63 -4.93
N ASN A 370 16.64 -28.24 -3.80
CA ASN A 370 17.15 -29.57 -3.48
C ASN A 370 16.17 -30.70 -3.73
N LEU A 371 14.99 -30.43 -4.29
CA LEU A 371 14.03 -31.50 -4.50
C LEU A 371 14.59 -32.50 -5.50
N ASP A 372 14.26 -33.78 -5.29
CA ASP A 372 14.68 -34.82 -6.21
C ASP A 372 13.52 -35.35 -7.05
N TRP A 373 12.40 -34.64 -7.08
CA TRP A 373 11.33 -35.02 -7.98
C TRP A 373 11.04 -33.95 -9.03
N MET A 374 11.59 -32.75 -8.88
CA MET A 374 11.36 -31.62 -9.78
C MET A 374 12.57 -31.49 -10.69
N GLY A 375 12.32 -31.36 -11.99
CA GLY A 375 13.39 -31.01 -12.92
C GLY A 375 13.85 -29.57 -12.74
N ASP A 376 14.97 -29.24 -13.38
CA ASP A 376 15.57 -27.92 -13.21
C ASP A 376 14.67 -26.79 -13.71
N SER A 377 14.04 -26.97 -14.87
CA SER A 377 13.18 -25.90 -15.39
C SER A 377 11.98 -25.69 -14.48
N THR A 378 11.50 -26.77 -13.85
CA THR A 378 10.38 -26.63 -12.95
C THR A 378 10.79 -25.97 -11.66
N LYS A 379 11.99 -26.27 -11.17
CA LYS A 379 12.50 -25.58 -10.00
C LYS A 379 12.56 -24.07 -10.24
N ALA A 380 13.06 -23.67 -11.41
CA ALA A 380 13.12 -22.24 -11.71
C ALA A 380 11.72 -21.63 -11.75
N LYS A 381 10.76 -22.28 -12.42
CA LYS A 381 9.38 -21.76 -12.42
C LYS A 381 8.81 -21.69 -11.01
N ALA A 382 9.08 -22.69 -10.17
CA ALA A 382 8.53 -22.68 -8.81
C ALA A 382 9.09 -21.50 -8.00
N ILE A 383 10.41 -21.33 -8.02
CA ILE A 383 11.04 -20.24 -7.26
C ILE A 383 10.51 -18.89 -7.72
N ASP A 384 10.35 -18.71 -9.02
CA ASP A 384 9.81 -17.45 -9.54
C ASP A 384 8.37 -17.23 -9.06
N LYS A 385 7.55 -18.29 -9.08
CA LYS A 385 6.19 -18.15 -8.59
C LYS A 385 6.18 -17.84 -7.08
N LEU A 386 7.08 -18.49 -6.32
CA LEU A 386 7.10 -18.27 -4.88
C LEU A 386 7.50 -16.83 -4.56
N ASN A 387 8.54 -16.34 -5.22
CA ASN A 387 8.96 -14.97 -4.94
C ASN A 387 7.91 -13.96 -5.39
N ALA A 388 6.97 -14.36 -6.26
CA ALA A 388 5.91 -13.48 -6.70
C ALA A 388 4.65 -13.56 -5.83
N PHE A 389 4.68 -14.32 -4.72
CA PHE A 389 3.55 -14.34 -3.79
C PHE A 389 3.15 -12.92 -3.40
N TYR A 390 1.84 -12.67 -3.35
CA TYR A 390 1.27 -11.48 -2.72
C TYR A 390 1.08 -11.80 -1.25
N VAL A 391 1.85 -11.16 -0.39
CA VAL A 391 1.93 -11.46 1.02
C VAL A 391 1.08 -10.44 1.76
N LYS A 392 -0.05 -10.88 2.30
CA LYS A 392 -1.01 -10.01 2.99
C LYS A 392 -1.08 -10.49 4.45
N ILE A 393 -0.38 -9.79 5.32
CA ILE A 393 -0.13 -10.22 6.69
C ILE A 393 -0.59 -9.14 7.67
N GLY A 394 -1.44 -9.52 8.62
CA GLY A 394 -1.83 -8.64 9.72
C GLY A 394 -2.93 -7.68 9.34
N TYR A 395 -2.59 -6.66 8.55
CA TYR A 395 -3.58 -5.71 8.10
C TYR A 395 -3.06 -5.04 6.82
N PRO A 396 -3.94 -4.36 6.07
CA PRO A 396 -3.53 -3.85 4.74
C PRO A 396 -2.40 -2.85 4.74
N ASP A 397 -1.59 -2.90 3.68
CA ASP A 397 -0.73 -1.76 3.31
C ASP A 397 -1.54 -0.64 2.69
N LYS A 398 -2.64 -0.99 2.00
CA LYS A 398 -3.56 -0.05 1.36
C LYS A 398 -4.93 -0.21 2.03
N TRP A 399 -5.25 0.69 2.96
CA TRP A 399 -6.56 0.71 3.62
C TRP A 399 -7.61 1.38 2.73
N LYS A 400 -8.84 0.88 2.78
CA LYS A 400 -9.97 1.60 2.17
C LYS A 400 -10.07 3.02 2.73
N ASP A 401 -10.36 3.98 1.84
CA ASP A 401 -10.60 5.36 2.24
C ASP A 401 -12.08 5.56 2.55
N TYR A 402 -12.41 5.85 3.81
CA TYR A 402 -13.81 5.98 4.22
C TYR A 402 -14.31 7.40 4.23
N THR A 403 -13.56 8.35 3.67
CA THR A 403 -13.98 9.75 3.77
C THR A 403 -15.36 9.99 3.15
N SER A 404 -15.68 9.32 2.03
CA SER A 404 -16.95 9.59 1.34
C SER A 404 -18.13 8.93 2.03
N LEU A 405 -17.90 8.10 3.05
CA LEU A 405 -18.99 7.46 3.77
C LEU A 405 -19.35 8.32 4.98
N GLU A 406 -20.51 8.97 4.94
CA GLU A 406 -20.93 9.86 6.02
C GLU A 406 -21.83 9.10 7.00
N ILE A 407 -21.48 9.12 8.29
CA ILE A 407 -22.34 8.54 9.32
C ILE A 407 -22.84 9.71 10.17
N LYS A 408 -24.15 9.82 10.34
CA LYS A 408 -24.67 10.94 11.12
C LYS A 408 -25.98 10.52 11.78
N LYS A 409 -26.54 11.40 12.61
CA LYS A 409 -27.63 10.92 13.45
C LYS A 409 -29.01 11.16 12.81
N ASP A 410 -29.22 10.79 11.54
CA ASP A 410 -30.55 10.99 10.95
C ASP A 410 -31.43 9.75 11.16
N SER A 411 -30.98 8.59 10.70
CA SER A 411 -31.69 7.36 11.04
C SER A 411 -30.77 6.18 10.84
N TYR A 412 -31.05 5.10 11.58
CA TYR A 412 -30.29 3.87 11.41
C TYR A 412 -30.32 3.45 9.96
N PHE A 413 -31.52 3.43 9.38
CA PHE A 413 -31.69 2.98 8.00
C PHE A 413 -30.91 3.85 7.00
N ALA A 414 -30.96 5.17 7.16
CA ALA A 414 -30.23 6.05 6.26
C ALA A 414 -28.72 5.83 6.34
N ASN A 415 -28.20 5.51 7.52
CA ASN A 415 -26.76 5.22 7.63
C ASN A 415 -26.40 3.89 6.98
N ILE A 416 -27.19 2.84 7.25
CA ILE A 416 -26.99 1.57 6.58
C ILE A 416 -26.99 1.77 5.07
N GLU A 417 -27.90 2.61 4.60
CA GLU A 417 -27.99 2.86 3.17
C GLU A 417 -26.72 3.51 2.63
N ARG A 418 -26.21 4.53 3.33
CA ARG A 418 -24.98 5.17 2.90
C ARG A 418 -23.81 4.18 2.93
N ALA A 419 -23.81 3.26 3.90
CA ALA A 419 -22.70 2.32 4.00
C ALA A 419 -22.76 1.32 2.85
N VAL A 420 -23.96 0.88 2.49
CA VAL A 420 -24.09 -0.05 1.36
C VAL A 420 -23.75 0.67 0.05
N GLN A 421 -24.19 1.92 -0.11
CA GLN A 421 -23.85 2.69 -1.31
CA GLN A 421 -23.84 2.67 -1.32
C GLN A 421 -22.33 2.82 -1.45
N PHE A 422 -21.66 3.06 -0.34
CA PHE A 422 -20.21 3.14 -0.34
C PHE A 422 -19.59 1.83 -0.81
N ALA A 423 -20.06 0.72 -0.26
CA ALA A 423 -19.52 -0.59 -0.62
C ALA A 423 -19.84 -0.93 -2.08
N MET A 424 -21.06 -0.59 -2.54
CA MET A 424 -21.39 -0.92 -3.92
C MET A 424 -20.57 -0.09 -4.90
N ARG A 425 -20.40 1.20 -4.62
CA ARG A 425 -19.58 2.07 -5.46
C ARG A 425 -18.16 1.53 -5.55
N GLU A 426 -17.61 1.08 -4.43
CA GLU A 426 -16.24 0.58 -4.42
C GLU A 426 -16.11 -0.70 -5.25
N MET A 427 -17.12 -1.56 -5.19
CA MET A 427 -17.09 -2.79 -5.99
C MET A 427 -17.22 -2.46 -7.48
N LEU A 428 -18.18 -1.61 -7.84
CA LEU A 428 -18.49 -1.37 -9.25
C LEU A 428 -17.37 -0.58 -9.92
N ASP A 429 -16.68 0.27 -9.16
CA ASP A 429 -15.53 1.01 -9.71
C ASP A 429 -14.47 0.07 -10.26
N LYS A 430 -14.41 -1.17 -9.81
CA LYS A 430 -13.35 -2.07 -10.27
C LYS A 430 -13.56 -2.52 -11.70
N ALA A 431 -14.78 -2.35 -12.26
CA ALA A 431 -15.05 -2.91 -13.57
C ALA A 431 -14.09 -2.33 -14.62
N ALA A 432 -13.73 -1.06 -14.47
CA ALA A 432 -12.86 -0.39 -15.43
C ALA A 432 -11.38 -0.73 -15.25
N LYS A 433 -10.99 -1.29 -14.12
CA LYS A 433 -9.60 -1.37 -13.73
C LYS A 433 -9.05 -2.79 -13.80
N PRO A 434 -7.73 -2.95 -13.94
CA PRO A 434 -7.13 -4.26 -13.76
C PRO A 434 -7.23 -4.69 -12.30
N VAL A 435 -7.11 -6.01 -12.09
CA VAL A 435 -7.22 -6.55 -10.75
C VAL A 435 -6.09 -6.00 -9.87
N ASP A 436 -6.46 -5.48 -8.69
CA ASP A 436 -5.51 -4.93 -7.73
C ASP A 436 -5.33 -5.92 -6.58
N ARG A 437 -4.18 -6.59 -6.53
CA ARG A 437 -3.99 -7.60 -5.50
C ARG A 437 -3.53 -7.02 -4.16
N ASP A 438 -3.44 -5.70 -4.01
CA ASP A 438 -3.21 -5.11 -2.70
C ASP A 438 -4.50 -4.83 -1.94
N GLU A 439 -5.66 -4.97 -2.59
CA GLU A 439 -6.94 -4.84 -1.91
C GLU A 439 -7.19 -6.11 -1.11
N TRP A 440 -7.63 -5.95 0.15
CA TRP A 440 -7.94 -7.09 0.99
C TRP A 440 -9.39 -7.50 0.81
N TYR A 441 -9.63 -8.81 0.67
CA TYR A 441 -11.00 -9.30 0.65
C TYR A 441 -11.48 -9.68 2.05
N MET A 442 -10.57 -9.99 2.96
CA MET A 442 -10.90 -10.22 4.35
C MET A 442 -10.55 -8.99 5.20
N THR A 443 -11.24 -8.84 6.30
CA THR A 443 -10.89 -7.78 7.25
C THR A 443 -9.79 -8.25 8.18
N PRO A 444 -9.07 -7.30 8.79
CA PRO A 444 -7.98 -7.68 9.70
C PRO A 444 -8.43 -8.48 10.90
N GLN A 445 -9.66 -8.28 11.39
CA GLN A 445 -10.09 -8.97 12.61
C GLN A 445 -10.58 -10.39 12.35
N THR A 446 -10.65 -10.82 11.09
CA THR A 446 -11.12 -12.16 10.75
C THR A 446 -10.16 -13.24 11.25
N VAL A 447 -10.73 -14.36 11.69
CA VAL A 447 -9.95 -15.50 12.18
C VAL A 447 -10.00 -16.60 11.12
N ASN A 448 -9.30 -16.36 10.03
CA ASN A 448 -9.21 -17.29 8.93
C ASN A 448 -7.89 -16.98 8.27
N ALA A 449 -7.42 -17.87 7.42
CA ALA A 449 -6.15 -17.65 6.76
C ALA A 449 -6.01 -18.69 5.67
N TYR A 450 -5.42 -18.31 4.54
CA TYR A 450 -5.23 -19.28 3.47
C TYR A 450 -4.25 -18.74 2.45
N TYR A 451 -3.69 -19.67 1.69
CA TYR A 451 -3.12 -19.35 0.40
C TYR A 451 -4.20 -19.58 -0.65
N ASN A 452 -4.33 -18.64 -1.58
CA ASN A 452 -5.34 -18.71 -2.65
C ASN A 452 -4.68 -19.08 -3.97
N PRO A 453 -4.88 -20.30 -4.47
CA PRO A 453 -4.23 -20.71 -5.72
C PRO A 453 -4.62 -19.85 -6.92
N THR A 454 -5.84 -19.31 -6.94
CA THR A 454 -6.29 -18.55 -8.10
C THR A 454 -5.77 -17.11 -8.11
N THR A 455 -5.13 -16.65 -7.03
CA THR A 455 -4.54 -15.32 -7.02
C THR A 455 -3.07 -15.29 -6.64
N ASN A 456 -2.50 -16.40 -6.19
CA ASN A 456 -1.12 -16.46 -5.71
C ASN A 456 -0.88 -15.53 -4.54
N GLU A 457 -1.88 -15.36 -3.69
CA GLU A 457 -1.75 -14.54 -2.51
C GLU A 457 -1.90 -15.39 -1.26
N ILE A 458 -1.18 -15.00 -0.22
CA ILE A 458 -1.28 -15.67 1.06
C ILE A 458 -1.77 -14.63 2.06
N CYS A 459 -2.86 -14.92 2.76
CA CYS A 459 -3.52 -13.93 3.60
CA CYS A 459 -3.56 -13.94 3.58
C CYS A 459 -3.66 -14.46 5.01
N PHE A 460 -3.00 -13.81 5.94
CA PHE A 460 -3.03 -14.18 7.36
C PHE A 460 -3.36 -12.91 8.11
N PRO A 461 -4.65 -12.69 8.41
CA PRO A 461 -5.06 -11.47 9.12
C PRO A 461 -4.68 -11.48 10.59
N ALA A 462 -4.65 -10.27 11.16
CA ALA A 462 -4.33 -10.14 12.58
C ALA A 462 -5.20 -11.04 13.45
N GLY A 463 -6.45 -11.28 13.04
CA GLY A 463 -7.36 -12.06 13.88
C GLY A 463 -6.82 -13.44 14.21
N ILE A 464 -6.14 -14.09 13.25
CA ILE A 464 -5.58 -15.41 13.54
C ILE A 464 -4.19 -15.33 14.14
N LEU A 465 -3.52 -14.16 14.07
CA LEU A 465 -2.15 -14.03 14.58
C LEU A 465 -2.15 -13.73 16.08
N GLN A 466 -2.72 -14.67 16.84
CA GLN A 466 -2.80 -14.58 18.29
C GLN A 466 -2.49 -15.96 18.88
N TYR A 467 -2.25 -15.96 20.19
CA TYR A 467 -2.01 -17.21 20.90
C TYR A 467 -3.14 -18.19 20.63
N PRO A 468 -2.85 -19.48 20.32
CA PRO A 468 -1.57 -20.19 20.35
C PRO A 468 -0.82 -20.22 19.02
N PHE A 469 -1.22 -19.42 18.02
CA PHE A 469 -0.54 -19.43 16.73
C PHE A 469 0.65 -18.47 16.71
N PHE A 470 0.44 -17.24 17.16
CA PHE A 470 1.45 -16.20 17.14
C PHE A 470 1.34 -15.40 18.42
N ASP A 471 2.47 -15.18 19.11
CA ASP A 471 2.49 -14.35 20.30
C ASP A 471 3.64 -13.37 20.13
N MET A 472 3.31 -12.09 19.96
CA MET A 472 4.35 -11.08 19.78
C MET A 472 5.34 -11.10 20.94
N ASN A 473 4.86 -11.47 22.13
CA ASN A 473 5.71 -11.54 23.32
C ASN A 473 6.54 -12.81 23.40
N ALA A 474 6.31 -13.80 22.54
CA ALA A 474 7.02 -15.06 22.62
C ALA A 474 8.23 -15.05 21.67
N ASP A 475 9.13 -16.01 21.88
CA ASP A 475 10.38 -16.08 21.14
C ASP A 475 10.18 -16.77 19.79
N ASP A 476 11.29 -16.89 19.03
CA ASP A 476 11.19 -17.41 17.68
C ASP A 476 10.89 -18.90 17.65
N ALA A 477 11.37 -19.66 18.63
CA ALA A 477 11.03 -21.06 18.72
C ALA A 477 9.52 -21.24 18.74
N PHE A 478 8.83 -20.47 19.57
CA PHE A 478 7.38 -20.62 19.66
C PHE A 478 6.73 -20.23 18.35
N ASN A 479 7.08 -19.06 17.82
CA ASN A 479 6.33 -18.52 16.69
C ASN A 479 6.63 -19.28 15.40
N TYR A 480 7.87 -19.73 15.20
CA TYR A 480 8.13 -20.54 14.01
C TYR A 480 7.44 -21.90 14.12
N GLY A 481 7.45 -22.48 15.32
CA GLY A 481 6.85 -23.79 15.48
C GLY A 481 5.35 -23.76 15.30
N ALA A 482 4.71 -22.63 15.64
CA ALA A 482 3.27 -22.51 15.56
C ALA A 482 2.88 -21.87 14.23
N ILE A 483 2.69 -20.54 14.19
CA ILE A 483 2.24 -19.89 12.94
C ILE A 483 3.22 -20.15 11.79
N GLY A 484 4.50 -20.28 12.07
CA GLY A 484 5.45 -20.52 10.98
C GLY A 484 5.15 -21.80 10.20
N VAL A 485 4.85 -22.90 10.91
CA VAL A 485 4.48 -24.15 10.23
C VAL A 485 3.15 -23.99 9.48
N VAL A 486 2.17 -23.31 10.09
CA VAL A 486 0.85 -23.11 9.48
C VAL A 486 1.00 -22.34 8.16
N ILE A 487 1.81 -21.27 8.17
CA ILE A 487 2.02 -20.52 6.94
C ILE A 487 2.78 -21.36 5.92
N GLY A 488 3.86 -22.03 6.35
CA GLY A 488 4.59 -22.86 5.39
C GLY A 488 3.73 -23.95 4.77
N HIS A 489 2.84 -24.55 5.56
CA HIS A 489 1.86 -25.48 5.01
C HIS A 489 1.06 -24.84 3.88
N GLU A 490 0.49 -23.65 4.14
CA GLU A 490 -0.29 -22.97 3.09
C GLU A 490 0.59 -22.66 1.87
N MET A 491 1.86 -22.32 2.10
CA MET A 491 2.74 -21.99 1.00
CA MET A 491 2.76 -22.00 1.01
C MET A 491 2.87 -23.15 0.02
N THR A 492 2.87 -24.40 0.51
CA THR A 492 3.07 -25.53 -0.40
C THR A 492 1.89 -25.69 -1.36
N HIS A 493 0.73 -25.09 -1.05
CA HIS A 493 -0.38 -25.18 -1.99
C HIS A 493 -0.16 -24.37 -3.26
N GLY A 494 0.90 -23.58 -3.35
CA GLY A 494 1.20 -22.99 -4.62
C GLY A 494 1.96 -23.92 -5.55
N PHE A 495 2.32 -25.12 -5.07
CA PHE A 495 3.32 -25.93 -5.73
C PHE A 495 3.02 -27.42 -5.71
N ASP A 496 1.92 -27.83 -5.11
CA ASP A 496 1.57 -29.23 -4.95
C ASP A 496 0.65 -29.64 -6.10
N ASP A 497 -0.11 -30.72 -5.90
CA ASP A 497 -0.96 -31.22 -6.98
C ASP A 497 -2.07 -30.23 -7.35
N GLN A 498 -2.47 -29.36 -6.42
CA GLN A 498 -3.40 -28.30 -6.77
C GLN A 498 -2.68 -27.07 -7.31
N GLY A 499 -1.63 -26.60 -6.63
CA GLY A 499 -0.99 -25.37 -7.07
C GLY A 499 -0.32 -25.45 -8.43
N ARG A 500 0.04 -26.66 -8.88
CA ARG A 500 0.69 -26.82 -10.18
C ARG A 500 -0.23 -26.54 -11.35
N GLN A 501 -1.53 -26.33 -11.12
CA GLN A 501 -2.47 -26.01 -12.18
C GLN A 501 -2.58 -24.52 -12.45
N PHE A 502 -1.89 -23.66 -11.67
CA PHE A 502 -2.00 -22.21 -11.77
C PHE A 502 -0.61 -21.60 -11.92
N ASP A 503 -0.49 -20.60 -12.81
CA ASP A 503 0.75 -19.84 -12.90
C ASP A 503 0.78 -18.77 -11.80
N LYS A 504 1.83 -17.95 -11.79
CA LYS A 504 1.98 -16.96 -10.72
C LYS A 504 0.97 -15.83 -10.80
N ASP A 505 0.22 -15.69 -11.89
CA ASP A 505 -0.85 -14.71 -11.94
C ASP A 505 -2.22 -15.29 -11.55
N GLY A 506 -2.29 -16.57 -11.20
CA GLY A 506 -3.56 -17.17 -10.89
C GLY A 506 -4.34 -17.64 -12.11
N ASN A 507 -3.71 -17.70 -13.26
CA ASN A 507 -4.36 -18.20 -14.46
C ASN A 507 -4.10 -19.70 -14.60
N LEU A 508 -5.05 -20.37 -15.25
CA LEU A 508 -4.96 -21.82 -15.41
C LEU A 508 -3.80 -22.16 -16.33
N LYS A 509 -2.82 -22.90 -15.82
CA LYS A 509 -1.73 -23.41 -16.65
C LYS A 509 -1.09 -24.55 -15.89
N ASP A 510 -0.95 -25.71 -16.53
CA ASP A 510 -0.26 -26.84 -15.89
C ASP A 510 1.23 -26.71 -16.18
N TRP A 511 2.02 -26.37 -15.18
CA TRP A 511 3.45 -26.13 -15.38
C TRP A 511 4.35 -27.27 -14.88
N TRP A 512 3.77 -28.39 -14.43
CA TRP A 512 4.57 -29.58 -14.17
C TRP A 512 4.83 -30.33 -15.47
N THR A 513 6.02 -30.92 -15.57
CA THR A 513 6.29 -31.86 -16.64
C THR A 513 5.68 -33.22 -16.31
N ALA A 514 5.71 -34.14 -17.27
CA ALA A 514 5.24 -35.50 -16.98
C ALA A 514 6.14 -36.17 -15.95
N SER A 515 7.44 -35.91 -16.03
CA SER A 515 8.36 -36.45 -15.03
C SER A 515 8.05 -35.88 -13.64
N ASP A 516 7.81 -34.57 -13.55
CA ASP A 516 7.45 -33.98 -12.27
C ASP A 516 6.24 -34.70 -11.66
N ALA A 517 5.21 -34.90 -12.47
CA ALA A 517 3.99 -35.51 -11.98
C ALA A 517 4.23 -36.95 -11.51
N GLU A 518 4.97 -37.75 -12.28
CA GLU A 518 5.22 -39.14 -11.88
C GLU A 518 6.01 -39.21 -10.58
N LYS A 519 7.07 -38.41 -10.49
CA LYS A 519 7.93 -38.50 -9.31
C LYS A 519 7.26 -37.91 -8.09
N PHE A 520 6.44 -36.88 -8.27
CA PHE A 520 5.67 -36.36 -7.13
C PHE A 520 4.79 -37.45 -6.54
N GLN A 521 4.06 -38.17 -7.40
CA GLN A 521 3.18 -39.22 -6.89
C GLN A 521 3.97 -40.34 -6.23
N GLU A 522 5.15 -40.65 -6.76
CA GLU A 522 6.04 -41.61 -6.12
C GLU A 522 6.38 -41.20 -4.69
N ARG A 523 6.81 -39.94 -4.50
CA ARG A 523 7.08 -39.44 -3.14
C ARG A 523 5.82 -39.39 -2.30
N ALA A 524 4.70 -38.97 -2.90
CA ALA A 524 3.47 -38.81 -2.13
C ALA A 524 2.95 -40.15 -1.64
N LYS A 525 3.15 -41.22 -2.41
CA LYS A 525 2.68 -42.54 -2.01
C LYS A 525 3.31 -42.98 -0.68
N VAL A 526 4.54 -42.57 -0.40
CA VAL A 526 5.15 -42.87 0.89
C VAL A 526 4.27 -42.35 2.02
N MET A 527 3.74 -41.13 1.85
CA MET A 527 2.90 -40.53 2.90
C MET A 527 1.52 -41.19 2.98
N SER A 528 0.90 -41.47 1.82
CA SER A 528 -0.44 -42.04 1.85
C SER A 528 -0.42 -43.45 2.41
N ASP A 529 0.60 -44.24 2.06
CA ASP A 529 0.74 -45.56 2.66
C ASP A 529 0.91 -45.48 4.18
N PHE A 530 1.73 -44.53 4.63
CA PHE A 530 1.98 -44.37 6.06
C PHE A 530 0.69 -44.07 6.80
N PHE A 531 -0.07 -43.10 6.31
CA PHE A 531 -1.31 -42.75 7.01
C PHE A 531 -2.35 -43.85 6.90
N ASP A 532 -2.36 -44.60 5.78
CA ASP A 532 -3.24 -45.77 5.69
C ASP A 532 -3.07 -46.69 6.89
N ASN A 533 -1.87 -46.80 7.43
CA ASN A 533 -1.60 -47.78 8.48
C ASN A 533 -1.79 -47.25 9.89
N ILE A 534 -2.25 -46.01 10.03
CA ILE A 534 -2.53 -45.44 11.34
C ILE A 534 -3.92 -45.89 11.79
N GLU A 535 -4.03 -46.42 13.01
CA GLU A 535 -5.35 -46.65 13.61
C GLU A 535 -5.76 -45.42 14.40
N VAL A 536 -6.73 -44.67 13.88
CA VAL A 536 -7.22 -43.49 14.58
C VAL A 536 -8.16 -43.87 15.71
N ALA A 537 -8.63 -45.11 15.69
CA ALA A 537 -9.44 -45.71 16.72
C ALA A 537 -9.26 -47.20 16.59
N PRO A 538 -9.57 -47.98 17.63
CA PRO A 538 -9.32 -49.42 17.54
C PRO A 538 -10.05 -50.01 16.33
N GLY A 539 -9.28 -50.61 15.43
CA GLY A 539 -9.89 -51.22 14.25
C GLY A 539 -10.38 -50.23 13.22
N VAL A 540 -9.91 -48.99 13.25
CA VAL A 540 -10.31 -47.95 12.29
C VAL A 540 -9.06 -47.25 11.78
N HIS A 541 -8.81 -47.33 10.46
CA HIS A 541 -7.61 -46.75 9.88
C HIS A 541 -7.92 -45.41 9.21
N ALA A 542 -6.91 -44.54 9.22
CA ALA A 542 -6.95 -43.26 8.51
C ALA A 542 -7.02 -43.49 7.01
N ASN A 543 -7.50 -42.47 6.31
CA ASN A 543 -7.64 -42.49 4.86
C ASN A 543 -6.45 -41.73 4.29
N GLY A 544 -5.38 -42.47 3.99
CA GLY A 544 -4.15 -41.82 3.60
C GLY A 544 -4.26 -41.12 2.26
N LYS A 545 -5.04 -41.67 1.33
CA LYS A 545 -5.18 -40.97 0.05
C LYS A 545 -6.08 -39.75 0.17
N PHE A 546 -7.18 -39.83 0.94
CA PHE A 546 -8.11 -38.72 1.02
C PHE A 546 -7.49 -37.51 1.72
N THR A 547 -6.66 -37.72 2.74
CA THR A 547 -6.05 -36.61 3.45
C THR A 547 -4.68 -36.23 2.89
N LEU A 548 -4.28 -36.76 1.73
CA LEU A 548 -2.92 -36.57 1.25
C LEU A 548 -2.57 -35.10 1.01
N GLY A 549 -3.49 -34.33 0.43
CA GLY A 549 -3.20 -32.93 0.17
C GLY A 549 -2.81 -32.21 1.45
N GLU A 550 -3.44 -32.57 2.57
CA GLU A 550 -3.15 -31.89 3.83
C GLU A 550 -1.95 -32.47 4.57
N THR A 551 -1.72 -33.79 4.47
CA THR A 551 -0.57 -34.36 5.18
C THR A 551 0.75 -34.00 4.49
N LEU A 552 0.77 -33.94 3.15
CA LEU A 552 1.97 -33.47 2.47
C LEU A 552 2.25 -32.02 2.83
N ALA A 553 1.20 -31.20 2.96
CA ALA A 553 1.39 -29.79 3.26
C ALA A 553 1.88 -29.58 4.69
N ASP A 554 1.40 -30.38 5.67
CA ASP A 554 1.94 -30.24 7.03
C ASP A 554 3.40 -30.63 7.05
N TYR A 555 3.74 -31.71 6.33
CA TYR A 555 5.12 -32.13 6.21
C TYR A 555 5.98 -30.98 5.68
N GLY A 556 5.51 -30.36 4.60
CA GLY A 556 6.24 -29.24 4.03
C GLY A 556 6.36 -28.07 4.99
N GLY A 557 5.25 -27.71 5.65
CA GLY A 557 5.32 -26.61 6.59
C GLY A 557 6.32 -26.85 7.71
N LEU A 558 6.33 -28.08 8.24
CA LEU A 558 7.33 -28.45 9.25
C LEU A 558 8.76 -28.26 8.75
N GLN A 559 9.08 -28.79 7.56
CA GLN A 559 10.47 -28.70 7.09
C GLN A 559 10.82 -27.26 6.73
N ILE A 560 9.86 -26.52 6.16
CA ILE A 560 10.13 -25.13 5.76
C ILE A 560 10.34 -24.27 6.98
N SER A 561 9.42 -24.36 7.94
CA SER A 561 9.53 -23.45 9.07
C SER A 561 10.72 -23.81 9.96
N TYR A 562 10.95 -25.10 10.17
CA TYR A 562 12.12 -25.48 10.96
C TYR A 562 13.42 -24.95 10.32
N GLN A 563 13.54 -25.07 9.00
CA GLN A 563 14.75 -24.58 8.35
C GLN A 563 14.88 -23.06 8.49
N ALA A 564 13.79 -22.33 8.28
CA ALA A 564 13.80 -20.89 8.47
C ALA A 564 14.13 -20.52 9.93
N PHE A 565 13.62 -21.30 10.88
CA PHE A 565 13.86 -21.06 12.29
C PHE A 565 15.34 -21.16 12.61
N LYS A 566 15.97 -22.24 12.15
CA LYS A 566 17.41 -22.42 12.38
C LYS A 566 18.22 -21.33 11.70
N ASN A 567 17.78 -20.85 10.53
CA ASN A 567 18.43 -19.70 9.90
C ASN A 567 18.25 -18.44 10.73
N ALA A 568 17.06 -18.22 11.28
CA ALA A 568 16.79 -16.99 12.02
C ALA A 568 17.57 -16.92 13.33
N ILE A 569 17.82 -18.05 13.99
CA ILE A 569 18.51 -18.04 15.28
C ILE A 569 19.99 -18.38 15.13
N ALA A 570 20.48 -18.52 13.90
CA ALA A 570 21.88 -18.83 13.67
C ALA A 570 22.76 -17.81 14.39
N GLY A 571 23.76 -18.31 15.11
CA GLY A 571 24.71 -17.45 15.78
C GLY A 571 24.15 -16.71 16.98
N LYS A 572 23.15 -17.27 17.64
CA LYS A 572 22.64 -16.71 18.88
C LYS A 572 22.72 -17.74 20.00
N THR A 573 22.74 -17.25 21.23
CA THR A 573 22.89 -18.13 22.38
C THR A 573 21.59 -18.90 22.63
N LEU A 574 21.71 -20.21 22.69
CA LEU A 574 20.59 -21.06 23.07
C LEU A 574 20.34 -20.95 24.57
N GLU A 575 19.11 -20.68 24.97
CA GLU A 575 18.73 -20.77 26.38
C GLU A 575 17.57 -21.74 26.50
N ASN A 576 17.67 -22.68 27.43
CA ASN A 576 16.55 -23.56 27.71
C ASN A 576 15.51 -22.78 28.50
N LYS A 577 14.24 -23.08 28.25
CA LYS A 577 13.13 -22.45 28.97
C LYS A 577 12.13 -23.53 29.34
N LEU A 578 11.65 -23.50 30.60
CA LEU A 578 10.85 -24.60 31.15
C LEU A 578 11.59 -25.94 31.03
N GLY A 579 12.93 -25.91 31.01
CA GLY A 579 13.73 -27.10 30.83
C GLY A 579 13.82 -27.64 29.41
N PHE A 580 13.29 -26.92 28.41
CA PHE A 580 13.28 -27.36 27.03
C PHE A 580 14.25 -26.56 26.18
N THR A 581 14.95 -27.25 25.27
CA THR A 581 15.79 -26.54 24.31
C THR A 581 14.92 -25.79 23.28
N PRO A 582 15.49 -24.80 22.58
CA PRO A 582 14.70 -24.11 21.54
C PRO A 582 14.12 -25.07 20.50
N ASP A 583 14.88 -26.08 20.08
CA ASP A 583 14.36 -27.04 19.11
C ASP A 583 13.17 -27.83 19.68
N GLN A 584 13.24 -28.20 20.97
CA GLN A 584 12.11 -28.90 21.58
C GLN A 584 10.88 -27.99 21.67
N ARG A 585 11.08 -26.71 21.99
CA ARG A 585 9.94 -25.81 22.07
C ARG A 585 9.26 -25.64 20.71
N PHE A 586 10.06 -25.61 19.63
CA PHE A 586 9.50 -25.52 18.27
C PHE A 586 8.46 -26.62 18.07
N PHE A 587 8.80 -27.86 18.41
CA PHE A 587 7.86 -28.95 18.17
C PHE A 587 6.72 -28.96 19.18
N LEU A 588 6.96 -28.51 20.43
CA LEU A 588 5.84 -28.38 21.36
C LEU A 588 4.86 -27.28 20.90
N ALA A 589 5.37 -26.19 20.31
CA ALA A 589 4.47 -25.13 19.84
C ALA A 589 3.66 -25.59 18.63
N TYR A 590 4.32 -26.33 17.72
CA TYR A 590 3.61 -26.95 16.60
C TYR A 590 2.45 -27.80 17.07
N ALA A 591 2.71 -28.69 18.04
CA ALA A 591 1.64 -29.57 18.50
C ALA A 591 0.48 -28.78 19.07
N GLY A 592 0.78 -27.67 19.76
CA GLY A 592 -0.24 -26.85 20.38
C GLY A 592 -1.19 -26.20 19.40
N VAL A 593 -0.75 -25.98 18.16
CA VAL A 593 -1.65 -25.43 17.14
C VAL A 593 -2.80 -26.37 16.89
N TRP A 594 -2.58 -27.67 17.06
CA TRP A 594 -3.57 -28.69 16.83
C TRP A 594 -4.16 -29.26 18.11
N ALA A 595 -3.93 -28.61 19.25
CA ALA A 595 -4.58 -29.06 20.47
C ALA A 595 -6.09 -29.08 20.24
N GLY A 596 -6.74 -30.11 20.77
CA GLY A 596 -8.16 -30.24 20.56
C GLY A 596 -8.74 -31.42 21.34
N ASN A 597 -10.02 -31.30 21.61
CA ASN A 597 -10.85 -32.34 22.19
C ASN A 597 -11.86 -32.75 21.14
N ILE A 598 -12.09 -34.05 20.97
CA ILE A 598 -13.00 -34.54 19.94
C ILE A 598 -13.76 -35.74 20.47
N ARG A 599 -15.07 -35.78 20.20
CA ARG A 599 -15.88 -36.91 20.61
C ARG A 599 -15.56 -38.13 19.75
N ASP A 600 -15.89 -39.30 20.31
CA ASP A 600 -15.63 -40.56 19.61
C ASP A 600 -16.38 -40.62 18.29
N GLU A 601 -17.69 -40.31 18.32
CA GLU A 601 -18.44 -40.29 17.08
C GLU A 601 -17.90 -39.22 16.13
N GLU A 602 -17.36 -38.12 16.66
CA GLU A 602 -16.80 -37.09 15.78
C GLU A 602 -15.51 -37.57 15.13
N ILE A 603 -14.75 -38.44 15.82
CA ILE A 603 -13.56 -39.03 15.20
C ILE A 603 -13.97 -39.86 14.00
N LEU A 604 -15.05 -40.63 14.14
CA LEU A 604 -15.48 -41.48 13.04
C LEU A 604 -15.96 -40.65 11.84
N ARG A 605 -16.82 -39.67 12.08
CA ARG A 605 -17.36 -38.89 10.97
C ARG A 605 -16.28 -38.07 10.25
N ARG A 606 -15.39 -37.43 10.99
CA ARG A 606 -14.36 -36.64 10.32
C ARG A 606 -13.47 -37.52 9.47
N THR A 607 -13.24 -38.75 9.93
CA THR A 607 -12.51 -39.72 9.11
C THR A 607 -13.24 -40.00 7.79
N LYS A 608 -14.57 -40.02 7.81
CA LYS A 608 -15.33 -40.22 6.59
C LYS A 608 -15.26 -39.01 5.66
N THR A 609 -15.39 -37.80 6.24
CA THR A 609 -15.76 -36.60 5.50
C THR A 609 -14.69 -35.51 5.42
N ASP A 610 -13.75 -35.44 6.37
CA ASP A 610 -12.85 -34.29 6.51
C ASP A 610 -11.55 -34.51 5.74
N PRO A 611 -11.21 -33.64 4.78
CA PRO A 611 -9.92 -33.80 4.07
C PRO A 611 -8.69 -33.45 4.89
N HIS A 612 -8.84 -32.92 6.11
CA HIS A 612 -7.72 -32.70 7.02
C HIS A 612 -7.56 -33.89 7.95
N ALA A 613 -6.32 -34.25 8.23
CA ALA A 613 -6.14 -35.27 9.24
C ALA A 613 -6.57 -34.71 10.60
N LEU A 614 -6.95 -35.61 11.50
CA LEU A 614 -7.36 -35.12 12.80
CA LEU A 614 -7.32 -35.23 12.87
C LEU A 614 -6.16 -34.53 13.55
N GLY A 615 -6.47 -33.63 14.51
CA GLY A 615 -5.42 -32.91 15.22
C GLY A 615 -4.30 -33.81 15.73
N LYS A 616 -4.67 -34.95 16.34
CA LYS A 616 -3.67 -35.82 16.94
C LYS A 616 -2.72 -36.41 15.91
N TRP A 617 -3.24 -36.88 14.77
CA TRP A 617 -2.36 -37.48 13.77
C TRP A 617 -1.69 -36.45 12.89
N ARG A 618 -2.21 -35.21 12.83
CA ARG A 618 -1.41 -34.13 12.27
C ARG A 618 -0.13 -33.95 13.04
N VAL A 619 -0.08 -34.43 14.28
CA VAL A 619 1.15 -34.36 15.05
C VAL A 619 1.81 -35.73 15.01
N ASP A 620 1.12 -36.76 15.48
CA ASP A 620 1.79 -38.05 15.66
C ASP A 620 2.12 -38.74 14.33
N GLY A 621 1.42 -38.42 13.26
CA GLY A 621 1.75 -39.01 11.97
C GLY A 621 2.73 -38.20 11.13
N GLU A 622 3.00 -36.96 11.52
CA GLU A 622 3.90 -36.08 10.78
C GLU A 622 5.31 -36.08 11.35
N LEU A 623 5.44 -35.90 12.66
CA LEU A 623 6.78 -35.77 13.23
C LEU A 623 7.71 -36.97 12.97
N PRO A 624 7.24 -38.22 12.89
CA PRO A 624 8.19 -39.31 12.56
C PRO A 624 8.84 -39.20 11.19
N HIS A 625 8.42 -38.24 10.38
CA HIS A 625 9.04 -38.00 9.09
C HIS A 625 10.02 -36.83 9.11
N ILE A 626 10.22 -36.20 10.27
CA ILE A 626 11.01 -34.97 10.40
C ILE A 626 12.29 -35.32 11.16
N ASP A 627 13.42 -35.37 10.46
CA ASP A 627 14.70 -35.71 11.12
C ASP A 627 14.97 -34.85 12.35
N ALA A 628 14.67 -33.56 12.26
CA ALA A 628 14.97 -32.63 13.35
C ALA A 628 14.23 -32.99 14.63
N TRP A 629 13.05 -33.59 14.51
CA TRP A 629 12.31 -34.00 15.69
C TRP A 629 13.02 -35.12 16.45
N TYR A 630 13.56 -36.12 15.72
CA TYR A 630 14.35 -37.16 16.38
C TYR A 630 15.50 -36.58 17.17
N GLN A 631 16.23 -35.63 16.57
CA GLN A 631 17.37 -35.00 17.26
C GLN A 631 16.91 -34.18 18.45
N ALA A 632 15.81 -33.44 18.31
CA ALA A 632 15.35 -32.55 19.37
C ALA A 632 14.97 -33.32 20.63
N PHE A 633 14.29 -34.46 20.48
CA PHE A 633 13.80 -35.22 21.63
C PHE A 633 14.53 -36.53 21.86
N GLY A 634 15.64 -36.78 21.17
CA GLY A 634 16.41 -38.00 21.43
C GLY A 634 15.66 -39.27 21.10
N ILE A 635 14.91 -39.25 20.02
CA ILE A 635 14.09 -40.39 19.63
C ILE A 635 14.98 -41.42 18.97
N THR A 636 14.91 -42.64 19.46
CA THR A 636 15.80 -43.69 18.98
C THR A 636 15.00 -44.79 18.30
N GLU A 637 15.77 -45.78 17.81
CA GLU A 637 15.23 -46.98 17.21
C GLU A 637 14.26 -47.71 18.11
N ASN A 638 14.37 -47.52 19.43
CA ASN A 638 13.54 -48.19 20.41
C ASN A 638 12.24 -47.47 20.71
N SER A 639 12.01 -46.27 20.15
CA SER A 639 10.80 -45.50 20.36
C SER A 639 9.66 -46.03 19.50
N PRO A 640 8.45 -46.14 20.04
CA PRO A 640 7.32 -46.64 19.24
C PRO A 640 7.01 -45.80 18.01
N MET A 641 7.24 -44.48 18.06
CA MET A 641 6.97 -43.63 16.90
C MET A 641 8.11 -43.62 15.88
N TYR A 642 9.25 -44.24 16.18
CA TYR A 642 10.38 -44.17 15.28
C TYR A 642 10.08 -44.88 13.97
N ILE A 643 10.46 -44.26 12.85
CA ILE A 643 10.58 -45.00 11.60
C ILE A 643 11.95 -44.71 11.02
N ALA A 644 12.48 -45.71 10.30
CA ALA A 644 13.84 -45.63 9.80
C ALA A 644 13.98 -44.50 8.79
N LYS A 645 15.18 -43.93 8.73
CA LYS A 645 15.44 -42.79 7.85
C LYS A 645 14.94 -43.06 6.43
N GLU A 646 15.28 -44.23 5.88
CA GLU A 646 14.93 -44.51 4.49
C GLU A 646 13.43 -44.69 4.26
N LYS A 647 12.62 -44.75 5.32
CA LYS A 647 11.16 -44.82 5.16
C LYS A 647 10.47 -43.48 5.33
N ARG A 648 11.21 -42.41 5.62
CA ARG A 648 10.54 -41.15 5.86
C ARG A 648 10.25 -40.42 4.56
N VAL A 649 9.17 -39.64 4.58
CA VAL A 649 8.79 -38.84 3.41
C VAL A 649 9.89 -37.83 3.08
N THR A 650 10.05 -37.58 1.77
CA THR A 650 11.09 -36.66 1.29
C THR A 650 10.58 -35.65 0.27
N ILE A 651 9.26 -35.38 0.25
CA ILE A 651 8.65 -34.64 -0.86
C ILE A 651 8.94 -33.14 -0.83
N TRP A 652 9.33 -32.57 0.32
N TRP A 652 9.30 -32.57 0.33
CA TRP A 652 9.60 -31.12 0.41
CA TRP A 652 9.60 -31.12 0.41
C TRP A 652 10.94 -30.87 1.10
C TRP A 652 10.91 -30.92 1.16
N LEU B 1 -18.22 21.27 -13.97
CA LEU B 1 -17.70 20.03 -14.51
C LEU B 1 -16.17 20.04 -14.54
N THR B 2 -15.62 19.57 -15.67
CA THR B 2 -14.22 19.83 -16.00
C THR B 2 -14.19 20.50 -17.37
N ASP B 3 -14.94 21.58 -17.54
CA ASP B 3 -14.99 22.24 -18.84
C ASP B 3 -14.47 23.67 -18.82
N ASP B 4 -13.73 24.07 -17.78
CA ASP B 4 -13.11 25.38 -17.83
C ASP B 4 -12.02 25.38 -18.91
N VAL B 5 -11.79 26.54 -19.51
CA VAL B 5 -10.83 26.67 -20.61
C VAL B 5 -9.38 26.56 -20.10
N GLY B 6 -9.15 26.88 -18.84
CA GLY B 6 -7.81 26.75 -18.26
C GLY B 6 -6.87 27.85 -18.63
N ILE B 7 -6.70 28.13 -19.91
CA ILE B 7 -5.82 29.23 -20.24
C ILE B 7 -6.49 30.54 -19.83
N ARG B 8 -5.66 31.57 -19.64
CA ARG B 8 -6.13 32.84 -19.12
C ARG B 8 -5.80 33.92 -20.13
N ILE B 9 -6.82 34.68 -20.54
CA ILE B 9 -6.63 35.65 -21.61
C ILE B 9 -5.59 36.71 -21.24
N GLU B 10 -5.45 37.00 -19.94
CA GLU B 10 -4.46 37.98 -19.49
C GLU B 10 -3.03 37.56 -19.82
N ASN B 11 -2.77 36.26 -19.99
CA ASN B 11 -1.41 35.81 -20.32
C ASN B 11 -1.04 36.07 -21.77
N LEU B 12 -2.02 36.22 -22.66
CA LEU B 12 -1.70 36.31 -24.06
C LEU B 12 -1.30 37.72 -24.46
N ASP B 13 -0.67 37.81 -25.63
CA ASP B 13 -0.44 39.08 -26.34
C ASP B 13 -1.01 38.87 -27.73
N THR B 14 -2.30 39.17 -27.92
CA THR B 14 -2.94 38.85 -29.20
C THR B 14 -2.59 39.82 -30.33
N THR B 15 -1.77 40.84 -30.09
CA THR B 15 -1.27 41.60 -31.23
C THR B 15 -0.09 40.93 -31.91
N ALA B 16 0.54 39.95 -31.26
CA ALA B 16 1.64 39.21 -31.84
C ALA B 16 1.14 38.25 -32.92
N ASN B 17 2.00 37.93 -33.87
CA ASN B 17 1.64 36.95 -34.89
C ASN B 17 2.00 35.55 -34.37
N PRO B 18 1.04 34.62 -34.31
CA PRO B 18 1.37 33.29 -33.81
C PRO B 18 2.48 32.62 -34.60
N GLY B 19 2.56 32.87 -35.91
CA GLY B 19 3.57 32.33 -36.77
C GLY B 19 4.87 33.10 -36.81
N THR B 20 4.98 34.19 -36.08
CA THR B 20 6.23 34.93 -35.97
C THR B 20 6.93 34.67 -34.64
N ASP B 21 6.22 34.81 -33.53
CA ASP B 21 6.79 34.51 -32.20
C ASP B 21 5.65 33.92 -31.37
N PHE B 22 5.51 32.60 -31.42
CA PHE B 22 4.35 32.02 -30.77
C PHE B 22 4.40 32.22 -29.26
N TYR B 23 5.60 32.17 -28.70
CA TYR B 23 5.78 32.42 -27.28
C TYR B 23 5.26 33.79 -26.88
N GLN B 24 5.56 34.82 -27.68
CA GLN B 24 5.05 36.15 -27.37
C GLN B 24 3.53 36.18 -27.45
N TYR B 25 2.96 35.54 -28.47
CA TYR B 25 1.52 35.47 -28.61
C TYR B 25 0.87 34.80 -27.40
N ALA B 26 1.44 33.67 -26.96
CA ALA B 26 0.81 32.88 -25.92
C ALA B 26 1.11 33.35 -24.50
N CYS B 27 2.21 34.09 -24.30
CA CYS B 27 2.71 34.41 -22.96
C CYS B 27 3.08 35.87 -22.79
N GLY B 28 2.95 36.68 -23.84
CA GLY B 28 3.41 38.06 -23.77
C GLY B 28 2.73 38.86 -22.69
N GLY B 29 1.47 38.56 -22.39
CA GLY B 29 0.81 39.23 -21.27
C GLY B 29 1.40 38.80 -19.93
N TRP B 30 1.65 37.50 -19.74
CA TRP B 30 2.30 37.02 -18.53
C TRP B 30 3.63 37.72 -18.31
N ILE B 31 4.42 37.85 -19.37
CA ILE B 31 5.71 38.55 -19.29
C ILE B 31 5.51 39.97 -18.77
N LYS B 32 4.59 40.72 -19.38
CA LYS B 32 4.34 42.10 -18.96
C LYS B 32 3.86 42.18 -17.51
N ASN B 33 3.12 41.19 -17.06
CA ASN B 33 2.46 41.24 -15.76
C ASN B 33 3.27 40.68 -14.60
N HIS B 34 4.47 40.12 -14.85
CA HIS B 34 5.30 39.54 -13.79
C HIS B 34 6.74 40.03 -13.90
N PRO B 35 6.98 41.32 -13.63
CA PRO B 35 8.36 41.80 -13.62
C PRO B 35 9.17 41.13 -12.52
N LEU B 36 10.47 40.99 -12.77
CA LEU B 36 11.39 40.45 -11.76
C LEU B 36 11.63 41.42 -10.61
N THR B 37 11.69 40.88 -9.40
CA THR B 37 12.00 41.67 -8.21
C THR B 37 13.51 41.67 -7.96
N SER B 41 16.65 36.62 -10.77
CA SER B 41 17.38 36.21 -11.97
C SER B 41 16.47 35.60 -13.05
N ARG B 42 15.64 34.63 -12.64
CA ARG B 42 14.61 34.08 -13.52
C ARG B 42 13.41 33.72 -12.65
N PHE B 43 12.22 34.11 -13.10
CA PHE B 43 10.99 33.81 -12.40
C PHE B 43 9.94 33.41 -13.42
N GLY B 44 9.48 32.17 -13.36
CA GLY B 44 8.47 31.68 -14.28
C GLY B 44 7.24 31.09 -13.59
N SER B 45 6.32 30.54 -14.38
CA SER B 45 5.08 30.00 -13.80
C SER B 45 5.34 28.79 -12.91
N PHE B 46 6.45 28.08 -13.12
CA PHE B 46 6.85 27.04 -12.18
C PHE B 46 7.28 27.64 -10.84
N ASP B 47 8.01 28.76 -10.85
CA ASP B 47 8.41 29.42 -9.61
C ASP B 47 7.21 30.03 -8.88
N LYS B 48 6.27 30.59 -9.64
CA LYS B 48 5.04 31.10 -9.06
C LYS B 48 4.24 29.98 -8.39
N LEU B 49 4.16 28.81 -9.04
CA LEU B 49 3.54 27.65 -8.43
C LEU B 49 4.28 27.23 -7.16
N SER B 50 5.62 27.20 -7.23
CA SER B 50 6.40 26.89 -6.03
C SER B 50 6.04 27.84 -4.90
N GLU B 51 5.87 29.12 -5.22
CA GLU B 51 5.48 30.10 -4.20
C GLU B 51 4.13 29.78 -3.61
N ASP B 52 3.11 29.62 -4.46
CA ASP B 52 1.77 29.29 -4.00
C ASP B 52 1.77 28.04 -3.12
N ASN B 53 2.60 27.07 -3.46
CA ASN B 53 2.62 25.82 -2.72
C ASN B 53 3.15 26.03 -1.31
N ARG B 54 4.13 26.92 -1.12
CA ARG B 54 4.61 27.20 0.23
C ARG B 54 3.50 27.85 1.07
N GLU B 55 2.69 28.73 0.46
CA GLU B 55 1.57 29.34 1.17
C GLU B 55 0.48 28.32 1.47
N GLN B 56 0.28 27.37 0.55
CA GLN B 56 -0.68 26.30 0.77
C GLN B 56 -0.32 25.49 2.01
N LEU B 57 0.96 25.12 2.15
CA LEU B 57 1.39 24.37 3.32
C LEU B 57 1.25 25.18 4.59
N LYS B 58 1.59 26.47 4.53
CA LYS B 58 1.46 27.34 5.70
C LYS B 58 0.03 27.38 6.20
N SER B 59 -0.93 27.65 5.31
CA SER B 59 -2.31 27.72 5.73
C SER B 59 -2.83 26.35 6.18
N LEU B 60 -2.35 25.28 5.53
CA LEU B 60 -2.79 23.92 5.87
C LEU B 60 -2.38 23.56 7.29
N ILE B 61 -1.10 23.75 7.62
CA ILE B 61 -0.63 23.38 8.94
C ILE B 61 -1.30 24.24 10.01
N GLU B 62 -1.44 25.54 9.77
CA GLU B 62 -2.14 26.38 10.73
C GLU B 62 -3.59 25.93 10.91
N GLU B 63 -4.25 25.52 9.81
CA GLU B 63 -5.62 25.05 9.92
C GLU B 63 -5.69 23.77 10.75
N ILE B 64 -4.75 22.85 10.52
CA ILE B 64 -4.73 21.60 11.26
C ILE B 64 -4.53 21.88 12.74
N ALA B 65 -3.56 22.75 13.04
CA ALA B 65 -3.22 23.04 14.42
C ALA B 65 -4.29 23.86 15.10
N GLY B 66 -5.19 24.47 14.33
CA GLY B 66 -6.22 25.32 14.90
C GLY B 66 -7.36 24.63 15.62
N LYS B 67 -7.36 23.29 15.66
CA LYS B 67 -8.36 22.51 16.39
C LYS B 67 -7.69 21.28 16.98
N GLU B 68 -8.28 20.75 18.04
CA GLU B 68 -7.79 19.50 18.61
C GLU B 68 -8.41 18.34 17.84
N HIS B 69 -7.61 17.30 17.58
CA HIS B 69 -8.06 16.18 16.77
C HIS B 69 -8.05 14.88 17.57
N GLU B 70 -8.75 13.88 17.02
CA GLU B 70 -8.79 12.56 17.63
C GLU B 70 -7.38 12.03 17.86
N HIS B 71 -7.11 11.58 19.08
CA HIS B 71 -5.75 11.15 19.39
C HIS B 71 -5.34 9.96 18.53
N GLY B 72 -4.14 10.03 18.00
CA GLY B 72 -3.59 8.98 17.18
C GLY B 72 -3.75 9.19 15.68
N THR B 73 -4.59 10.13 15.27
CA THR B 73 -4.75 10.43 13.85
C THR B 73 -3.59 11.29 13.39
N VAL B 74 -3.32 11.28 12.07
CA VAL B 74 -2.19 12.10 11.61
C VAL B 74 -2.47 13.56 11.84
N ALA B 75 -3.75 13.99 11.82
CA ALA B 75 -4.05 15.40 12.09
C ALA B 75 -3.63 15.76 13.51
N GLN B 76 -3.88 14.86 14.47
CA GLN B 76 -3.48 15.14 15.84
C GLN B 76 -1.96 15.22 15.97
N LYS B 77 -1.24 14.37 15.24
CA LYS B 77 0.22 14.39 15.34
C LYS B 77 0.79 15.69 14.76
N ILE B 78 0.27 16.13 13.63
CA ILE B 78 0.72 17.37 13.01
C ILE B 78 0.35 18.57 13.87
N GLY B 79 -0.91 18.64 14.28
CA GLY B 79 -1.38 19.79 15.04
C GLY B 79 -0.67 19.94 16.37
N ASP B 80 -0.54 18.83 17.10
CA ASP B 80 0.14 18.91 18.40
C ASP B 80 1.61 19.24 18.24
N LEU B 81 2.27 18.69 17.20
CA LEU B 81 3.69 18.98 17.06
C LEU B 81 3.88 20.46 16.77
N TYR B 82 3.04 21.02 15.88
CA TYR B 82 3.14 22.43 15.60
C TYR B 82 2.90 23.25 16.87
N ASN B 83 1.83 22.93 17.62
CA ASN B 83 1.46 23.77 18.76
C ASN B 83 2.48 23.67 19.90
N ILE B 84 3.14 22.51 20.04
CA ILE B 84 4.19 22.45 21.07
C ILE B 84 5.45 23.17 20.61
N ALA B 85 5.73 23.16 19.30
CA ALA B 85 6.84 23.95 18.77
C ALA B 85 6.63 25.43 19.00
N MET B 86 5.37 25.87 19.03
CA MET B 86 5.04 27.27 19.17
C MET B 86 4.88 27.72 20.63
N ASP B 87 4.84 26.79 21.59
CA ASP B 87 4.50 27.09 22.98
C ASP B 87 5.76 27.60 23.69
N SER B 88 6.05 28.89 23.47
N SER B 88 6.06 28.89 23.49
CA SER B 88 7.28 29.49 23.97
CA SER B 88 7.32 29.44 23.99
C SER B 88 7.33 29.53 25.50
C SER B 88 7.34 29.53 25.51
N THR B 89 6.20 29.71 26.17
CA THR B 89 6.19 29.74 27.63
C THR B 89 6.76 28.43 28.19
N LYS B 90 6.31 27.29 27.65
CA LYS B 90 6.81 26.01 28.13
C LYS B 90 8.28 25.79 27.74
N LEU B 91 8.64 26.13 26.49
CA LEU B 91 10.03 26.01 26.06
C LEU B 91 10.97 26.78 26.97
N ASN B 92 10.58 27.98 27.40
CA ASN B 92 11.50 28.77 28.21
C ASN B 92 11.52 28.33 29.67
N ALA B 93 10.38 27.89 30.21
CA ALA B 93 10.35 27.36 31.57
C ALA B 93 11.12 26.04 31.67
N ASP B 94 11.03 25.20 30.64
CA ASP B 94 11.73 23.92 30.64
C ASP B 94 13.24 24.09 30.53
N GLY B 95 13.71 25.13 29.81
CA GLY B 95 15.14 25.34 29.68
C GLY B 95 15.81 24.14 29.03
N THR B 96 16.92 23.69 29.63
CA THR B 96 17.65 22.55 29.11
C THR B 96 17.15 21.22 29.62
N SER B 97 16.18 21.18 30.54
CA SER B 97 15.77 19.92 31.15
C SER B 97 15.41 18.77 30.18
N PRO B 98 14.82 19.02 28.98
CA PRO B 98 14.54 17.87 28.11
C PRO B 98 15.77 17.12 27.67
N LEU B 99 16.96 17.73 27.74
CA LEU B 99 18.17 17.05 27.32
C LEU B 99 18.92 16.42 28.50
N LYS B 100 18.42 16.61 29.72
CA LYS B 100 19.09 16.03 30.88
C LYS B 100 19.23 14.51 30.78
N PRO B 101 18.23 13.73 30.32
CA PRO B 101 18.47 12.29 30.17
C PRO B 101 19.66 11.95 29.28
N TRP B 102 19.82 12.63 28.14
CA TRP B 102 20.97 12.35 27.28
C TRP B 102 22.26 12.76 27.95
N LEU B 103 22.31 13.96 28.55
CA LEU B 103 23.56 14.43 29.16
C LEU B 103 23.97 13.56 30.35
N ASP B 104 22.99 13.13 31.16
CA ASP B 104 23.25 12.20 32.27
C ASP B 104 23.76 10.86 31.76
N LYS B 105 23.13 10.34 30.70
CA LYS B 105 23.54 9.06 30.14
C LYS B 105 24.99 9.11 29.68
N ILE B 106 25.36 10.19 28.98
CA ILE B 106 26.73 10.35 28.51
C ILE B 106 27.70 10.43 29.68
N ALA B 107 27.30 11.11 30.77
CA ALA B 107 28.17 11.21 31.93
C ALA B 107 28.39 9.86 32.59
N THR B 108 27.50 8.88 32.40
CA THR B 108 27.75 7.59 33.04
C THR B 108 28.74 6.73 32.28
N LEU B 109 29.14 7.12 31.06
CA LEU B 109 30.14 6.34 30.33
C LEU B 109 31.44 6.30 31.10
N ASN B 110 31.91 5.10 31.42
CA ASN B 110 33.20 5.00 32.09
C ASN B 110 34.08 3.91 31.50
N ASP B 111 33.70 3.37 30.34
CA ASP B 111 34.41 2.24 29.72
C ASP B 111 34.25 2.41 28.21
N LYS B 112 35.37 2.57 27.49
CA LYS B 112 35.32 2.75 26.03
C LYS B 112 34.65 1.59 25.33
N ALA B 113 34.62 0.41 25.96
CA ALA B 113 33.90 -0.72 25.38
C ALA B 113 32.41 -0.43 25.27
N GLU B 114 31.90 0.44 26.15
CA GLU B 114 30.49 0.80 26.12
C GLU B 114 30.14 1.58 24.84
N LEU B 115 31.15 2.14 24.15
CA LEU B 115 30.85 2.99 23.01
C LEU B 115 30.15 2.22 21.89
N SER B 116 30.39 0.91 21.77
CA SER B 116 29.82 0.18 20.65
C SER B 116 28.29 0.23 20.68
N THR B 117 27.69 0.02 21.86
CA THR B 117 26.24 0.14 21.97
C THR B 117 25.80 1.59 21.98
N PHE B 118 26.56 2.45 22.67
CA PHE B 118 26.15 3.84 22.92
C PHE B 118 26.09 4.67 21.64
N LEU B 119 27.08 4.52 20.76
CA LEU B 119 27.07 5.27 19.50
C LEU B 119 25.85 4.90 18.67
N ALA B 120 25.45 3.64 18.73
CA ALA B 120 24.28 3.19 18.00
C ALA B 120 23.02 3.79 18.59
N GLU B 121 22.97 3.88 19.92
CA GLU B 121 21.81 4.50 20.56
C GLU B 121 21.72 5.97 20.18
N MET B 122 22.84 6.67 20.07
CA MET B 122 22.79 8.05 19.60
C MET B 122 22.31 8.13 18.16
N LYS B 123 22.73 7.20 17.31
CA LYS B 123 22.27 7.20 15.92
C LYS B 123 20.75 7.08 15.84
N LEU B 124 20.16 6.24 16.67
CA LEU B 124 18.71 6.05 16.62
C LEU B 124 17.96 7.32 16.99
N SER B 125 18.59 8.22 17.75
CA SER B 125 18.00 9.51 18.06
C SER B 125 18.52 10.61 17.12
N GLY B 126 19.09 10.24 15.98
CA GLY B 126 19.38 11.20 14.95
C GLY B 126 20.70 11.92 15.09
N MET B 127 21.58 11.46 15.96
CA MET B 127 22.92 12.02 16.06
C MET B 127 23.91 11.11 15.36
N SER B 128 25.01 11.68 14.86
CA SER B 128 26.01 10.91 14.13
C SER B 128 27.40 11.27 14.60
N PRO B 129 27.75 10.92 15.84
CA PRO B 129 29.13 11.12 16.27
C PRO B 129 30.09 10.24 15.46
N PHE B 130 31.22 10.83 15.07
CA PHE B 130 32.34 10.15 14.42
C PHE B 130 32.09 9.80 12.96
N PHE B 131 30.92 9.26 12.64
CA PHE B 131 30.63 8.83 11.26
C PHE B 131 29.13 8.63 11.16
N SER B 132 28.65 8.53 9.93
CA SER B 132 27.24 8.31 9.64
C SER B 132 27.01 6.90 9.12
N VAL B 133 25.75 6.44 9.25
CA VAL B 133 25.35 5.18 8.62
C VAL B 133 24.01 5.40 7.95
N TYR B 134 23.76 4.66 6.87
CA TYR B 134 22.48 4.83 6.18
C TYR B 134 22.20 3.57 5.38
N VAL B 135 20.93 3.37 5.05
CA VAL B 135 20.50 2.22 4.24
C VAL B 135 19.79 2.75 3.01
N ASP B 136 20.22 2.28 1.84
CA ASP B 136 19.59 2.68 0.59
C ASP B 136 19.92 1.63 -0.46
N ALA B 137 19.33 1.79 -1.64
CA ALA B 137 19.58 0.85 -2.74
C ALA B 137 21.07 0.72 -3.03
N ASP B 138 21.52 -0.53 -3.18
CA ASP B 138 22.90 -0.82 -3.53
C ASP B 138 23.20 -0.35 -4.95
N VAL B 139 24.21 0.53 -5.09
CA VAL B 139 24.50 1.09 -6.40
C VAL B 139 25.02 0.04 -7.37
N MET B 140 25.43 -1.12 -6.87
CA MET B 140 25.83 -2.24 -7.73
C MET B 140 24.69 -3.19 -8.02
N ASP B 141 23.57 -3.06 -7.32
CA ASP B 141 22.49 -4.04 -7.40
C ASP B 141 21.21 -3.30 -6.99
N SER B 142 20.55 -2.68 -7.98
CA SER B 142 19.47 -1.75 -7.69
C SER B 142 18.29 -2.41 -6.98
N LYS B 143 18.21 -3.73 -6.97
CA LYS B 143 17.10 -4.42 -6.29
C LYS B 143 17.41 -4.80 -4.84
N LYS B 144 18.62 -4.55 -4.34
CA LYS B 144 18.96 -4.86 -2.96
C LYS B 144 19.29 -3.58 -2.21
N ASN B 145 18.97 -3.58 -0.93
CA ASN B 145 19.42 -2.53 -0.03
C ASN B 145 20.75 -2.92 0.54
N ILE B 146 21.53 -1.92 0.94
CA ILE B 146 22.79 -2.17 1.63
C ILE B 146 22.98 -1.12 2.72
N PHE B 147 23.49 -1.57 3.86
CA PHE B 147 23.89 -0.72 4.98
C PHE B 147 25.28 -0.17 4.69
N SER B 148 25.43 1.15 4.76
CA SER B 148 26.69 1.81 4.45
C SER B 148 27.13 2.68 5.61
N THR B 149 28.45 2.72 5.84
CA THR B 149 29.02 3.78 6.66
C THR B 149 29.37 4.96 5.74
N TYR B 150 29.45 6.13 6.34
CA TYR B 150 29.81 7.33 5.62
C TYR B 150 30.62 8.22 6.54
N GLN B 151 31.62 8.92 5.99
CA GLN B 151 32.40 9.86 6.77
C GLN B 151 31.48 10.92 7.36
N GLY B 152 31.80 11.34 8.58
CA GLY B 152 30.91 12.30 9.21
C GLY B 152 31.48 12.88 10.48
N GLY B 153 30.59 13.24 11.41
CA GLY B 153 30.99 13.68 12.74
C GLY B 153 31.31 15.15 12.89
N LEU B 154 31.14 15.97 11.85
CA LEU B 154 31.52 17.38 11.86
C LEU B 154 30.32 18.28 12.09
N SER B 155 30.45 19.18 13.05
CA SER B 155 29.39 20.16 13.31
C SER B 155 29.21 21.14 12.16
N LEU B 156 30.29 21.44 11.43
CA LEU B 156 30.25 22.42 10.37
C LEU B 156 29.93 21.81 9.02
N GLY B 157 29.91 20.50 8.93
CA GLY B 157 29.51 19.82 7.71
C GLY B 157 30.64 19.60 6.74
N GLN B 158 31.45 20.63 6.52
CA GLN B 158 32.44 20.59 5.45
C GLN B 158 33.85 20.61 6.05
N ARG B 159 34.73 19.74 5.55
CA ARG B 159 36.05 19.65 6.16
C ARG B 159 36.85 20.94 6.04
N ASP B 160 36.63 21.70 4.95
CA ASP B 160 37.49 22.85 4.70
C ASP B 160 37.40 23.89 5.81
N TYR B 161 36.25 23.97 6.49
CA TYR B 161 36.14 24.90 7.61
C TYR B 161 37.16 24.62 8.70
N TYR B 162 37.60 23.37 8.84
CA TYR B 162 38.54 23.04 9.91
C TYR B 162 39.99 23.17 9.49
N LEU B 163 40.27 23.25 8.19
CA LEU B 163 41.61 23.06 7.66
C LEU B 163 42.17 24.28 6.96
N GLU B 164 41.35 25.06 6.27
CA GLU B 164 41.84 26.19 5.49
C GLU B 164 42.34 27.32 6.39
N GLU B 165 43.46 27.92 6.01
CA GLU B 165 44.15 28.87 6.86
C GLU B 165 43.89 30.33 6.49
N ASP B 166 43.06 30.59 5.48
CA ASP B 166 42.76 31.96 5.09
C ASP B 166 42.06 32.68 6.24
N GLU B 167 42.14 34.01 6.22
CA GLU B 167 41.62 34.77 7.36
C GLU B 167 40.10 34.67 7.48
N SER B 168 39.39 34.44 6.37
CA SER B 168 37.94 34.28 6.47
C SER B 168 37.58 32.97 7.16
N THR B 169 38.22 31.86 6.78
CA THR B 169 37.90 30.58 7.42
C THR B 169 38.35 30.57 8.87
N MET B 170 39.49 31.22 9.16
CA MET B 170 39.99 31.25 10.53
C MET B 170 39.02 31.94 11.48
N LYS B 171 38.37 33.01 11.03
CA LYS B 171 37.43 33.66 11.93
C LYS B 171 36.21 32.76 12.17
N ILE B 172 35.73 32.06 11.14
CA ILE B 172 34.62 31.13 11.34
C ILE B 172 35.01 30.09 12.37
N ARG B 173 36.24 29.57 12.29
CA ARG B 173 36.74 28.66 13.31
C ARG B 173 36.76 29.33 14.69
N ASN B 174 37.22 30.56 14.76
CA ASN B 174 37.27 31.23 16.06
C ASN B 174 35.87 31.54 16.58
N GLU B 175 34.93 31.83 15.69
CA GLU B 175 33.54 31.98 16.12
C GLU B 175 32.96 30.66 16.60
N PHE B 176 33.30 29.56 15.91
CA PHE B 176 32.82 28.25 16.36
C PHE B 176 33.37 27.90 17.73
N LYS B 177 34.66 28.18 17.98
CA LYS B 177 35.20 27.90 19.31
C LYS B 177 34.44 28.66 20.39
N ASN B 178 34.20 29.94 20.16
CA ASN B 178 33.41 30.70 21.12
C ASN B 178 32.01 30.13 21.25
N HIS B 179 31.42 29.72 20.12
CA HIS B 179 30.06 29.18 20.17
C HIS B 179 29.99 27.94 21.05
N VAL B 180 30.96 27.02 20.91
CA VAL B 180 30.91 25.79 21.68
C VAL B 180 31.04 26.08 23.17
N VAL B 181 31.93 27.00 23.56
CA VAL B 181 32.06 27.33 24.99
C VAL B 181 30.75 27.89 25.52
N LYS B 182 30.16 28.83 24.78
CA LYS B 182 28.90 29.45 25.18
C LYS B 182 27.77 28.41 25.32
N MET B 183 27.69 27.46 24.40
CA MET B 183 26.64 26.45 24.48
C MET B 183 26.85 25.53 25.68
N PHE B 184 28.07 25.04 25.89
CA PHE B 184 28.32 24.23 27.10
C PHE B 184 27.89 25.00 28.35
N GLU B 185 28.19 26.28 28.39
CA GLU B 185 27.84 27.08 29.57
C GLU B 185 26.33 27.24 29.72
N LEU B 186 25.61 27.34 28.60
CA LEU B 186 24.17 27.41 28.70
C LEU B 186 23.58 26.12 29.26
N PHE B 187 24.30 25.00 29.16
CA PHE B 187 23.84 23.73 29.73
C PHE B 187 24.42 23.47 31.12
N GLY B 188 24.93 24.51 31.77
CA GLY B 188 25.34 24.44 33.16
C GLY B 188 26.76 23.95 33.39
N ILE B 189 27.56 23.79 32.35
CA ILE B 189 28.96 23.40 32.50
C ILE B 189 29.77 24.62 32.99
N PRO B 190 30.57 24.50 34.07
CA PRO B 190 31.36 25.67 34.52
C PRO B 190 32.30 26.15 33.43
N GLY B 191 32.56 27.47 33.43
CA GLY B 191 33.35 28.06 32.34
C GLY B 191 34.69 27.37 32.12
N GLU B 192 35.42 27.06 33.20
CA GLU B 192 36.71 26.40 33.06
C GLU B 192 36.56 25.06 32.36
N GLN B 193 35.53 24.30 32.73
CA GLN B 193 35.30 23.02 32.08
C GLN B 193 34.79 23.19 30.65
N ALA B 194 33.91 24.19 30.42
CA ALA B 194 33.43 24.46 29.06
C ALA B 194 34.60 24.78 28.12
N GLN B 195 35.62 25.52 28.63
CA GLN B 195 36.83 25.79 27.84
C GLN B 195 37.52 24.49 27.46
N ARG B 196 37.78 23.64 28.45
CA ARG B 196 38.48 22.38 28.16
C ARG B 196 37.66 21.51 27.22
N GLN B 197 36.33 21.49 27.41
CA GLN B 197 35.50 20.62 26.57
C GLN B 197 35.42 21.14 25.16
N MET B 198 35.42 22.47 24.99
CA MET B 198 35.49 23.03 23.65
C MET B 198 36.77 22.58 22.96
N GLU B 199 37.91 22.60 23.67
CA GLU B 199 39.14 22.18 23.01
C GLU B 199 39.10 20.71 22.63
N ASP B 200 38.47 19.86 23.45
CA ASP B 200 38.29 18.45 23.05
C ASP B 200 37.50 18.36 21.75
N VAL B 201 36.39 19.09 21.67
CA VAL B 201 35.53 19.06 20.47
C VAL B 201 36.30 19.49 19.24
N MET B 202 37.02 20.62 19.32
CA MET B 202 37.77 21.10 18.16
C MET B 202 38.85 20.11 17.76
N ARG B 203 39.57 19.54 18.73
CA ARG B 203 40.63 18.59 18.41
C ARG B 203 40.05 17.38 17.67
N ILE B 204 38.95 16.84 18.20
CA ILE B 204 38.36 15.65 17.61
C ILE B 204 37.78 15.96 16.23
N GLU B 205 36.99 17.01 16.10
CA GLU B 205 36.42 17.30 14.79
C GLU B 205 37.48 17.72 13.78
N THR B 206 38.58 18.34 14.23
CA THR B 206 39.63 18.70 13.28
C THR B 206 40.31 17.46 12.74
N ARG B 207 40.58 16.47 13.60
CA ARG B 207 41.14 15.21 13.13
C ARG B 207 40.22 14.52 12.14
N LEU B 208 38.93 14.47 12.46
CA LEU B 208 37.99 13.85 11.54
C LEU B 208 38.01 14.59 10.20
N ALA B 209 37.96 15.92 10.25
CA ALA B 209 37.95 16.70 9.02
C ALA B 209 39.18 16.40 8.16
N LYS B 210 40.37 16.34 8.80
CA LYS B 210 41.60 16.05 8.07
C LYS B 210 41.52 14.74 7.30
N SER B 211 40.83 13.75 7.85
CA SER B 211 40.75 12.42 7.25
C SER B 211 39.66 12.28 6.19
N HIS B 212 38.70 13.20 6.13
CA HIS B 212 37.61 13.09 5.16
C HIS B 212 38.12 13.22 3.72
N PHE B 213 37.38 12.64 2.78
CA PHE B 213 37.64 12.91 1.36
C PHE B 213 37.08 14.28 1.03
N ASP B 214 37.72 14.99 0.09
CA ASP B 214 37.13 16.25 -0.36
C ASP B 214 35.85 16.00 -1.15
N LYS B 215 35.02 17.05 -1.27
CA LYS B 215 33.72 16.91 -1.92
C LYS B 215 33.83 16.41 -3.36
N VAL B 216 34.94 16.69 -4.04
CA VAL B 216 35.14 16.17 -5.40
C VAL B 216 35.23 14.65 -5.37
N LYS B 217 35.97 14.10 -4.41
CA LYS B 217 36.18 12.66 -4.34
C LYS B 217 34.95 11.92 -3.82
N THR B 218 34.04 12.60 -3.13
CA THR B 218 32.88 11.92 -2.59
C THR B 218 31.72 11.83 -3.56
N ARG B 219 31.75 12.56 -4.69
CA ARG B 219 30.56 12.59 -5.53
C ARG B 219 30.43 11.36 -6.42
N ASP B 220 31.52 10.66 -6.71
CA ASP B 220 31.43 9.43 -7.49
C ASP B 220 30.88 8.32 -6.59
N PRO B 221 29.61 7.92 -6.74
CA PRO B 221 29.04 6.93 -5.82
C PRO B 221 29.54 5.51 -6.05
N TYR B 222 30.19 5.25 -7.17
CA TYR B 222 30.80 3.95 -7.47
C TYR B 222 32.20 3.85 -6.88
N ALA B 223 32.89 4.98 -6.69
CA ALA B 223 34.19 5.00 -6.02
C ALA B 223 34.07 5.02 -4.49
N ASN B 224 32.93 5.47 -3.95
CA ASN B 224 32.70 5.51 -2.50
C ASN B 224 31.88 4.30 -2.05
N TYR B 225 32.43 3.11 -2.27
CA TYR B 225 31.70 1.87 -2.12
C TYR B 225 32.72 0.79 -1.86
N HIS B 226 32.61 0.10 -0.72
CA HIS B 226 33.57 -0.97 -0.41
C HIS B 226 32.81 -2.06 0.34
N LYS B 227 32.32 -3.05 -0.40
CA LYS B 227 31.49 -4.09 0.19
C LYS B 227 32.38 -5.07 0.92
N MET B 228 32.02 -5.38 2.17
CA MET B 228 32.80 -6.30 2.97
C MET B 228 31.88 -6.90 4.03
N THR B 229 32.32 -8.01 4.61
CA THR B 229 31.55 -8.66 5.66
C THR B 229 31.67 -7.85 6.95
N VAL B 230 30.77 -8.12 7.91
CA VAL B 230 30.87 -7.48 9.21
C VAL B 230 32.21 -7.79 9.86
N ASP B 231 32.68 -9.03 9.74
CA ASP B 231 33.95 -9.34 10.41
C ASP B 231 35.13 -8.68 9.69
N GLU B 232 35.01 -8.39 8.39
CA GLU B 232 36.05 -7.57 7.76
C GLU B 232 36.05 -6.15 8.31
N LEU B 233 34.87 -5.59 8.56
CA LEU B 233 34.81 -4.28 9.20
C LEU B 233 35.39 -4.35 10.60
N GLN B 234 35.18 -5.47 11.29
CA GLN B 234 35.71 -5.66 12.64
C GLN B 234 37.24 -5.63 12.65
N LYS B 235 37.88 -6.08 11.57
CA LYS B 235 39.33 -5.99 11.48
C LYS B 235 39.80 -4.62 11.02
N LEU B 236 38.96 -3.89 10.28
CA LEU B 236 39.32 -2.54 9.84
C LEU B 236 39.20 -1.54 10.99
N VAL B 237 38.17 -1.68 11.81
CA VAL B 237 37.92 -0.75 12.91
C VAL B 237 37.71 -1.61 14.16
N PRO B 238 38.79 -2.12 14.75
CA PRO B 238 38.64 -3.07 15.87
C PRO B 238 38.18 -2.42 17.17
N ASN B 239 38.24 -1.10 17.29
CA ASN B 239 37.91 -0.47 18.56
C ASN B 239 36.42 -0.24 18.75
N ILE B 240 35.61 -0.64 17.78
CA ILE B 240 34.16 -0.69 17.89
C ILE B 240 33.75 -2.14 17.73
N ASP B 241 32.93 -2.63 18.67
CA ASP B 241 32.38 -3.98 18.53
C ASP B 241 31.20 -3.88 17.57
N TRP B 242 31.43 -4.27 16.32
CA TRP B 242 30.40 -4.04 15.31
C TRP B 242 29.22 -4.97 15.51
N THR B 243 29.44 -6.16 16.09
CA THR B 243 28.32 -7.03 16.38
C THR B 243 27.36 -6.34 17.36
N LYS B 244 27.89 -5.69 18.40
CA LYS B 244 27.04 -4.96 19.35
C LYS B 244 26.44 -3.70 18.73
N PHE B 245 27.24 -2.97 17.94
CA PHE B 245 26.73 -1.77 17.30
C PHE B 245 25.51 -2.09 16.43
N LEU B 246 25.63 -3.12 15.58
CA LEU B 246 24.51 -3.50 14.71
C LEU B 246 23.34 -4.09 15.49
N ALA B 247 23.62 -4.84 16.57
CA ALA B 247 22.52 -5.34 17.41
C ALA B 247 21.74 -4.17 18.05
N ALA B 248 22.44 -3.12 18.47
CA ALA B 248 21.74 -1.97 19.05
C ALA B 248 20.92 -1.22 18.00
N LEU B 249 21.30 -1.30 16.72
CA LEU B 249 20.51 -0.75 15.63
C LEU B 249 19.42 -1.68 15.17
N ASN B 250 19.39 -2.91 15.68
CA ASN B 250 18.46 -3.93 15.23
C ASN B 250 18.58 -4.17 13.72
N VAL B 251 19.83 -4.26 13.25
CA VAL B 251 20.16 -4.54 11.86
C VAL B 251 20.80 -5.92 11.80
N GLN B 252 20.24 -6.82 10.99
CA GLN B 252 20.80 -8.17 10.85
C GLN B 252 21.30 -8.33 9.42
N ILE B 253 22.62 -8.26 9.23
CA ILE B 253 23.22 -8.25 7.91
C ILE B 253 24.48 -9.09 7.94
N LYS B 254 24.88 -9.57 6.76
CA LYS B 254 26.16 -10.26 6.59
C LYS B 254 27.22 -9.38 5.96
N GLU B 255 26.82 -8.43 5.14
CA GLU B 255 27.75 -7.55 4.46
C GLU B 255 27.21 -6.13 4.54
N LEU B 256 28.10 -5.19 4.27
CA LEU B 256 27.78 -3.77 4.29
C LEU B 256 28.79 -3.08 3.40
N SER B 257 28.67 -1.78 3.24
CA SER B 257 29.63 -1.02 2.46
C SER B 257 30.25 0.03 3.37
N VAL B 258 31.57 0.05 3.41
CA VAL B 258 32.29 1.14 4.06
C VAL B 258 32.59 2.16 2.95
N SER B 259 31.84 3.24 2.91
CA SER B 259 31.92 4.14 1.76
C SER B 259 33.31 4.73 1.62
N GLN B 260 33.89 5.16 2.72
CA GLN B 260 35.24 5.70 2.76
C GLN B 260 35.99 4.98 3.86
N GLU B 261 37.04 4.23 3.48
CA GLU B 261 37.71 3.43 4.49
C GLU B 261 38.67 4.24 5.32
N GLU B 262 39.38 5.19 4.71
CA GLU B 262 40.38 5.96 5.47
C GLU B 262 39.77 6.79 6.58
N PRO B 263 38.62 7.46 6.41
CA PRO B 263 37.99 8.14 7.55
C PRO B 263 37.65 7.18 8.69
N MET B 264 37.23 5.94 8.38
CA MET B 264 36.92 4.97 9.44
C MET B 264 38.18 4.54 10.19
N VAL B 265 39.32 4.42 9.49
CA VAL B 265 40.56 4.09 10.20
C VAL B 265 40.92 5.20 11.18
N GLU B 266 40.65 6.46 10.80
CA GLU B 266 40.92 7.57 11.71
C GLU B 266 39.99 7.53 12.92
N VAL B 267 38.72 7.17 12.71
CA VAL B 267 37.80 6.99 13.83
C VAL B 267 38.35 5.93 14.78
N ASN B 268 38.90 4.85 14.23
CA ASN B 268 39.46 3.80 15.07
C ASN B 268 40.58 4.33 15.95
N LYS B 269 41.46 5.17 15.39
CA LYS B 269 42.60 5.68 16.15
C LYS B 269 42.16 6.68 17.20
N LEU B 270 41.18 7.52 16.83
CA LEU B 270 40.61 8.51 17.76
C LEU B 270 40.05 7.85 19.00
N ILE B 271 39.29 6.77 18.81
CA ILE B 271 38.72 6.08 19.95
C ILE B 271 39.83 5.53 20.85
N ALA B 272 40.92 5.03 20.25
CA ALA B 272 42.01 4.53 21.06
C ALA B 272 42.77 5.66 21.75
N GLU B 273 43.02 6.76 21.04
CA GLU B 273 43.96 7.77 21.49
C GLU B 273 43.33 8.87 22.34
N GLU B 274 42.07 9.19 22.15
CA GLU B 274 41.48 10.24 22.98
C GLU B 274 41.08 9.68 24.34
N PRO B 275 41.34 10.40 25.43
CA PRO B 275 40.83 9.93 26.72
C PRO B 275 39.31 9.99 26.74
N LEU B 276 38.70 9.15 27.59
CA LEU B 276 37.25 9.06 27.58
C LEU B 276 36.59 10.38 27.95
N ASN B 277 37.21 11.18 28.83
CA ASN B 277 36.57 12.46 29.17
C ASN B 277 36.45 13.35 27.95
N ALA B 278 37.44 13.28 27.03
CA ALA B 278 37.35 14.05 25.79
C ALA B 278 36.29 13.47 24.87
N ILE B 279 36.15 12.13 24.82
CA ILE B 279 35.07 11.54 24.04
C ILE B 279 33.69 11.96 24.60
N ARG B 280 33.56 11.99 25.94
CA ARG B 280 32.31 12.48 26.54
C ARG B 280 32.05 13.94 26.18
N SER B 281 33.09 14.78 26.12
CA SER B 281 32.88 16.17 25.68
C SER B 281 32.26 16.19 24.29
N TYR B 282 32.85 15.41 23.39
CA TYR B 282 32.38 15.36 22.01
C TYR B 282 30.96 14.84 21.90
N LEU B 283 30.64 13.74 22.60
CA LEU B 283 29.29 13.19 22.55
C LEU B 283 28.28 14.16 23.16
N SER B 284 28.68 14.82 24.25
CA SER B 284 27.79 15.81 24.85
C SER B 284 27.53 16.96 23.89
N TRP B 285 28.56 17.40 23.20
CA TRP B 285 28.41 18.42 22.18
C TRP B 285 27.47 17.96 21.08
N LYS B 286 27.62 16.71 20.61
CA LYS B 286 26.72 16.24 19.56
C LYS B 286 25.26 16.31 20.02
N ALA B 287 25.00 15.96 21.28
CA ALA B 287 23.62 16.02 21.77
C ALA B 287 23.14 17.46 21.88
N ILE B 288 23.98 18.34 22.42
CA ILE B 288 23.63 19.76 22.54
C ILE B 288 23.40 20.37 21.17
N ASP B 289 24.31 20.12 20.24
CA ASP B 289 24.20 20.70 18.90
C ASP B 289 22.94 20.22 18.20
N HIS B 290 22.55 18.94 18.42
CA HIS B 290 21.34 18.40 17.80
C HIS B 290 20.07 18.99 18.43
N ALA B 291 20.09 19.27 19.72
CA ALA B 291 18.91 19.73 20.44
C ALA B 291 18.75 21.24 20.40
N ALA B 292 19.72 21.96 19.82
CA ALA B 292 19.80 23.41 20.03
C ALA B 292 18.59 24.16 19.47
N SER B 293 17.92 23.62 18.46
CA SER B 293 16.75 24.29 17.89
C SER B 293 15.46 23.97 18.64
N TYR B 294 15.49 23.03 19.58
CA TYR B 294 14.25 22.48 20.10
C TYR B 294 14.01 22.81 21.58
N LEU B 295 14.67 23.83 22.10
CA LEU B 295 14.61 24.13 23.53
C LEU B 295 14.23 25.59 23.72
N SER B 296 14.86 26.30 24.65
CA SER B 296 14.49 27.65 25.01
C SER B 296 14.99 28.69 24.00
N ASP B 297 14.46 29.91 24.14
CA ASP B 297 14.88 31.03 23.30
C ASP B 297 16.36 31.33 23.42
N GLU B 298 16.89 31.29 24.65
CA GLU B 298 18.29 31.61 24.87
C GLU B 298 19.20 30.66 24.11
N ILE B 299 18.85 29.38 24.12
CA ILE B 299 19.65 28.39 23.44
C ILE B 299 19.52 28.52 21.93
N TYR B 300 18.29 28.78 21.45
CA TYR B 300 18.11 29.01 20.01
C TYR B 300 18.88 30.25 19.55
N ALA B 301 18.84 31.33 20.33
CA ALA B 301 19.52 32.57 19.93
C ALA B 301 21.01 32.36 19.76
N GLN B 302 21.62 31.61 20.68
CA GLN B 302 23.06 31.35 20.57
C GLN B 302 23.34 30.49 19.34
N ASN B 303 22.54 29.45 19.14
CA ASN B 303 22.67 28.65 17.92
C ASN B 303 22.59 29.52 16.68
N PHE B 304 21.57 30.42 16.60
CA PHE B 304 21.44 31.30 15.45
C PHE B 304 22.64 32.24 15.31
N GLU B 305 23.21 32.71 16.44
CA GLU B 305 24.35 33.61 16.34
C GLU B 305 25.48 32.96 15.53
N PHE B 306 25.69 31.66 15.68
CA PHE B 306 26.75 31.02 14.93
C PHE B 306 26.29 30.50 13.56
N TYR B 307 25.36 29.55 13.56
CA TYR B 307 24.96 28.95 12.28
C TYR B 307 24.24 29.94 11.39
N GLY B 308 23.45 30.83 12.00
CA GLY B 308 22.74 31.82 11.21
C GLY B 308 23.63 33.00 10.82
N LYS B 309 24.15 33.73 11.80
CA LYS B 309 24.83 34.96 11.46
C LYS B 309 26.22 34.68 10.90
N VAL B 310 27.00 33.83 11.57
CA VAL B 310 28.38 33.65 11.17
C VAL B 310 28.47 32.78 9.93
N LEU B 311 27.85 31.60 9.95
CA LEU B 311 28.07 30.64 8.87
C LEU B 311 27.27 30.99 7.63
N SER B 312 26.05 31.50 7.79
CA SER B 312 25.17 31.70 6.65
C SER B 312 24.99 33.15 6.23
N GLY B 313 25.53 34.11 6.99
CA GLY B 313 25.35 35.50 6.66
C GLY B 313 23.96 36.05 6.90
N LYS B 314 23.13 35.34 7.67
CA LYS B 314 21.80 35.86 7.99
C LYS B 314 21.92 37.01 8.98
N THR B 315 20.99 37.96 8.90
CA THR B 315 21.00 39.07 9.84
C THR B 315 19.92 38.99 10.90
N GLU B 316 18.78 38.38 10.59
CA GLU B 316 17.64 38.27 11.49
C GLU B 316 17.11 36.84 11.50
N MET B 317 16.70 36.36 12.67
CA MET B 317 16.20 35.00 12.69
C MET B 317 14.77 34.97 12.13
N GLN B 318 14.38 33.80 11.64
CA GLN B 318 13.05 33.61 11.09
C GLN B 318 12.01 33.66 12.22
N PRO B 319 10.79 34.10 11.92
CA PRO B 319 9.74 34.01 12.94
C PRO B 319 9.53 32.55 13.33
N ARG B 320 9.12 32.33 14.59
CA ARG B 320 8.98 30.97 15.08
C ARG B 320 8.02 30.15 14.22
N TRP B 321 6.93 30.76 13.72
CA TRP B 321 5.98 29.98 12.94
C TRP B 321 6.64 29.35 11.73
N LYS B 322 7.63 30.03 11.14
CA LYS B 322 8.32 29.46 9.98
C LYS B 322 9.19 28.27 10.37
N ARG B 323 9.82 28.35 11.55
CA ARG B 323 10.68 27.26 12.02
C ARG B 323 9.84 26.05 12.46
N ALA B 324 8.71 26.32 13.09
CA ALA B 324 7.82 25.25 13.52
C ALA B 324 7.17 24.55 12.34
N GLN B 325 6.75 25.29 11.31
CA GLN B 325 6.19 24.66 10.13
C GLN B 325 7.23 23.80 9.44
N ALA B 326 8.48 24.28 9.37
CA ALA B 326 9.55 23.48 8.79
C ALA B 326 9.77 22.19 9.57
N SER B 327 9.77 22.28 10.91
CA SER B 327 9.89 21.07 11.73
C SER B 327 8.81 20.06 11.40
N VAL B 328 7.56 20.51 11.32
CA VAL B 328 6.44 19.62 11.04
C VAL B 328 6.56 19.03 9.64
N ASN B 329 6.88 19.88 8.66
CA ASN B 329 6.97 19.40 7.29
C ASN B 329 8.18 18.50 7.11
N ASP B 330 9.29 18.79 7.80
CA ASP B 330 10.47 17.97 7.62
C ASP B 330 10.38 16.67 8.40
N CYS B 331 9.74 16.65 9.57
CA CYS B 331 9.73 15.44 10.37
CA CYS B 331 9.72 15.44 10.39
C CYS B 331 8.46 14.61 10.21
N LEU B 332 7.37 15.18 9.71
CA LEU B 332 6.13 14.46 9.47
C LEU B 332 5.71 14.62 8.02
N GLY B 333 6.67 14.51 7.11
CA GLY B 333 6.43 14.93 5.72
C GLY B 333 5.27 14.22 5.06
N GLU B 334 5.27 12.87 5.07
CA GLU B 334 4.19 12.20 4.35
C GLU B 334 2.86 12.36 5.08
N ALA B 335 2.88 12.49 6.40
CA ALA B 335 1.66 12.73 7.16
C ALA B 335 1.02 14.04 6.73
N VAL B 336 1.82 15.09 6.63
CA VAL B 336 1.33 16.35 6.10
C VAL B 336 0.80 16.14 4.70
N GLY B 337 1.53 15.36 3.88
CA GLY B 337 1.04 15.02 2.56
C GLY B 337 -0.39 14.49 2.55
N GLN B 338 -0.76 13.68 3.54
CA GLN B 338 -2.13 13.15 3.60
C GLN B 338 -3.16 14.28 3.68
N LEU B 339 -2.93 15.23 4.56
CA LEU B 339 -3.90 16.30 4.73
C LEU B 339 -3.80 17.32 3.61
N TYR B 340 -2.60 17.47 3.04
CA TYR B 340 -2.44 18.32 1.86
C TYR B 340 -3.32 17.84 0.71
N VAL B 341 -3.25 16.54 0.38
CA VAL B 341 -4.01 16.05 -0.77
C VAL B 341 -5.50 16.00 -0.46
N ALA B 342 -5.88 15.77 0.80
CA ALA B 342 -7.31 15.83 1.13
C ALA B 342 -7.89 17.21 0.82
N LYS B 343 -7.08 18.26 0.99
CA LYS B 343 -7.54 19.63 0.75
C LYS B 343 -7.35 20.07 -0.71
N TYR B 344 -6.25 19.66 -1.35
CA TYR B 344 -5.85 20.24 -2.62
C TYR B 344 -5.84 19.27 -3.79
N PHE B 345 -5.85 17.96 -3.56
CA PHE B 345 -5.72 16.99 -4.64
C PHE B 345 -6.55 15.77 -4.33
N PRO B 346 -7.87 15.83 -4.53
CA PRO B 346 -8.78 14.79 -4.09
C PRO B 346 -8.64 13.52 -4.92
N PRO B 347 -9.27 12.43 -4.48
CA PRO B 347 -9.19 11.16 -5.23
C PRO B 347 -9.63 11.26 -6.68
N GLU B 348 -10.63 12.10 -6.98
CA GLU B 348 -11.07 12.26 -8.36
C GLU B 348 -9.98 12.88 -9.20
N ALA B 349 -9.18 13.76 -8.60
CA ALA B 349 -8.07 14.39 -9.31
C ALA B 349 -6.97 13.37 -9.59
N LYS B 350 -6.61 12.54 -8.61
CA LYS B 350 -5.63 11.48 -8.85
C LYS B 350 -6.09 10.52 -9.93
N GLU B 351 -7.38 10.14 -9.90
CA GLU B 351 -7.90 9.20 -10.88
C GLU B 351 -7.83 9.75 -12.29
N ARG B 352 -8.18 11.03 -12.44
CA ARG B 352 -8.05 11.70 -13.73
C ARG B 352 -6.60 11.71 -14.21
N MET B 353 -5.66 12.01 -13.33
CA MET B 353 -4.25 12.06 -13.74
C MET B 353 -3.71 10.68 -14.04
N VAL B 354 -4.10 9.67 -13.25
CA VAL B 354 -3.69 8.30 -13.54
C VAL B 354 -4.23 7.87 -14.89
N ASN B 355 -5.49 8.21 -15.19
CA ASN B 355 -6.03 7.86 -16.50
C ASN B 355 -5.29 8.61 -17.61
N LEU B 356 -4.92 9.86 -17.34
CA LEU B 356 -4.19 10.62 -18.35
C LEU B 356 -2.83 9.98 -18.61
N VAL B 357 -2.12 9.57 -17.56
CA VAL B 357 -0.82 8.92 -17.77
C VAL B 357 -0.97 7.63 -18.55
N HIS B 358 -1.97 6.81 -18.20
CA HIS B 358 -2.22 5.59 -18.94
C HIS B 358 -2.51 5.88 -20.40
N ASN B 359 -3.21 6.98 -20.67
CA ASN B 359 -3.44 7.33 -22.06
C ASN B 359 -2.15 7.78 -22.75
N LEU B 360 -1.28 8.51 -22.03
CA LEU B 360 0.01 8.87 -22.62
C LEU B 360 0.81 7.62 -22.97
N GLN B 361 0.83 6.64 -22.08
CA GLN B 361 1.53 5.38 -22.36
C GLN B 361 0.95 4.72 -23.59
N ASN B 362 -0.38 4.73 -23.73
CA ASN B 362 -0.98 4.09 -24.88
C ASN B 362 -0.57 4.80 -26.16
N ALA B 363 -0.57 6.14 -26.15
CA ALA B 363 -0.17 6.89 -27.34
C ALA B 363 1.31 6.69 -27.66
N TYR B 364 2.17 6.70 -26.63
CA TYR B 364 3.60 6.50 -26.86
C TYR B 364 3.88 5.13 -27.47
N ALA B 365 3.18 4.09 -27.00
CA ALA B 365 3.36 2.76 -27.59
C ALA B 365 3.02 2.75 -29.08
N GLU B 366 1.92 3.42 -29.46
CA GLU B 366 1.53 3.54 -30.85
C GLU B 366 2.61 4.24 -31.65
N ARG B 367 3.17 5.32 -31.09
CA ARG B 367 4.18 6.04 -31.85
C ARG B 367 5.46 5.24 -31.95
N ILE B 368 5.80 4.47 -30.91
CA ILE B 368 7.00 3.64 -30.96
C ILE B 368 6.93 2.64 -32.11
N ARG B 369 5.76 2.03 -32.32
CA ARG B 369 5.58 1.09 -33.43
C ARG B 369 5.87 1.71 -34.78
N ASN B 370 5.75 3.04 -34.92
CA ASN B 370 5.94 3.72 -36.19
C ASN B 370 7.30 4.40 -36.34
N LEU B 371 8.20 4.24 -35.37
CA LEU B 371 9.50 4.91 -35.47
C LEU B 371 10.32 4.32 -36.63
N ASP B 372 11.11 5.18 -37.26
CA ASP B 372 11.92 4.72 -38.38
C ASP B 372 13.40 4.64 -38.04
N TRP B 373 13.75 4.69 -36.76
CA TRP B 373 15.14 4.47 -36.35
C TRP B 373 15.32 3.25 -35.46
N MET B 374 14.24 2.63 -35.00
CA MET B 374 14.28 1.45 -34.15
C MET B 374 13.92 0.21 -34.97
N GLY B 375 14.72 -0.85 -34.83
CA GLY B 375 14.37 -2.13 -35.42
C GLY B 375 13.17 -2.74 -34.71
N ASP B 376 12.64 -3.80 -35.32
CA ASP B 376 11.42 -4.42 -34.77
C ASP B 376 11.68 -4.98 -33.36
N SER B 377 12.82 -5.63 -33.16
CA SER B 377 13.08 -6.19 -31.84
C SER B 377 13.28 -5.11 -30.79
N THR B 378 13.81 -3.94 -31.18
CA THR B 378 13.99 -2.87 -30.21
C THR B 378 12.65 -2.24 -29.84
N LYS B 379 11.75 -2.13 -30.82
CA LYS B 379 10.40 -1.66 -30.55
C LYS B 379 9.72 -2.53 -29.51
N ALA B 380 9.88 -3.85 -29.65
CA ALA B 380 9.30 -4.78 -28.69
C ALA B 380 9.88 -4.57 -27.30
N LYS B 381 11.20 -4.45 -27.19
CA LYS B 381 11.78 -4.20 -25.87
C LYS B 381 11.28 -2.88 -25.30
N ALA B 382 11.15 -1.86 -26.15
CA ALA B 382 10.72 -0.55 -25.68
C ALA B 382 9.28 -0.59 -25.17
N ILE B 383 8.37 -1.14 -25.97
CA ILE B 383 6.97 -1.22 -25.54
C ILE B 383 6.86 -1.98 -24.23
N ASP B 384 7.64 -3.06 -24.08
CA ASP B 384 7.60 -3.85 -22.86
C ASP B 384 8.09 -3.04 -21.67
N LYS B 385 9.17 -2.28 -21.84
CA LYS B 385 9.67 -1.45 -20.75
C LYS B 385 8.68 -0.36 -20.37
N LEU B 386 8.01 0.21 -21.37
CA LEU B 386 7.07 1.31 -21.12
C LEU B 386 5.88 0.80 -20.31
N ASN B 387 5.35 -0.36 -20.67
CA ASN B 387 4.22 -0.89 -19.92
C ASN B 387 4.60 -1.29 -18.50
N ALA B 388 5.90 -1.46 -18.24
CA ALA B 388 6.40 -1.79 -16.92
C ALA B 388 6.75 -0.58 -16.07
N PHE B 389 6.48 0.64 -16.54
CA PHE B 389 6.70 1.84 -15.73
C PHE B 389 6.04 1.72 -14.37
N TYR B 390 6.74 2.17 -13.33
CA TYR B 390 6.13 2.41 -12.02
C TYR B 390 5.54 3.82 -11.98
N VAL B 391 4.22 3.89 -11.95
CA VAL B 391 3.49 5.14 -12.12
C VAL B 391 3.10 5.66 -10.74
N LYS B 392 3.73 6.73 -10.30
CA LYS B 392 3.45 7.30 -8.98
C LYS B 392 2.93 8.72 -9.16
N ILE B 393 1.62 8.88 -9.01
CA ILE B 393 0.90 10.09 -9.39
C ILE B 393 0.16 10.61 -8.16
N GLY B 394 0.39 11.87 -7.83
CA GLY B 394 -0.39 12.52 -6.79
C GLY B 394 0.08 12.15 -5.40
N TYR B 395 -0.20 10.92 -4.99
CA TYR B 395 0.18 10.50 -3.64
C TYR B 395 0.21 8.98 -3.59
N PRO B 396 0.85 8.39 -2.56
CA PRO B 396 1.01 6.93 -2.54
C PRO B 396 -0.33 6.23 -2.54
N ASP B 397 -0.36 5.06 -3.20
CA ASP B 397 -1.43 4.09 -3.00
C ASP B 397 -1.30 3.43 -1.64
N LYS B 398 -0.07 3.31 -1.14
CA LYS B 398 0.19 2.71 0.17
C LYS B 398 0.82 3.78 1.06
N TRP B 399 0.03 4.39 1.93
CA TRP B 399 0.58 5.43 2.79
C TRP B 399 1.45 4.82 3.89
N LYS B 400 2.54 5.52 4.20
CA LYS B 400 3.36 5.17 5.36
C LYS B 400 2.49 5.13 6.61
N ASP B 401 2.67 4.09 7.41
CA ASP B 401 1.89 3.91 8.64
C ASP B 401 2.56 4.65 9.79
N TYR B 402 1.85 5.65 10.36
CA TYR B 402 2.39 6.46 11.46
C TYR B 402 1.91 6.00 12.82
N THR B 403 1.30 4.83 12.91
CA THR B 403 0.72 4.36 14.17
C THR B 403 1.74 4.35 15.29
N SER B 404 2.97 3.91 15.03
CA SER B 404 3.96 3.77 16.08
C SER B 404 4.59 5.09 16.50
N LEU B 405 4.31 6.21 15.83
CA LEU B 405 4.87 7.51 16.19
C LEU B 405 3.90 8.19 17.14
N GLU B 406 4.29 8.35 18.41
CA GLU B 406 3.39 8.97 19.38
C GLU B 406 3.74 10.44 19.48
N ILE B 407 2.76 11.32 19.31
CA ILE B 407 2.96 12.74 19.54
C ILE B 407 2.11 13.12 20.74
N LYS B 408 2.73 13.73 21.72
CA LYS B 408 1.94 14.09 22.89
C LYS B 408 2.58 15.32 23.53
N LYS B 409 1.93 15.87 24.54
CA LYS B 409 2.35 17.18 25.05
C LYS B 409 3.38 17.09 26.18
N ASP B 410 4.49 16.35 26.02
CA ASP B 410 5.51 16.35 27.07
C ASP B 410 6.58 17.43 26.84
N SER B 411 7.25 17.42 25.69
CA SER B 411 8.14 18.52 25.32
C SER B 411 8.35 18.47 23.82
N TYR B 412 8.68 19.64 23.26
CA TYR B 412 9.01 19.73 21.85
C TYR B 412 10.14 18.77 21.51
N PHE B 413 11.20 18.80 22.31
CA PHE B 413 12.36 17.95 22.00
C PHE B 413 12.00 16.47 22.05
N ALA B 414 11.23 16.06 23.05
CA ALA B 414 10.88 14.65 23.16
C ALA B 414 10.05 14.20 21.96
N ASN B 415 9.20 15.08 21.43
CA ASN B 415 8.43 14.73 20.23
C ASN B 415 9.32 14.65 19.00
N ILE B 416 10.20 15.64 18.81
CA ILE B 416 11.18 15.57 17.74
C ILE B 416 12.00 14.29 17.85
N GLU B 417 12.38 13.91 19.08
CA GLU B 417 13.17 12.71 19.23
C GLU B 417 12.38 11.47 18.81
N ARG B 418 11.11 11.37 19.24
CA ARG B 418 10.30 10.22 18.82
C ARG B 418 10.14 10.17 17.31
N ALA B 419 10.04 11.33 16.68
CA ALA B 419 9.86 11.39 15.23
C ALA B 419 11.14 10.96 14.51
N VAL B 420 12.31 11.36 15.02
CA VAL B 420 13.57 10.92 14.41
C VAL B 420 13.77 9.43 14.65
N GLN B 421 13.49 8.94 15.86
N GLN B 421 13.47 8.94 15.85
CA GLN B 421 13.57 7.51 16.16
CA GLN B 421 13.58 7.51 16.14
C GLN B 421 12.72 6.70 15.18
C GLN B 421 12.71 6.69 15.19
N PHE B 422 11.49 7.18 14.93
CA PHE B 422 10.61 6.54 13.97
C PHE B 422 11.24 6.52 12.57
N ALA B 423 11.78 7.66 12.12
CA ALA B 423 12.39 7.71 10.78
C ALA B 423 13.62 6.81 10.69
N MET B 424 14.42 6.77 11.77
CA MET B 424 15.62 5.93 11.74
C MET B 424 15.26 4.47 11.75
N ARG B 425 14.25 4.10 12.54
CA ARG B 425 13.78 2.72 12.56
C ARG B 425 13.27 2.32 11.18
N GLU B 426 12.55 3.21 10.52
CA GLU B 426 12.01 2.89 9.20
C GLU B 426 13.12 2.64 8.19
N MET B 427 14.17 3.47 8.21
CA MET B 427 15.28 3.28 7.30
CA MET B 427 15.26 3.27 7.28
C MET B 427 16.09 2.05 7.64
N LEU B 428 16.39 1.83 8.93
CA LEU B 428 17.22 0.67 9.28
C LEU B 428 16.50 -0.65 9.02
N ASP B 429 15.18 -0.68 9.15
CA ASP B 429 14.40 -1.87 8.84
C ASP B 429 14.59 -2.33 7.39
N LYS B 430 14.99 -1.41 6.51
CA LYS B 430 15.16 -1.77 5.10
C LYS B 430 16.38 -2.63 4.86
N ALA B 431 17.34 -2.67 5.80
CA ALA B 431 18.62 -3.30 5.50
C ALA B 431 18.42 -4.76 5.10
N ALA B 432 17.45 -5.43 5.70
CA ALA B 432 17.19 -6.84 5.43
C ALA B 432 16.37 -7.07 4.17
N LYS B 433 15.73 -6.03 3.63
CA LYS B 433 14.65 -6.23 2.69
C LYS B 433 15.09 -5.94 1.26
N PRO B 434 14.42 -6.51 0.26
CA PRO B 434 14.65 -6.08 -1.11
C PRO B 434 14.11 -4.67 -1.30
N VAL B 435 14.60 -4.01 -2.34
CA VAL B 435 14.13 -2.67 -2.64
C VAL B 435 12.65 -2.72 -2.99
N ASP B 436 11.87 -1.81 -2.39
CA ASP B 436 10.43 -1.72 -2.59
C ASP B 436 10.18 -0.62 -3.61
N ARG B 437 9.69 -0.99 -4.79
CA ARG B 437 9.53 -0.05 -5.87
C ARG B 437 8.26 0.79 -5.73
N ASP B 438 7.44 0.52 -4.72
CA ASP B 438 6.25 1.32 -4.41
C ASP B 438 6.50 2.41 -3.38
N GLU B 439 7.65 2.43 -2.71
CA GLU B 439 7.89 3.46 -1.71
C GLU B 439 8.19 4.80 -2.36
N TRP B 440 7.58 5.85 -1.81
CA TRP B 440 7.78 7.20 -2.29
C TRP B 440 9.00 7.80 -1.62
N TYR B 441 9.86 8.42 -2.41
CA TYR B 441 10.98 9.17 -1.86
C TYR B 441 10.66 10.63 -1.70
N MET B 442 9.69 11.16 -2.44
CA MET B 442 9.22 12.52 -2.22
C MET B 442 7.84 12.51 -1.55
N THR B 443 7.53 13.59 -0.86
CA THR B 443 6.22 13.74 -0.27
C THR B 443 5.24 14.24 -1.32
N PRO B 444 3.94 14.01 -1.12
CA PRO B 444 2.95 14.53 -2.10
C PRO B 444 2.98 16.04 -2.29
N GLN B 445 3.37 16.80 -1.26
CA GLN B 445 3.34 18.25 -1.37
C GLN B 445 4.57 18.80 -2.09
N THR B 446 5.50 17.95 -2.49
CA THR B 446 6.70 18.40 -3.20
C THR B 446 6.33 18.94 -4.58
N VAL B 447 7.04 19.99 -5.01
CA VAL B 447 6.85 20.57 -6.32
C VAL B 447 8.06 20.23 -7.17
N ASN B 448 8.13 18.97 -7.55
CA ASN B 448 9.20 18.41 -8.34
C ASN B 448 8.57 17.22 -9.05
N ALA B 449 9.27 16.68 -10.03
CA ALA B 449 8.75 15.55 -10.79
C ALA B 449 9.87 15.02 -11.65
N TYR B 450 9.90 13.71 -11.83
CA TYR B 450 10.98 13.14 -12.64
C TYR B 450 10.55 11.75 -13.08
N TYR B 451 11.15 11.31 -14.17
CA TYR B 451 11.32 9.89 -14.46
C TYR B 451 12.70 9.49 -13.99
N ASN B 452 12.79 8.34 -13.32
CA ASN B 452 14.03 7.84 -12.76
C ASN B 452 14.52 6.66 -13.59
N PRO B 453 15.57 6.81 -14.41
CA PRO B 453 16.00 5.71 -15.28
C PRO B 453 16.46 4.48 -14.52
N THR B 454 16.99 4.64 -13.31
CA THR B 454 17.51 3.50 -12.55
C THR B 454 16.45 2.72 -11.80
N THR B 455 15.21 3.22 -11.74
CA THR B 455 14.12 2.49 -11.11
C THR B 455 12.95 2.31 -12.06
N ASN B 456 12.98 2.93 -13.24
CA ASN B 456 11.90 2.88 -14.21
C ASN B 456 10.59 3.39 -13.61
N GLU B 457 10.69 4.37 -12.73
CA GLU B 457 9.50 4.96 -12.13
C GLU B 457 9.37 6.40 -12.59
N ILE B 458 8.13 6.82 -12.73
CA ILE B 458 7.80 8.20 -13.05
C ILE B 458 7.00 8.72 -11.87
N CYS B 459 7.49 9.79 -11.23
CA CYS B 459 6.87 10.33 -10.03
CA CYS B 459 6.89 10.34 -10.02
C CYS B 459 6.46 11.77 -10.28
N PHE B 460 5.16 12.02 -10.21
CA PHE B 460 4.60 13.36 -10.32
C PHE B 460 3.71 13.61 -9.10
N PRO B 461 4.24 14.24 -8.07
CA PRO B 461 3.46 14.46 -6.85
C PRO B 461 2.39 15.52 -7.05
N ALA B 462 1.41 15.49 -6.14
CA ALA B 462 0.32 16.48 -6.14
C ALA B 462 0.83 17.91 -6.16
N GLY B 463 1.98 18.19 -5.54
CA GLY B 463 2.47 19.57 -5.48
C GLY B 463 2.66 20.20 -6.86
N ILE B 464 3.11 19.41 -7.83
CA ILE B 464 3.29 19.98 -9.17
C ILE B 464 2.02 19.90 -10.00
N LEU B 465 1.04 19.10 -9.59
CA LEU B 465 -0.20 18.94 -10.33
C LEU B 465 -1.19 20.05 -9.94
N GLN B 466 -0.77 21.30 -10.21
CA GLN B 466 -1.56 22.51 -9.98
C GLN B 466 -1.39 23.44 -11.17
N TYR B 467 -2.25 24.46 -11.27
CA TYR B 467 -2.05 25.48 -12.29
C TYR B 467 -0.63 26.04 -12.20
N PRO B 468 0.09 26.22 -13.33
CA PRO B 468 -0.35 26.08 -14.74
C PRO B 468 -0.15 24.72 -15.39
N PHE B 469 0.16 23.68 -14.62
CA PHE B 469 0.40 22.35 -15.17
C PHE B 469 -0.89 21.53 -15.29
N PHE B 470 -1.67 21.52 -14.22
CA PHE B 470 -2.88 20.72 -14.13
C PHE B 470 -3.96 21.53 -13.41
N ASP B 471 -5.14 21.55 -13.99
CA ASP B 471 -6.32 22.20 -13.39
C ASP B 471 -7.44 21.17 -13.42
N MET B 472 -7.80 20.64 -12.26
CA MET B 472 -8.86 19.63 -12.24
C MET B 472 -10.16 20.14 -12.86
N ASN B 473 -10.41 21.45 -12.78
CA ASN B 473 -11.63 22.03 -13.34
C ASN B 473 -11.57 22.31 -14.84
N ALA B 474 -10.40 22.22 -15.46
CA ALA B 474 -10.26 22.55 -16.88
C ALA B 474 -10.41 21.31 -17.76
N ASP B 475 -10.56 21.53 -19.06
CA ASP B 475 -10.84 20.48 -20.02
C ASP B 475 -9.57 19.73 -20.44
N ASP B 476 -9.73 18.77 -21.37
CA ASP B 476 -8.58 17.94 -21.74
C ASP B 476 -7.57 18.70 -22.59
N ALA B 477 -8.03 19.65 -23.41
CA ALA B 477 -7.09 20.45 -24.19
C ALA B 477 -6.09 21.14 -23.28
N PHE B 478 -6.57 21.74 -22.19
CA PHE B 478 -5.64 22.42 -21.30
C PHE B 478 -4.70 21.41 -20.63
N ASN B 479 -5.26 20.34 -20.07
CA ASN B 479 -4.43 19.46 -19.25
C ASN B 479 -3.49 18.62 -20.10
N TYR B 480 -3.91 18.19 -21.30
CA TYR B 480 -2.97 17.48 -22.15
C TYR B 480 -1.90 18.41 -22.68
N GLY B 481 -2.25 19.66 -22.99
CA GLY B 481 -1.25 20.59 -23.49
C GLY B 481 -0.21 20.97 -22.47
N ALA B 482 -0.60 20.98 -21.19
CA ALA B 482 0.28 21.38 -20.11
C ALA B 482 0.93 20.16 -19.42
N ILE B 483 0.31 19.61 -18.35
CA ILE B 483 0.94 18.48 -17.66
C ILE B 483 1.17 17.28 -18.59
N GLY B 484 0.28 17.04 -19.55
CA GLY B 484 0.46 15.89 -20.44
C GLY B 484 1.76 15.92 -21.23
N VAL B 485 2.12 17.08 -21.78
CA VAL B 485 3.38 17.23 -22.49
C VAL B 485 4.54 17.04 -21.53
N VAL B 486 4.42 17.59 -20.33
CA VAL B 486 5.49 17.48 -19.35
C VAL B 486 5.74 16.03 -18.99
N ILE B 487 4.67 15.27 -18.74
CA ILE B 487 4.82 13.86 -18.41
C ILE B 487 5.34 13.09 -19.60
N GLY B 488 4.78 13.34 -20.80
CA GLY B 488 5.29 12.67 -21.99
C GLY B 488 6.77 12.94 -22.20
N HIS B 489 7.22 14.17 -21.93
CA HIS B 489 8.64 14.50 -21.96
C HIS B 489 9.45 13.56 -21.06
N GLU B 490 9.05 13.44 -19.80
CA GLU B 490 9.74 12.55 -18.88
C GLU B 490 9.70 11.10 -19.34
N MET B 491 8.60 10.67 -19.95
CA MET B 491 8.51 9.29 -20.43
C MET B 491 9.61 8.96 -21.42
N THR B 492 9.97 9.91 -22.30
CA THR B 492 10.96 9.59 -23.33
C THR B 492 12.31 9.30 -22.73
N HIS B 493 12.53 9.69 -21.48
CA HIS B 493 13.80 9.40 -20.84
C HIS B 493 13.98 7.93 -20.50
N GLY B 494 12.95 7.11 -20.67
CA GLY B 494 13.20 5.68 -20.57
C GLY B 494 13.76 5.08 -21.84
N PHE B 495 13.84 5.87 -22.92
CA PHE B 495 14.05 5.29 -24.25
C PHE B 495 15.00 6.09 -25.12
N ASP B 496 15.58 7.16 -24.60
CA ASP B 496 16.46 8.01 -25.37
C ASP B 496 17.92 7.57 -25.13
N ASP B 497 18.87 8.46 -25.39
CA ASP B 497 20.27 8.07 -25.27
C ASP B 497 20.65 7.75 -23.82
N GLN B 498 19.89 8.26 -22.85
CA GLN B 498 20.04 7.89 -21.44
C GLN B 498 19.29 6.60 -21.10
N GLY B 499 17.98 6.54 -21.41
CA GLY B 499 17.15 5.41 -21.02
C GLY B 499 17.54 4.10 -21.70
N ARG B 500 18.22 4.17 -22.84
CA ARG B 500 18.63 2.94 -23.51
C ARG B 500 19.72 2.18 -22.75
N GLN B 501 20.29 2.76 -21.70
CA GLN B 501 21.33 2.07 -20.94
C GLN B 501 20.77 1.20 -19.82
N PHE B 502 19.45 1.23 -19.60
CA PHE B 502 18.84 0.51 -18.48
C PHE B 502 17.72 -0.38 -19.00
N ASP B 503 17.65 -1.60 -18.45
CA ASP B 503 16.51 -2.48 -18.70
C ASP B 503 15.34 -2.05 -17.82
N LYS B 504 14.21 -2.76 -17.94
CA LYS B 504 13.02 -2.37 -17.19
C LYS B 504 13.15 -2.59 -15.69
N ASP B 505 14.18 -3.32 -15.25
CA ASP B 505 14.40 -3.51 -13.82
C ASP B 505 15.39 -2.52 -13.24
N GLY B 506 15.89 -1.59 -14.06
CA GLY B 506 16.78 -0.53 -13.61
C GLY B 506 18.25 -0.89 -13.52
N ASN B 507 18.66 -2.05 -14.02
CA ASN B 507 20.07 -2.42 -14.05
C ASN B 507 20.69 -2.07 -15.41
N LEU B 508 21.98 -1.76 -15.38
CA LEU B 508 22.68 -1.25 -16.57
C LEU B 508 22.82 -2.30 -17.67
N LYS B 509 22.21 -2.02 -18.83
CA LYS B 509 22.31 -2.84 -20.04
C LYS B 509 21.88 -2.00 -21.22
N ASP B 510 22.72 -1.96 -22.26
CA ASP B 510 22.45 -1.23 -23.50
C ASP B 510 21.60 -2.12 -24.41
N TRP B 511 20.34 -1.75 -24.61
CA TRP B 511 19.43 -2.56 -25.41
C TRP B 511 19.17 -1.99 -26.80
N TRP B 512 19.88 -0.92 -27.20
CA TRP B 512 19.86 -0.47 -28.59
C TRP B 512 20.86 -1.26 -29.43
N THR B 513 20.50 -1.59 -30.67
CA THR B 513 21.47 -2.15 -31.59
C THR B 513 22.36 -1.04 -32.15
N ALA B 514 23.41 -1.44 -32.88
CA ALA B 514 24.26 -0.45 -33.52
C ALA B 514 23.47 0.36 -34.55
N SER B 515 22.57 -0.29 -35.28
CA SER B 515 21.68 0.42 -36.19
C SER B 515 20.79 1.41 -35.43
N ASP B 516 20.21 0.96 -34.32
CA ASP B 516 19.37 1.86 -33.53
C ASP B 516 20.12 3.13 -33.14
N ALA B 517 21.33 2.97 -32.58
CA ALA B 517 22.09 4.14 -32.12
C ALA B 517 22.44 5.06 -33.27
N GLU B 518 22.86 4.49 -34.41
CA GLU B 518 23.18 5.32 -35.58
C GLU B 518 21.99 6.12 -36.07
N LYS B 519 20.83 5.47 -36.24
CA LYS B 519 19.69 6.18 -36.80
C LYS B 519 19.10 7.19 -35.82
N PHE B 520 19.15 6.88 -34.53
CA PHE B 520 18.75 7.86 -33.53
C PHE B 520 19.60 9.12 -33.65
N GLN B 521 20.91 8.95 -33.76
CA GLN B 521 21.79 10.11 -33.82
C GLN B 521 21.54 10.90 -35.10
N GLU B 522 21.22 10.22 -36.21
CA GLU B 522 20.79 10.92 -37.42
C GLU B 522 19.57 11.80 -37.16
N ARG B 523 18.54 11.22 -36.53
CA ARG B 523 17.34 11.99 -36.23
C ARG B 523 17.65 13.14 -35.27
N ALA B 524 18.50 12.87 -34.28
CA ALA B 524 18.80 13.87 -33.26
C ALA B 524 19.57 15.05 -33.84
N LYS B 525 20.42 14.80 -34.84
CA LYS B 525 21.19 15.90 -35.42
C LYS B 525 20.29 16.94 -36.08
N VAL B 526 19.13 16.54 -36.59
CA VAL B 526 18.19 17.52 -37.12
C VAL B 526 17.83 18.55 -36.04
N MET B 527 17.61 18.08 -34.83
CA MET B 527 17.26 18.99 -33.74
C MET B 527 18.46 19.81 -33.27
N SER B 528 19.64 19.18 -33.13
CA SER B 528 20.78 19.95 -32.65
C SER B 528 21.23 20.99 -33.67
N ASP B 529 21.21 20.65 -34.98
CA ASP B 529 21.49 21.66 -36.00
C ASP B 529 20.50 22.81 -35.93
N PHE B 530 19.23 22.50 -35.74
CA PHE B 530 18.23 23.56 -35.67
C PHE B 530 18.54 24.51 -34.51
N PHE B 531 18.78 23.96 -33.32
CA PHE B 531 19.04 24.84 -32.18
C PHE B 531 20.38 25.55 -32.31
N ASP B 532 21.40 24.89 -32.90
CA ASP B 532 22.66 25.57 -33.18
C ASP B 532 22.47 26.85 -33.99
N ASN B 533 21.44 26.94 -34.82
CA ASN B 533 21.25 28.14 -35.64
C ASN B 533 20.43 29.21 -34.95
N ILE B 534 20.00 29.00 -33.72
CA ILE B 534 19.24 29.99 -32.96
C ILE B 534 20.17 30.90 -32.19
N GLU B 535 20.02 32.21 -32.40
CA GLU B 535 20.66 33.22 -31.55
C GLU B 535 19.74 33.53 -30.38
N VAL B 536 20.16 33.17 -29.17
CA VAL B 536 19.38 33.47 -27.96
C VAL B 536 19.61 34.89 -27.44
N ALA B 537 20.67 35.53 -27.92
CA ALA B 537 21.04 36.90 -27.59
C ALA B 537 21.94 37.39 -28.70
N PRO B 538 22.20 38.70 -28.80
CA PRO B 538 23.05 39.18 -29.89
C PRO B 538 24.40 38.50 -29.94
N GLY B 539 24.67 37.84 -31.06
CA GLY B 539 25.94 37.16 -31.27
C GLY B 539 26.16 35.91 -30.42
N VAL B 540 25.12 35.35 -29.83
CA VAL B 540 25.26 34.19 -28.94
C VAL B 540 24.26 33.12 -29.37
N HIS B 541 24.74 31.92 -29.69
CA HIS B 541 23.88 30.86 -30.17
C HIS B 541 23.52 29.86 -29.08
N ALA B 542 22.36 29.23 -29.22
CA ALA B 542 22.00 28.12 -28.33
C ALA B 542 23.00 26.98 -28.52
N ASN B 543 23.13 26.14 -27.51
CA ASN B 543 24.04 25.00 -27.53
C ASN B 543 23.18 23.81 -27.90
N GLY B 544 23.07 23.54 -29.20
CA GLY B 544 22.11 22.55 -29.68
C GLY B 544 22.45 21.12 -29.26
N LYS B 545 23.73 20.77 -29.21
CA LYS B 545 24.05 19.41 -28.77
C LYS B 545 23.93 19.26 -27.26
N PHE B 546 24.35 20.29 -26.51
CA PHE B 546 24.32 20.23 -25.06
C PHE B 546 22.89 20.12 -24.52
N THR B 547 21.92 20.78 -25.17
CA THR B 547 20.54 20.76 -24.73
C THR B 547 19.72 19.67 -25.41
N LEU B 548 20.37 18.78 -26.15
CA LEU B 548 19.65 17.82 -26.99
C LEU B 548 18.80 16.86 -26.16
N GLY B 549 19.32 16.37 -25.05
CA GLY B 549 18.50 15.47 -24.24
C GLY B 549 17.17 16.10 -23.89
N GLU B 550 17.16 17.41 -23.64
CA GLU B 550 15.92 18.06 -23.25
C GLU B 550 15.09 18.51 -24.43
N THR B 551 15.69 18.95 -25.54
CA THR B 551 14.89 19.38 -26.68
CA THR B 551 14.87 19.38 -26.67
C THR B 551 14.22 18.19 -27.37
N LEU B 552 14.90 17.04 -27.43
CA LEU B 552 14.27 15.85 -28.01
C LEU B 552 13.14 15.38 -27.12
N ALA B 553 13.30 15.51 -25.80
CA ALA B 553 12.26 15.07 -24.88
C ALA B 553 11.00 15.97 -24.96
N ASP B 554 11.18 17.29 -25.16
CA ASP B 554 10.02 18.16 -25.34
CA ASP B 554 10.00 18.13 -25.33
C ASP B 554 9.31 17.85 -26.65
N TYR B 555 10.09 17.55 -27.69
CA TYR B 555 9.48 17.14 -28.97
C TYR B 555 8.64 15.91 -28.73
N GLY B 556 9.19 14.95 -28.00
CA GLY B 556 8.46 13.72 -27.73
C GLY B 556 7.20 13.99 -26.94
N GLY B 557 7.33 14.80 -25.89
CA GLY B 557 6.16 15.10 -25.07
C GLY B 557 5.05 15.75 -25.89
N LEU B 558 5.40 16.68 -26.77
CA LEU B 558 4.42 17.31 -27.65
C LEU B 558 3.71 16.27 -28.51
N GLN B 559 4.47 15.39 -29.16
CA GLN B 559 3.83 14.42 -30.05
C GLN B 559 3.07 13.37 -29.27
N ILE B 560 3.61 12.90 -28.15
CA ILE B 560 2.92 11.86 -27.38
C ILE B 560 1.62 12.41 -26.82
N SER B 561 1.71 13.58 -26.18
CA SER B 561 0.52 14.11 -25.51
C SER B 561 -0.53 14.57 -26.52
N TYR B 562 -0.11 15.18 -27.64
CA TYR B 562 -1.08 15.58 -28.67
C TYR B 562 -1.85 14.38 -29.21
N GLN B 563 -1.14 13.28 -29.48
CA GLN B 563 -1.82 12.10 -29.97
C GLN B 563 -2.73 11.50 -28.91
N ALA B 564 -2.27 11.45 -27.66
CA ALA B 564 -3.13 10.98 -26.58
C ALA B 564 -4.37 11.85 -26.44
N PHE B 565 -4.21 13.16 -26.58
CA PHE B 565 -5.32 14.11 -26.49
C PHE B 565 -6.37 13.84 -27.57
N LYS B 566 -5.93 13.70 -28.81
CA LYS B 566 -6.86 13.46 -29.90
C LYS B 566 -7.58 12.13 -29.71
N ASN B 567 -6.89 11.10 -29.20
CA ASN B 567 -7.57 9.84 -28.85
C ASN B 567 -8.58 10.04 -27.73
N ALA B 568 -8.25 10.85 -26.73
CA ALA B 568 -9.15 11.01 -25.59
C ALA B 568 -10.42 11.77 -25.97
N ILE B 569 -10.35 12.70 -26.91
CA ILE B 569 -11.52 13.48 -27.29
C ILE B 569 -12.18 12.95 -28.56
N ALA B 570 -11.70 11.83 -29.09
CA ALA B 570 -12.29 11.25 -30.28
C ALA B 570 -13.79 11.02 -30.09
N GLY B 571 -14.58 11.48 -31.05
CA GLY B 571 -16.01 11.25 -30.99
C GLY B 571 -16.73 12.10 -29.96
N LYS B 572 -16.19 13.27 -29.64
CA LYS B 572 -16.87 14.24 -28.81
C LYS B 572 -17.01 15.52 -29.60
N THR B 573 -17.99 16.34 -29.21
CA THR B 573 -18.22 17.58 -29.93
C THR B 573 -17.10 18.57 -29.60
N LEU B 574 -16.45 19.09 -30.63
CA LEU B 574 -15.49 20.16 -30.42
C LEU B 574 -16.23 21.45 -30.10
N GLU B 575 -15.81 22.11 -29.03
CA GLU B 575 -16.37 23.39 -28.61
C GLU B 575 -15.26 24.42 -28.55
N ASN B 576 -15.46 25.55 -29.23
CA ASN B 576 -14.52 26.65 -29.09
C ASN B 576 -14.72 27.34 -27.75
N LYS B 577 -13.61 27.80 -27.17
CA LYS B 577 -13.64 28.56 -25.93
C LYS B 577 -12.66 29.72 -26.05
N LEU B 578 -13.08 30.90 -25.58
CA LEU B 578 -12.30 32.13 -25.76
C LEU B 578 -11.95 32.38 -27.22
N GLY B 579 -12.76 31.87 -28.14
CA GLY B 579 -12.43 32.00 -29.55
C GLY B 579 -11.35 31.08 -30.07
N PHE B 580 -10.91 30.10 -29.29
CA PHE B 580 -9.86 29.16 -29.66
C PHE B 580 -10.44 27.76 -29.82
N THR B 581 -9.99 27.05 -30.86
CA THR B 581 -10.32 25.65 -31.01
C THR B 581 -9.61 24.81 -29.95
N PRO B 582 -10.07 23.58 -29.70
CA PRO B 582 -9.36 22.75 -28.72
C PRO B 582 -7.89 22.58 -29.06
N ASP B 583 -7.55 22.37 -30.34
CA ASP B 583 -6.14 22.21 -30.73
C ASP B 583 -5.35 23.48 -30.44
N GLN B 584 -5.94 24.66 -30.68
CA GLN B 584 -5.23 25.89 -30.37
C GLN B 584 -4.98 26.01 -28.87
N ARG B 585 -5.98 25.68 -28.06
CA ARG B 585 -5.84 25.71 -26.60
C ARG B 585 -4.75 24.75 -26.12
N PHE B 586 -4.63 23.60 -26.78
CA PHE B 586 -3.56 22.65 -26.43
C PHE B 586 -2.19 23.34 -26.44
N PHE B 587 -1.87 24.03 -27.54
CA PHE B 587 -0.56 24.67 -27.67
C PHE B 587 -0.43 25.93 -26.82
N LEU B 588 -1.53 26.65 -26.57
CA LEU B 588 -1.45 27.78 -25.64
C LEU B 588 -1.17 27.31 -24.23
N ALA B 589 -1.73 26.17 -23.84
CA ALA B 589 -1.47 25.63 -22.50
C ALA B 589 -0.04 25.13 -22.41
N TYR B 590 0.45 24.49 -23.46
CA TYR B 590 1.87 24.08 -23.53
C TYR B 590 2.78 25.28 -23.28
N ALA B 591 2.54 26.38 -23.98
CA ALA B 591 3.41 27.53 -23.83
C ALA B 591 3.34 28.11 -22.42
N GLY B 592 2.15 28.08 -21.81
CA GLY B 592 1.99 28.66 -20.49
C GLY B 592 2.82 27.96 -19.42
N VAL B 593 3.16 26.70 -19.65
CA VAL B 593 4.01 25.96 -18.71
C VAL B 593 5.39 26.58 -18.62
N TRP B 594 5.87 27.21 -19.71
CA TRP B 594 7.20 27.80 -19.78
C TRP B 594 7.20 29.33 -19.71
N ALA B 595 6.09 29.95 -19.33
CA ALA B 595 6.08 31.39 -19.14
C ALA B 595 7.14 31.78 -18.12
N GLY B 596 7.84 32.89 -18.38
CA GLY B 596 8.89 33.31 -17.48
C GLY B 596 9.55 34.61 -17.90
N ASN B 597 10.17 35.26 -16.91
CA ASN B 597 11.02 36.42 -17.11
C ASN B 597 12.44 36.02 -16.71
N ILE B 598 13.43 36.46 -17.48
CA ILE B 598 14.82 36.08 -17.29
C ILE B 598 15.71 37.30 -17.52
N ARG B 599 16.68 37.50 -16.63
CA ARG B 599 17.62 38.60 -16.79
C ARG B 599 18.59 38.30 -17.92
N ASP B 600 19.21 39.38 -18.44
CA ASP B 600 20.17 39.23 -19.52
C ASP B 600 21.36 38.38 -19.08
N GLU B 601 21.94 38.71 -17.93
CA GLU B 601 23.04 37.88 -17.45
C GLU B 601 22.58 36.46 -17.18
N GLU B 602 21.30 36.26 -16.82
CA GLU B 602 20.84 34.90 -16.58
C GLU B 602 20.70 34.12 -17.87
N ILE B 603 20.40 34.80 -18.99
CA ILE B 603 20.33 34.12 -20.29
C ILE B 603 21.70 33.56 -20.66
N LEU B 604 22.75 34.37 -20.49
CA LEU B 604 24.09 33.90 -20.83
C LEU B 604 24.50 32.74 -19.94
N ARG B 605 24.27 32.87 -18.63
CA ARG B 605 24.74 31.85 -17.70
C ARG B 605 24.04 30.52 -17.94
N ARG B 606 22.71 30.54 -18.11
CA ARG B 606 21.98 29.29 -18.34
C ARG B 606 22.32 28.68 -19.69
N THR B 607 22.62 29.51 -20.70
CA THR B 607 23.08 28.96 -21.98
C THR B 607 24.38 28.18 -21.81
N LYS B 608 25.26 28.65 -20.91
CA LYS B 608 26.51 27.92 -20.64
C LYS B 608 26.28 26.62 -19.88
N THR B 609 25.46 26.65 -18.84
CA THR B 609 25.48 25.60 -17.81
C THR B 609 24.22 24.74 -17.77
N ASP B 610 23.10 25.24 -18.31
CA ASP B 610 21.80 24.59 -18.15
C ASP B 610 21.55 23.62 -19.30
N PRO B 611 21.37 22.31 -19.03
CA PRO B 611 21.02 21.37 -20.11
C PRO B 611 19.59 21.53 -20.64
N HIS B 612 18.75 22.36 -20.03
CA HIS B 612 17.42 22.63 -20.57
C HIS B 612 17.48 23.88 -21.44
N ALA B 613 16.76 23.84 -22.56
CA ALA B 613 16.67 25.07 -23.32
C ALA B 613 15.91 26.12 -22.51
N LEU B 614 16.17 27.38 -22.85
CA LEU B 614 15.46 28.52 -22.28
C LEU B 614 13.94 28.42 -22.54
N GLY B 615 13.14 28.86 -21.56
CA GLY B 615 11.69 28.90 -21.70
C GLY B 615 11.16 29.34 -23.06
N LYS B 616 11.68 30.44 -23.64
CA LYS B 616 11.18 30.94 -24.93
C LYS B 616 11.48 29.97 -26.07
N TRP B 617 12.72 29.48 -26.17
CA TRP B 617 13.06 28.56 -27.24
C TRP B 617 12.61 27.14 -26.94
N ARG B 618 12.27 26.81 -25.68
CA ARG B 618 11.52 25.57 -25.46
C ARG B 618 10.17 25.59 -26.16
N VAL B 619 9.67 26.77 -26.48
CA VAL B 619 8.43 26.88 -27.21
C VAL B 619 8.73 27.20 -28.67
N ASP B 620 9.41 28.30 -28.93
CA ASP B 620 9.56 28.75 -30.30
C ASP B 620 10.49 27.84 -31.10
N GLY B 621 11.35 27.09 -30.42
CA GLY B 621 12.19 26.17 -31.15
C GLY B 621 11.59 24.78 -31.31
N GLU B 622 10.52 24.47 -30.59
CA GLU B 622 9.89 23.17 -30.67
C GLU B 622 8.72 23.14 -31.64
N LEU B 623 7.82 24.12 -31.53
CA LEU B 623 6.59 24.05 -32.31
C LEU B 623 6.80 24.00 -33.83
N PRO B 624 7.82 24.64 -34.44
CA PRO B 624 8.01 24.48 -35.89
C PRO B 624 8.29 23.05 -36.31
N HIS B 625 8.51 22.12 -35.38
CA HIS B 625 8.72 20.72 -35.75
C HIS B 625 7.46 19.89 -35.59
N ILE B 626 6.37 20.50 -35.14
CA ILE B 626 5.14 19.78 -34.79
C ILE B 626 4.10 20.06 -35.88
N ASP B 627 3.84 19.07 -36.74
CA ASP B 627 2.84 19.25 -37.79
C ASP B 627 1.50 19.77 -37.23
N ALA B 628 1.04 19.24 -36.08
CA ALA B 628 -0.26 19.63 -35.56
C ALA B 628 -0.33 21.11 -35.22
N TRP B 629 0.79 21.73 -34.87
CA TRP B 629 0.79 23.16 -34.55
C TRP B 629 0.54 23.99 -35.79
N TYR B 630 1.16 23.63 -36.92
CA TYR B 630 0.91 24.32 -38.18
C TYR B 630 -0.57 24.32 -38.50
N GLN B 631 -1.21 23.15 -38.35
CA GLN B 631 -2.62 23.03 -38.68
C GLN B 631 -3.49 23.79 -37.69
N ALA B 632 -3.13 23.77 -36.39
CA ALA B 632 -3.96 24.43 -35.39
C ALA B 632 -4.02 25.94 -35.60
N PHE B 633 -2.90 26.56 -35.98
CA PHE B 633 -2.85 28.01 -36.10
C PHE B 633 -2.74 28.50 -37.55
N GLY B 634 -2.92 27.61 -38.52
CA GLY B 634 -2.93 28.01 -39.92
C GLY B 634 -1.60 28.58 -40.38
N ILE B 635 -0.50 27.97 -39.94
CA ILE B 635 0.83 28.45 -40.26
C ILE B 635 1.18 27.99 -41.67
N THR B 636 1.62 28.93 -42.51
CA THR B 636 1.97 28.66 -43.91
C THR B 636 3.44 28.94 -44.15
N GLU B 637 3.89 28.64 -45.37
CA GLU B 637 5.28 28.90 -45.73
C GLU B 637 5.66 30.38 -45.58
N ASN B 638 4.68 31.29 -45.55
CA ASN B 638 5.01 32.70 -45.35
C ASN B 638 5.19 33.07 -43.89
N SER B 639 4.94 32.17 -42.97
CA SER B 639 5.16 32.54 -41.58
C SER B 639 6.65 32.45 -41.26
N PRO B 640 7.20 33.42 -40.54
CA PRO B 640 8.65 33.36 -40.23
C PRO B 640 9.09 32.10 -39.48
N MET B 641 8.23 31.50 -38.65
CA MET B 641 8.59 30.29 -37.92
C MET B 641 8.51 29.03 -38.77
N TYR B 642 7.93 29.09 -39.97
CA TYR B 642 7.73 27.89 -40.76
C TYR B 642 9.06 27.26 -41.14
N ILE B 643 9.14 25.93 -41.05
CA ILE B 643 10.20 25.21 -41.73
C ILE B 643 9.53 24.10 -42.55
N ALA B 644 10.16 23.77 -43.67
CA ALA B 644 9.56 22.81 -44.58
C ALA B 644 9.43 21.44 -43.92
N LYS B 645 8.36 20.73 -44.29
CA LYS B 645 8.02 19.44 -43.68
C LYS B 645 9.24 18.51 -43.62
N GLU B 646 9.96 18.38 -44.74
CA GLU B 646 11.09 17.47 -44.78
C GLU B 646 12.25 17.90 -43.87
N LYS B 647 12.22 19.12 -43.34
CA LYS B 647 13.25 19.59 -42.42
C LYS B 647 12.86 19.45 -40.95
N ARG B 648 11.66 18.97 -40.65
CA ARG B 648 11.22 18.87 -39.27
C ARG B 648 11.73 17.60 -38.62
N VAL B 649 11.92 17.68 -37.30
CA VAL B 649 12.36 16.53 -36.52
C VAL B 649 11.32 15.42 -36.57
N THR B 650 11.78 14.17 -36.60
CA THR B 650 10.89 13.01 -36.67
C THR B 650 11.24 11.93 -35.65
N ILE B 651 11.94 12.28 -34.58
CA ILE B 651 12.54 11.26 -33.73
C ILE B 651 11.54 10.49 -32.85
N TRP B 652 10.37 11.07 -32.56
N TRP B 652 10.36 11.05 -32.57
CA TRP B 652 9.31 10.39 -31.79
CA TRP B 652 9.34 10.35 -31.78
C TRP B 652 7.98 10.52 -32.52
C TRP B 652 7.97 10.37 -32.47
C1 EDO C . -42.60 0.88 -21.97
O1 EDO C . -41.92 2.11 -21.97
C2 EDO C . -42.04 -0.04 -23.03
O2 EDO C . -41.30 -1.10 -22.46
C1 PEG D . 15.62 -33.89 -0.88
O1 PEG D . 16.87 -34.54 -0.98
C2 PEG D . 15.35 -33.54 0.56
O2 PEG D . 14.09 -34.04 0.95
C3 PEG D . 13.77 -33.85 2.31
C4 PEG D . 14.95 -34.05 3.23
O4 PEG D . 14.58 -33.79 4.57
C1 EDO E . -7.13 -39.09 10.97
O1 EDO E . -6.18 -38.07 10.89
C2 EDO E . -8.41 -38.66 10.32
O2 EDO E . -9.56 -39.07 11.03
C1 PEG F . -23.97 -7.82 27.05
O1 PEG F . -23.24 -8.75 27.84
C2 PEG F . -23.43 -6.43 27.25
O2 PEG F . -23.98 -5.54 26.31
C3 PEG F . -23.58 -4.21 26.58
C4 PEG F . -24.12 -3.71 27.89
O4 PEG F . -23.18 -2.89 28.57
C1 EDO G . -12.61 -46.25 7.56
O1 EDO G . -11.39 -45.86 8.14
C2 EDO G . -13.72 -45.47 8.18
O2 EDO G . -13.59 -44.15 7.75
C1 EDO H . -9.31 -1.48 -8.57
O1 EDO H . -9.04 -0.93 -7.31
C2 EDO H . -9.50 -2.96 -8.42
O2 EDO H . -9.40 -3.64 -9.65
C1 EDO I . 9.75 -30.59 31.36
O1 EDO I . 11.16 -30.49 31.24
C2 EDO I . 9.34 -30.66 32.82
O2 EDO I . 7.94 -30.89 32.93
C1 EDO J . -34.57 8.43 -2.40
O1 EDO J . -34.43 7.13 -1.84
C2 EDO J . -34.09 8.35 -3.81
O2 EDO J . -34.25 7.01 -4.23
C1 EDO K . -8.92 -38.41 19.86
O1 EDO K . -7.90 -38.35 20.82
C2 EDO K . -8.45 -37.80 18.56
O2 EDO K . -7.88 -38.78 17.72
C1 EDO L . -20.60 -14.04 -7.06
O1 EDO L . -20.75 -13.11 -6.00
C2 EDO L . -21.35 -15.31 -6.76
O2 EDO L . -22.71 -15.00 -6.59
C1 EDO M . -35.30 -25.98 10.20
O1 EDO M . -34.37 -25.48 9.28
C2 EDO M . -36.65 -25.35 9.95
O2 EDO M . -37.53 -25.71 11.01
C1 EDO N . -8.05 -11.58 1.31
O1 EDO N . -7.56 -11.03 2.51
C2 EDO N . -7.22 -11.03 0.17
O2 EDO N . -6.20 -11.96 -0.16
N1 IMD O . -0.14 -35.52 -9.59
C2 IMD O . 1.12 -35.91 -9.79
N3 IMD O . 1.10 -36.71 -10.85
C4 IMD O . -0.17 -36.84 -11.34
C5 IMD O . -0.96 -36.09 -10.52
N1 IMD P . 9.47 -38.85 -17.27
C2 IMD P . 8.64 -37.98 -17.86
N3 IMD P . 7.41 -38.43 -17.80
C4 IMD P . 7.45 -39.64 -17.17
C5 IMD P . 8.74 -39.91 -16.83
N1 IMD Q . -30.30 -15.71 -4.01
C2 IMD Q . -31.15 -14.73 -4.19
N3 IMD Q . -32.05 -15.15 -5.05
C4 IMD Q . -31.81 -16.40 -5.43
C5 IMD Q . -30.67 -16.78 -4.78
N1 IMD R . -36.00 -18.84 -22.32
C2 IMD R . -36.95 -19.01 -21.43
N3 IMD R . -38.10 -18.67 -21.99
C4 IMD R . -37.86 -18.29 -23.30
C5 IMD R . -36.53 -18.42 -23.51
O1 MES S . -24.08 -24.23 -15.45
C2 MES S . -25.32 -24.16 -14.78
C3 MES S . -26.41 -23.40 -15.50
N4 MES S . -25.87 -22.61 -16.66
C5 MES S . -25.12 -23.51 -17.59
C6 MES S . -24.17 -24.45 -16.85
C7 MES S . -26.93 -21.76 -17.29
C8 MES S . -27.33 -22.20 -18.68
S MES S . -28.11 -20.79 -19.52
O1S MES S . -27.03 -19.79 -19.64
O2S MES S . -29.22 -20.44 -18.60
O3S MES S . -28.58 -21.30 -20.84
O1 MES T . 5.31 -16.73 32.87
C2 MES T . 5.76 -16.97 34.19
C3 MES T . 7.28 -17.04 34.26
N4 MES T . 7.75 -18.13 33.34
C5 MES T . 7.18 -17.96 31.96
C6 MES T . 5.67 -17.77 32.00
C7 MES T . 9.24 -18.25 33.32
C8 MES T . 9.62 -19.44 32.48
S MES T . 11.33 -19.32 31.91
O1S MES T . 11.19 -18.79 30.53
O2S MES T . 11.82 -20.72 31.99
O3S MES T . 11.96 -18.39 32.85
ZN ZN U . -3.78 -27.10 3.40
ZN ZN V . 14.58 -18.94 20.31
C1 EDO W . -6.92 8.30 4.20
O1 EDO W . -5.75 9.06 4.08
C2 EDO W . -8.16 9.19 4.18
O2 EDO W . -8.96 8.97 5.33
C1 PEG X . -7.94 32.99 -32.41
O1 PEG X . -8.42 34.32 -32.44
C2 PEG X . -6.60 32.84 -33.12
O2 PEG X . -6.76 32.13 -34.32
C3 PEG X . -5.54 31.91 -34.99
C4 PEG X . -5.72 31.90 -36.50
O4 PEG X . -5.97 30.60 -37.01
C1 PEG Y . 7.51 9.09 -38.17
O1 PEG Y . 8.20 7.89 -38.42
C2 PEG Y . 7.80 9.62 -36.80
O2 PEG Y . 7.71 11.03 -36.78
C3 PEG Y . 6.40 11.48 -36.86
C4 PEG Y . 6.27 12.93 -37.23
O4 PEG Y . 4.88 13.25 -37.27
C1 EDO Z . 13.34 32.16 -19.17
O1 EDO Z . 13.85 30.87 -19.04
C2 EDO Z . 11.90 32.15 -18.81
O2 EDO Z . 11.83 32.82 -17.57
C1 EDO AA . 30.12 15.70 9.06
O1 EDO AA . 28.99 15.79 9.90
C2 EDO AA . 29.80 15.77 7.64
O2 EDO AA . 30.99 15.91 6.91
C1 EDO BA . 20.36 28.56 12.08
O1 EDO BA . 19.76 28.72 13.35
C2 EDO BA . 19.81 29.56 11.08
O2 EDO BA . 20.38 29.31 9.82
C1 EDO CA . 37.09 27.29 3.21
O1 EDO CA . 37.43 27.42 1.84
C2 EDO CA . 35.60 27.46 3.43
O2 EDO CA . 34.88 26.36 2.94
C1 EDO DA . 4.83 -3.13 -13.90
O1 EDO DA . 5.92 -3.76 -13.26
C2 EDO DA . 4.06 -2.28 -12.92
O2 EDO DA . 2.89 -1.82 -13.56
C1 EDO EA . 29.01 33.92 4.77
O1 EDO EA . 28.84 34.93 5.75
C2 EDO EA . 27.85 33.96 3.81
O2 EDO EA . 28.20 33.32 2.60
C1 EDO FA . 6.98 8.25 27.51
O1 EDO FA . 6.59 9.52 27.98
C2 EDO FA . 6.97 8.21 26.00
O2 EDO FA . 5.71 7.84 25.48
N1 IMD GA . 25.40 10.79 1.90
C2 IMD GA . 25.27 11.13 3.17
N3 IMD GA . 24.26 10.43 3.67
C4 IMD GA . 23.72 9.63 2.69
C5 IMD GA . 24.45 9.85 1.56
ZN ZN HA . 14.01 15.92 -19.43
ZN ZN IA . -11.37 19.45 -24.99
#